data_8C26
# 
_entry.id   8C26 
# 
_audit_conform.dict_name       mmcif_pdbx.dic 
_audit_conform.dict_version    5.388 
_audit_conform.dict_location   http://mmcif.pdb.org/dictionaries/ascii/mmcif_pdbx.dic 
# 
loop_
_database_2.database_id 
_database_2.database_code 
_database_2.pdbx_database_accession 
_database_2.pdbx_DOI 
PDB   8C26         pdb_00008c26 10.2210/pdb8c26/pdb 
WWPDB D_1292127650 ?            ?                   
# 
loop_
_pdbx_audit_revision_history.ordinal 
_pdbx_audit_revision_history.data_content_type 
_pdbx_audit_revision_history.major_revision 
_pdbx_audit_revision_history.minor_revision 
_pdbx_audit_revision_history.revision_date 
1 'Structure model' 1 0 2023-12-20 
2 'Structure model' 1 1 2024-03-20 
3 'Structure model' 1 2 2024-03-27 
# 
_pdbx_audit_revision_details.ordinal             1 
_pdbx_audit_revision_details.revision_ordinal    1 
_pdbx_audit_revision_details.data_content_type   'Structure model' 
_pdbx_audit_revision_details.provider            repository 
_pdbx_audit_revision_details.type                'Initial release' 
_pdbx_audit_revision_details.description         ? 
_pdbx_audit_revision_details.details             ? 
# 
loop_
_pdbx_audit_revision_group.ordinal 
_pdbx_audit_revision_group.revision_ordinal 
_pdbx_audit_revision_group.data_content_type 
_pdbx_audit_revision_group.group 
1 2 'Structure model' 'Database references' 
2 3 'Structure model' 'Database references' 
# 
loop_
_pdbx_audit_revision_category.ordinal 
_pdbx_audit_revision_category.revision_ordinal 
_pdbx_audit_revision_category.data_content_type 
_pdbx_audit_revision_category.category 
1 2 'Structure model' citation        
2 2 'Structure model' citation_author 
3 3 'Structure model' citation        
# 
loop_
_pdbx_audit_revision_item.ordinal 
_pdbx_audit_revision_item.revision_ordinal 
_pdbx_audit_revision_item.data_content_type 
_pdbx_audit_revision_item.item 
1 2 'Structure model' '_citation.pdbx_database_id_DOI'    
2 2 'Structure model' '_citation.title'                   
3 2 'Structure model' '_citation.year'                    
4 3 'Structure model' '_citation.journal_volume'          
5 3 'Structure model' '_citation.page_first'              
6 3 'Structure model' '_citation.page_last'               
7 3 'Structure model' '_citation.pdbx_database_id_PubMed' 
8 3 'Structure model' '_citation.title'                   
# 
_pdbx_database_status.status_code                     REL 
_pdbx_database_status.status_code_sf                  REL 
_pdbx_database_status.status_code_mr                  ? 
_pdbx_database_status.entry_id                        8C26 
_pdbx_database_status.recvd_initial_deposition_date   2022-12-21 
_pdbx_database_status.SG_entry                        N 
_pdbx_database_status.deposit_site                    PDBE 
_pdbx_database_status.process_site                    PDBE 
_pdbx_database_status.status_code_cs                  ? 
_pdbx_database_status.status_code_nmr_data            ? 
_pdbx_database_status.methods_development_category    ? 
_pdbx_database_status.pdb_format_compatible           Y 
# 
_pdbx_contact_author.id                 2 
_pdbx_contact_author.email              timothy.blower@durham.ac.uk 
_pdbx_contact_author.name_first         Tim 
_pdbx_contact_author.name_last          Blower 
_pdbx_contact_author.name_mi            R. 
_pdbx_contact_author.role               'principal investigator/group leader' 
_pdbx_contact_author.identifier_ORCID   0000-0002-7390-6458 
# 
loop_
_audit_author.name 
_audit_author.pdbx_ordinal 
_audit_author.identifier_ORCID 
'Beck, I.N.'   1 0000-0002-9230-8496 
'Blower, T.R.' 2 0000-0002-7390-6458 
# 
_citation.abstract                  ? 
_citation.abstract_id_CAS           ? 
_citation.book_id_ISBN              ? 
_citation.book_publisher            ? 
_citation.book_publisher_city       ? 
_citation.book_title                ? 
_citation.coordinate_linkage        ? 
_citation.country                   UK 
_citation.database_id_Medline       ? 
_citation.details                   ? 
_citation.id                        primary 
_citation.journal_abbrev            'Nucleic Acids Res.' 
_citation.journal_id_ASTM           NARHAD 
_citation.journal_id_CSD            0389 
_citation.journal_id_ISSN           1362-4962 
_citation.journal_full              ? 
_citation.journal_issue             ? 
_citation.journal_volume            52 
_citation.language                  ? 
_citation.page_first                1909 
_citation.page_last                 1929 
_citation.title                     
'Toxin release by conditional remodelling of ParDE1 from Mycobacterium tuberculosis leads to gyrase inhibition.' 
_citation.year                      2024 
_citation.database_id_CSD           ? 
_citation.pdbx_database_id_DOI      10.1093/nar/gkad1220 
_citation.pdbx_database_id_PubMed   38113275 
_citation.pdbx_database_id_patent   ? 
_citation.unpublished_flag          ? 
# 
loop_
_citation_author.citation_id 
_citation_author.name 
_citation_author.ordinal 
_citation_author.identifier_ORCID 
primary 'Beck, I.N.'        1 ? 
primary 'Arrowsmith, T.J.'  2 ? 
primary 'Grobbelaar, M.J.'  3 ? 
primary 'Bromley, E.H.C.'   4 ? 
primary 'Marles-Wright, J.' 5 ? 
primary 'Blower, T.R.'      6 ? 
# 
loop_
_entity.id 
_entity.type 
_entity.src_method 
_entity.pdbx_description 
_entity.formula_weight 
_entity.pdbx_number_of_molecules 
_entity.pdbx_ec 
_entity.pdbx_mutation 
_entity.pdbx_fragment 
_entity.details 
1 polymer     man 'Toxin ParE2'     12329.859 1 ? ? ? ? 
2 polymer     man 'Antitoxin ParD2' 7922.755  1 ? ? ? ? 
3 non-polymer syn 'CHLORIDE ION'    35.453    2 ? ? ? ? 
# 
loop_
_entity_poly.entity_id 
_entity_poly.type 
_entity_poly.nstd_linkage 
_entity_poly.nstd_monomer 
_entity_poly.pdbx_seq_one_letter_code 
_entity_poly.pdbx_seq_one_letter_code_can 
_entity_poly.pdbx_strand_id 
_entity_poly.pdbx_target_identifier 
1 'polypeptide(L)' no no 
;MTRRLRVHNGVEDDLFEAFSYYADAAPDQIDRLYNLFVDAVTKRIPQAPNAFAPLFKHYRHIYLRPFRYYVAYRTTDEAI
DILAVRHGMENPNAVEAEISGRTFE
;
;MTRRLRVHNGVEDDLFEAFSYYADAAPDQIDRLYNLFVDAVTKRIPQAPNAFAPLFKHYRHIYLRPFRYYVAYRTTDEAI
DILAVRHGMENPNAVEAEISGRTFE
;
A ? 
2 'polypeptide(L)' no no MVVNRALLASVDALSRDEQIELVEHINGNLAEGMHISEANQALIEARANDTDDAHWSTIDDFDKRIRARLG 
MVVNRALLASVDALSRDEQIELVEHINGNLAEGMHISEANQALIEARANDTDDAHWSTIDDFDKRIRARLG                                      B ? 
# 
_pdbx_entity_nonpoly.entity_id   3 
_pdbx_entity_nonpoly.name        'CHLORIDE ION' 
_pdbx_entity_nonpoly.comp_id     CL 
# 
loop_
_entity_poly_seq.entity_id 
_entity_poly_seq.num 
_entity_poly_seq.mon_id 
_entity_poly_seq.hetero 
1 1   MET n 
1 2   THR n 
1 3   ARG n 
1 4   ARG n 
1 5   LEU n 
1 6   ARG n 
1 7   VAL n 
1 8   HIS n 
1 9   ASN n 
1 10  GLY n 
1 11  VAL n 
1 12  GLU n 
1 13  ASP n 
1 14  ASP n 
1 15  LEU n 
1 16  PHE n 
1 17  GLU n 
1 18  ALA n 
1 19  PHE n 
1 20  SER n 
1 21  TYR n 
1 22  TYR n 
1 23  ALA n 
1 24  ASP n 
1 25  ALA n 
1 26  ALA n 
1 27  PRO n 
1 28  ASP n 
1 29  GLN n 
1 30  ILE n 
1 31  ASP n 
1 32  ARG n 
1 33  LEU n 
1 34  TYR n 
1 35  ASN n 
1 36  LEU n 
1 37  PHE n 
1 38  VAL n 
1 39  ASP n 
1 40  ALA n 
1 41  VAL n 
1 42  THR n 
1 43  LYS n 
1 44  ARG n 
1 45  ILE n 
1 46  PRO n 
1 47  GLN n 
1 48  ALA n 
1 49  PRO n 
1 50  ASN n 
1 51  ALA n 
1 52  PHE n 
1 53  ALA n 
1 54  PRO n 
1 55  LEU n 
1 56  PHE n 
1 57  LYS n 
1 58  HIS n 
1 59  TYR n 
1 60  ARG n 
1 61  HIS n 
1 62  ILE n 
1 63  TYR n 
1 64  LEU n 
1 65  ARG n 
1 66  PRO n 
1 67  PHE n 
1 68  ARG n 
1 69  TYR n 
1 70  TYR n 
1 71  VAL n 
1 72  ALA n 
1 73  TYR n 
1 74  ARG n 
1 75  THR n 
1 76  THR n 
1 77  ASP n 
1 78  GLU n 
1 79  ALA n 
1 80  ILE n 
1 81  ASP n 
1 82  ILE n 
1 83  LEU n 
1 84  ALA n 
1 85  VAL n 
1 86  ARG n 
1 87  HIS n 
1 88  GLY n 
1 89  MET n 
1 90  GLU n 
1 91  ASN n 
1 92  PRO n 
1 93  ASN n 
1 94  ALA n 
1 95  VAL n 
1 96  GLU n 
1 97  ALA n 
1 98  GLU n 
1 99  ILE n 
1 100 SER n 
1 101 GLY n 
1 102 ARG n 
1 103 THR n 
1 104 PHE n 
1 105 GLU n 
2 1   MET n 
2 2   VAL n 
2 3   VAL n 
2 4   ASN n 
2 5   ARG n 
2 6   ALA n 
2 7   LEU n 
2 8   LEU n 
2 9   ALA n 
2 10  SER n 
2 11  VAL n 
2 12  ASP n 
2 13  ALA n 
2 14  LEU n 
2 15  SER n 
2 16  ARG n 
2 17  ASP n 
2 18  GLU n 
2 19  GLN n 
2 20  ILE n 
2 21  GLU n 
2 22  LEU n 
2 23  VAL n 
2 24  GLU n 
2 25  HIS n 
2 26  ILE n 
2 27  ASN n 
2 28  GLY n 
2 29  ASN n 
2 30  LEU n 
2 31  ALA n 
2 32  GLU n 
2 33  GLY n 
2 34  MET n 
2 35  HIS n 
2 36  ILE n 
2 37  SER n 
2 38  GLU n 
2 39  ALA n 
2 40  ASN n 
2 41  GLN n 
2 42  ALA n 
2 43  LEU n 
2 44  ILE n 
2 45  GLU n 
2 46  ALA n 
2 47  ARG n 
2 48  ALA n 
2 49  ASN n 
2 50  ASP n 
2 51  THR n 
2 52  ASP n 
2 53  ASP n 
2 54  ALA n 
2 55  HIS n 
2 56  TRP n 
2 57  SER n 
2 58  THR n 
2 59  ILE n 
2 60  ASP n 
2 61  ASP n 
2 62  PHE n 
2 63  ASP n 
2 64  LYS n 
2 65  ARG n 
2 66  ILE n 
2 67  ARG n 
2 68  ALA n 
2 69  ARG n 
2 70  LEU n 
2 71  GLY n 
# 
loop_
_entity_src_gen.entity_id 
_entity_src_gen.pdbx_src_id 
_entity_src_gen.pdbx_alt_source_flag 
_entity_src_gen.pdbx_seq_type 
_entity_src_gen.pdbx_beg_seq_num 
_entity_src_gen.pdbx_end_seq_num 
_entity_src_gen.gene_src_common_name 
_entity_src_gen.gene_src_genus 
_entity_src_gen.pdbx_gene_src_gene 
_entity_src_gen.gene_src_species 
_entity_src_gen.gene_src_strain 
_entity_src_gen.gene_src_tissue 
_entity_src_gen.gene_src_tissue_fraction 
_entity_src_gen.gene_src_details 
_entity_src_gen.pdbx_gene_src_fragment 
_entity_src_gen.pdbx_gene_src_scientific_name 
_entity_src_gen.pdbx_gene_src_ncbi_taxonomy_id 
_entity_src_gen.pdbx_gene_src_variant 
_entity_src_gen.pdbx_gene_src_cell_line 
_entity_src_gen.pdbx_gene_src_atcc 
_entity_src_gen.pdbx_gene_src_organ 
_entity_src_gen.pdbx_gene_src_organelle 
_entity_src_gen.pdbx_gene_src_cell 
_entity_src_gen.pdbx_gene_src_cellular_location 
_entity_src_gen.host_org_common_name 
_entity_src_gen.pdbx_host_org_scientific_name 
_entity_src_gen.pdbx_host_org_ncbi_taxonomy_id 
_entity_src_gen.host_org_genus 
_entity_src_gen.pdbx_host_org_gene 
_entity_src_gen.pdbx_host_org_organ 
_entity_src_gen.host_org_species 
_entity_src_gen.pdbx_host_org_tissue 
_entity_src_gen.pdbx_host_org_tissue_fraction 
_entity_src_gen.pdbx_host_org_strain 
_entity_src_gen.pdbx_host_org_variant 
_entity_src_gen.pdbx_host_org_cell_line 
_entity_src_gen.pdbx_host_org_atcc 
_entity_src_gen.pdbx_host_org_culture_collection 
_entity_src_gen.pdbx_host_org_cell 
_entity_src_gen.pdbx_host_org_organelle 
_entity_src_gen.pdbx_host_org_cellular_location 
_entity_src_gen.pdbx_host_org_vector_type 
_entity_src_gen.pdbx_host_org_vector 
_entity_src_gen.host_org_details 
_entity_src_gen.expression_system_id 
_entity_src_gen.plasmid_name 
_entity_src_gen.plasmid_details 
_entity_src_gen.pdbx_description 
1 1 sample 'Biological sequence' 1 105 ? ? 'parE2, Rv2142c' ? ? ? ? ? ? 'Mycobacterium tuberculosis H37Rv' 83332 ? ? ? ? ? ? ? ? 
'Escherichia coli BL21(DE3)' 469008 ? ? ? ? ? ? ? ? ? ? ? ? ? ? ? ? ? ? ? ? ? 
2 1 sample 'Biological sequence' 1 71  ? ? 'parD2, Rv2142A' ? ? ? ? ? ? 'Mycobacterium tuberculosis H37Rv' 83332 ? ? ? ? ? ? ? ? 
'Escherichia coli BL21(DE3)' 469008 ? ? ? ? ? ? ? ? ? ? ? ? ? ? ? ? ? ? ? ? ? 
# 
loop_
_chem_comp.id 
_chem_comp.type 
_chem_comp.mon_nstd_flag 
_chem_comp.name 
_chem_comp.pdbx_synonyms 
_chem_comp.formula 
_chem_comp.formula_weight 
ALA 'L-peptide linking' y ALANINE         ? 'C3 H7 N O2'     89.093  
ARG 'L-peptide linking' y ARGININE        ? 'C6 H15 N4 O2 1' 175.209 
ASN 'L-peptide linking' y ASPARAGINE      ? 'C4 H8 N2 O3'    132.118 
ASP 'L-peptide linking' y 'ASPARTIC ACID' ? 'C4 H7 N O4'     133.103 
CL  non-polymer         . 'CHLORIDE ION'  ? 'Cl -1'          35.453  
GLN 'L-peptide linking' y GLUTAMINE       ? 'C5 H10 N2 O3'   146.144 
GLU 'L-peptide linking' y 'GLUTAMIC ACID' ? 'C5 H9 N O4'     147.129 
GLY 'peptide linking'   y GLYCINE         ? 'C2 H5 N O2'     75.067  
HIS 'L-peptide linking' y HISTIDINE       ? 'C6 H10 N3 O2 1' 156.162 
ILE 'L-peptide linking' y ISOLEUCINE      ? 'C6 H13 N O2'    131.173 
LEU 'L-peptide linking' y LEUCINE         ? 'C6 H13 N O2'    131.173 
LYS 'L-peptide linking' y LYSINE          ? 'C6 H15 N2 O2 1' 147.195 
MET 'L-peptide linking' y METHIONINE      ? 'C5 H11 N O2 S'  149.211 
PHE 'L-peptide linking' y PHENYLALANINE   ? 'C9 H11 N O2'    165.189 
PRO 'L-peptide linking' y PROLINE         ? 'C5 H9 N O2'     115.130 
SER 'L-peptide linking' y SERINE          ? 'C3 H7 N O3'     105.093 
THR 'L-peptide linking' y THREONINE       ? 'C4 H9 N O3'     119.119 
TRP 'L-peptide linking' y TRYPTOPHAN      ? 'C11 H12 N2 O2'  204.225 
TYR 'L-peptide linking' y TYROSINE        ? 'C9 H11 N O3'    181.189 
VAL 'L-peptide linking' y VALINE          ? 'C5 H11 N O2'    117.146 
# 
loop_
_pdbx_poly_seq_scheme.asym_id 
_pdbx_poly_seq_scheme.entity_id 
_pdbx_poly_seq_scheme.seq_id 
_pdbx_poly_seq_scheme.mon_id 
_pdbx_poly_seq_scheme.ndb_seq_num 
_pdbx_poly_seq_scheme.pdb_seq_num 
_pdbx_poly_seq_scheme.auth_seq_num 
_pdbx_poly_seq_scheme.pdb_mon_id 
_pdbx_poly_seq_scheme.auth_mon_id 
_pdbx_poly_seq_scheme.pdb_strand_id 
_pdbx_poly_seq_scheme.pdb_ins_code 
_pdbx_poly_seq_scheme.hetero 
A 1 1   MET 1   1   ?  ?   ?   A . n 
A 1 2   THR 2   2   2  THR THR A . n 
A 1 3   ARG 3   3   3  ARG ARG A . n 
A 1 4   ARG 4   4   4  ARG ARG A . n 
A 1 5   LEU 5   5   5  LEU LEU A . n 
A 1 6   ARG 6   6   6  ARG ARG A . n 
A 1 7   VAL 7   7   7  VAL VAL A . n 
A 1 8   HIS 8   8   8  HIS HIS A . n 
A 1 9   ASN 9   9   9  ASN ASN A . n 
A 1 10  GLY 10  10  10 GLY GLY A . n 
A 1 11  VAL 11  11  11 VAL VAL A . n 
A 1 12  GLU 12  12  12 GLU GLU A . n 
A 1 13  ASP 13  13  13 ASP ASP A . n 
A 1 14  ASP 14  14  14 ASP ASP A . n 
A 1 15  LEU 15  15  15 LEU LEU A . n 
A 1 16  PHE 16  16  16 PHE PHE A . n 
A 1 17  GLU 17  17  17 GLU GLU A . n 
A 1 18  ALA 18  18  18 ALA ALA A . n 
A 1 19  PHE 19  19  19 PHE PHE A . n 
A 1 20  SER 20  20  20 SER SER A . n 
A 1 21  TYR 21  21  21 TYR TYR A . n 
A 1 22  TYR 22  22  22 TYR TYR A . n 
A 1 23  ALA 23  23  23 ALA ALA A . n 
A 1 24  ASP 24  24  24 ASP ASP A . n 
A 1 25  ALA 25  25  25 ALA ALA A . n 
A 1 26  ALA 26  26  26 ALA ALA A . n 
A 1 27  PRO 27  27  27 PRO PRO A . n 
A 1 28  ASP 28  28  28 ASP ASP A . n 
A 1 29  GLN 29  29  29 GLN GLN A . n 
A 1 30  ILE 30  30  30 ILE ILE A . n 
A 1 31  ASP 31  31  31 ASP ASP A . n 
A 1 32  ARG 32  32  32 ARG ARG A . n 
A 1 33  LEU 33  33  33 LEU LEU A . n 
A 1 34  TYR 34  34  34 TYR TYR A . n 
A 1 35  ASN 35  35  35 ASN ASN A . n 
A 1 36  LEU 36  36  36 LEU LEU A . n 
A 1 37  PHE 37  37  37 PHE PHE A . n 
A 1 38  VAL 38  38  38 VAL VAL A . n 
A 1 39  ASP 39  39  39 ASP ASP A . n 
A 1 40  ALA 40  40  40 ALA ALA A . n 
A 1 41  VAL 41  41  41 VAL VAL A . n 
A 1 42  THR 42  42  42 THR THR A . n 
A 1 43  LYS 43  43  43 LYS LYS A . n 
A 1 44  ARG 44  44  44 ARG ARG A . n 
A 1 45  ILE 45  45  45 ILE ILE A . n 
A 1 46  PRO 46  46  46 PRO PRO A . n 
A 1 47  GLN 47  47  47 GLN GLN A . n 
A 1 48  ALA 48  48  48 ALA ALA A . n 
A 1 49  PRO 49  49  49 PRO PRO A . n 
A 1 50  ASN 50  50  50 ASN ASN A . n 
A 1 51  ALA 51  51  51 ALA ALA A . n 
A 1 52  PHE 52  52  52 PHE PHE A . n 
A 1 53  ALA 53  53  53 ALA ALA A . n 
A 1 54  PRO 54  54  54 PRO PRO A . n 
A 1 55  LEU 55  55  55 LEU LEU A . n 
A 1 56  PHE 56  56  56 PHE PHE A . n 
A 1 57  LYS 57  57  57 LYS LYS A . n 
A 1 58  HIS 58  58  58 HIS HIS A . n 
A 1 59  TYR 59  59  59 TYR TYR A . n 
A 1 60  ARG 60  60  60 ARG ARG A . n 
A 1 61  HIS 61  61  61 HIS HIS A . n 
A 1 62  ILE 62  62  62 ILE ILE A . n 
A 1 63  TYR 63  63  63 TYR TYR A . n 
A 1 64  LEU 64  64  64 LEU LEU A . n 
A 1 65  ARG 65  65  65 ARG ARG A . n 
A 1 66  PRO 66  66  66 PRO PRO A . n 
A 1 67  PHE 67  67  67 PHE PHE A . n 
A 1 68  ARG 68  68  68 ARG ARG A . n 
A 1 69  TYR 69  69  69 TYR TYR A . n 
A 1 70  TYR 70  70  70 TYR TYR A . n 
A 1 71  VAL 71  71  71 VAL VAL A . n 
A 1 72  ALA 72  72  72 ALA ALA A . n 
A 1 73  TYR 73  73  73 TYR TYR A . n 
A 1 74  ARG 74  74  74 ARG ARG A . n 
A 1 75  THR 75  75  75 THR THR A . n 
A 1 76  THR 76  76  76 THR THR A . n 
A 1 77  ASP 77  77  77 ASP ASP A . n 
A 1 78  GLU 78  78  78 GLU GLU A . n 
A 1 79  ALA 79  79  79 ALA ALA A . n 
A 1 80  ILE 80  80  80 ILE ILE A . n 
A 1 81  ASP 81  81  81 ASP ASP A . n 
A 1 82  ILE 82  82  82 ILE ILE A . n 
A 1 83  LEU 83  83  83 LEU LEU A . n 
A 1 84  ALA 84  84  84 ALA ALA A . n 
A 1 85  VAL 85  85  85 VAL VAL A . n 
A 1 86  ARG 86  86  86 ARG ARG A . n 
A 1 87  HIS 87  87  87 HIS HIS A . n 
A 1 88  GLY 88  88  88 GLY GLY A . n 
A 1 89  MET 89  89  ?  ?   ?   A . n 
A 1 90  GLU 90  90  ?  ?   ?   A . n 
A 1 91  ASN 91  91  ?  ?   ?   A . n 
A 1 92  PRO 92  92  ?  ?   ?   A . n 
A 1 93  ASN 93  93  ?  ?   ?   A . n 
A 1 94  ALA 94  94  ?  ?   ?   A . n 
A 1 95  VAL 95  95  ?  ?   ?   A . n 
A 1 96  GLU 96  96  ?  ?   ?   A . n 
A 1 97  ALA 97  97  ?  ?   ?   A . n 
A 1 98  GLU 98  98  ?  ?   ?   A . n 
A 1 99  ILE 99  99  ?  ?   ?   A . n 
A 1 100 SER 100 100 ?  ?   ?   A . n 
A 1 101 GLY 101 101 ?  ?   ?   A . n 
A 1 102 ARG 102 102 ?  ?   ?   A . n 
A 1 103 THR 103 103 ?  ?   ?   A . n 
A 1 104 PHE 104 104 ?  ?   ?   A . n 
A 1 105 GLU 105 105 ?  ?   ?   A . n 
B 2 1   MET 1   1   ?  ?   ?   B . n 
B 2 2   VAL 2   2   ?  ?   ?   B . n 
B 2 3   VAL 3   3   ?  ?   ?   B . n 
B 2 4   ASN 4   4   ?  ?   ?   B . n 
B 2 5   ARG 5   5   ?  ?   ?   B . n 
B 2 6   ALA 6   6   ?  ?   ?   B . n 
B 2 7   LEU 7   7   ?  ?   ?   B . n 
B 2 8   LEU 8   8   ?  ?   ?   B . n 
B 2 9   ALA 9   9   ?  ?   ?   B . n 
B 2 10  SER 10  10  ?  ?   ?   B . n 
B 2 11  VAL 11  11  ?  ?   ?   B . n 
B 2 12  ASP 12  12  ?  ?   ?   B . n 
B 2 13  ALA 13  13  ?  ?   ?   B . n 
B 2 14  LEU 14  14  ?  ?   ?   B . n 
B 2 15  SER 15  15  ?  ?   ?   B . n 
B 2 16  ARG 16  16  ?  ?   ?   B . n 
B 2 17  ASP 17  17  ?  ?   ?   B . n 
B 2 18  GLU 18  18  ?  ?   ?   B . n 
B 2 19  GLN 19  19  ?  ?   ?   B . n 
B 2 20  ILE 20  20  ?  ?   ?   B . n 
B 2 21  GLU 21  21  ?  ?   ?   B . n 
B 2 22  LEU 22  22  ?  ?   ?   B . n 
B 2 23  VAL 23  23  ?  ?   ?   B . n 
B 2 24  GLU 24  24  ?  ?   ?   B . n 
B 2 25  HIS 25  25  ?  ?   ?   B . n 
B 2 26  ILE 26  26  ?  ?   ?   B . n 
B 2 27  ASN 27  27  ?  ?   ?   B . n 
B 2 28  GLY 28  28  ?  ?   ?   B . n 
B 2 29  ASN 29  29  ?  ?   ?   B . n 
B 2 30  LEU 30  30  ?  ?   ?   B . n 
B 2 31  ALA 31  31  ?  ?   ?   B . n 
B 2 32  GLU 32  32  ?  ?   ?   B . n 
B 2 33  GLY 33  33  ?  ?   ?   B . n 
B 2 34  MET 34  34  ?  ?   ?   B . n 
B 2 35  HIS 35  35  ?  ?   ?   B . n 
B 2 36  ILE 36  36  36 ILE ILE B . n 
B 2 37  SER 37  37  37 SER SER B . n 
B 2 38  GLU 38  38  38 GLU GLU B . n 
B 2 39  ALA 39  39  39 ALA ALA B . n 
B 2 40  ASN 40  40  40 ASN ASN B . n 
B 2 41  GLN 41  41  41 GLN GLN B . n 
B 2 42  ALA 42  42  42 ALA ALA B . n 
B 2 43  LEU 43  43  43 LEU LEU B . n 
B 2 44  ILE 44  44  44 ILE ILE B . n 
B 2 45  GLU 45  45  45 GLU GLU B . n 
B 2 46  ALA 46  46  46 ALA ALA B . n 
B 2 47  ARG 47  47  47 ARG ARG B . n 
B 2 48  ALA 48  48  48 ALA ALA B . n 
B 2 49  ASN 49  49  49 ASN ASN B . n 
B 2 50  ASP 50  50  50 ASP ASP B . n 
B 2 51  THR 51  51  51 THR THR B . n 
B 2 52  ASP 52  52  52 ASP ASP B . n 
B 2 53  ASP 53  53  53 ASP ASP B . n 
B 2 54  ALA 54  54  54 ALA ALA B . n 
B 2 55  HIS 55  55  55 HIS HIS B . n 
B 2 56  TRP 56  56  56 TRP TRP B . n 
B 2 57  SER 57  57  57 SER SER B . n 
B 2 58  THR 58  58  58 THR THR B . n 
B 2 59  ILE 59  59  59 ILE ILE B . n 
B 2 60  ASP 60  60  60 ASP ASP B . n 
B 2 61  ASP 61  61  61 ASP ASP B . n 
B 2 62  PHE 62  62  62 PHE PHE B . n 
B 2 63  ASP 63  63  63 ASP ASP B . n 
B 2 64  LYS 64  64  64 LYS LYS B . n 
B 2 65  ARG 65  65  65 ARG ARG B . n 
B 2 66  ILE 66  66  66 ILE ILE B . n 
B 2 67  ARG 67  67  67 ARG ARG B . n 
B 2 68  ALA 68  68  68 ALA ALA B . n 
B 2 69  ARG 69  69  69 ARG ARG B . n 
B 2 70  LEU 70  70  70 LEU LEU B . n 
B 2 71  GLY 71  71  71 GLY GLY B . n 
# 
loop_
_pdbx_nonpoly_scheme.asym_id 
_pdbx_nonpoly_scheme.entity_id 
_pdbx_nonpoly_scheme.mon_id 
_pdbx_nonpoly_scheme.ndb_seq_num 
_pdbx_nonpoly_scheme.pdb_seq_num 
_pdbx_nonpoly_scheme.auth_seq_num 
_pdbx_nonpoly_scheme.pdb_mon_id 
_pdbx_nonpoly_scheme.auth_mon_id 
_pdbx_nonpoly_scheme.pdb_strand_id 
_pdbx_nonpoly_scheme.pdb_ins_code 
C 3 CL 1 201 1 CL CL A . 
D 3 CL 1 202 2 CL CL A . 
# 
loop_
_software.citation_id 
_software.classification 
_software.compiler_name 
_software.compiler_version 
_software.contact_author 
_software.contact_author_email 
_software.date 
_software.description 
_software.dependencies 
_software.hardware 
_software.language 
_software.location 
_software.mods 
_software.name 
_software.os 
_software.os_version 
_software.type 
_software.version 
_software.pdbx_ordinal 
? refinement       ? ? ? ? ? ? ? ? ? ? ? REFMAC  ? ? ? 1.14_3260 1 
? refinement       ? ? ? ? ? ? ? ? ? ? ? PHENIX  ? ? ? 1.14_3260 2 
? 'data reduction' ? ? ? ? ? ? ? ? ? ? ? xia2    ? ? ? .         3 
? 'data scaling'   ? ? ? ? ? ? ? ? ? ? ? Aimless ? ? ? .         4 
? phasing          ? ? ? ? ? ? ? ? ? ? ? PHASER  ? ? ? .         5 
# 
_cell.angle_alpha                  90.000 
_cell.angle_alpha_esd              ? 
_cell.angle_beta                   90.000 
_cell.angle_beta_esd               ? 
_cell.angle_gamma                  120.000 
_cell.angle_gamma_esd              ? 
_cell.entry_id                     8C26 
_cell.details                      ? 
_cell.formula_units_Z              ? 
_cell.length_a                     68.074 
_cell.length_a_esd                 ? 
_cell.length_b                     68.074 
_cell.length_b_esd                 ? 
_cell.length_c                     197.049 
_cell.length_c_esd                 ? 
_cell.volume                       790801.360 
_cell.volume_esd                   ? 
_cell.Z_PDB                        18 
_cell.reciprocal_angle_alpha       ? 
_cell.reciprocal_angle_beta        ? 
_cell.reciprocal_angle_gamma       ? 
_cell.reciprocal_angle_alpha_esd   ? 
_cell.reciprocal_angle_beta_esd    ? 
_cell.reciprocal_angle_gamma_esd   ? 
_cell.reciprocal_length_a          ? 
_cell.reciprocal_length_b          ? 
_cell.reciprocal_length_c          ? 
_cell.reciprocal_length_a_esd      ? 
_cell.reciprocal_length_b_esd      ? 
_cell.reciprocal_length_c_esd      ? 
_cell.pdbx_unique_axis             ? 
_cell.pdbx_esd_method              ? 
# 
_symmetry.entry_id                         8C26 
_symmetry.cell_setting                     ? 
_symmetry.Int_Tables_number                155 
_symmetry.space_group_name_Hall            
;R 3 2"
;
_symmetry.space_group_name_H-M             'H 3 2' 
_symmetry.pdbx_full_space_group_name_H-M   ? 
# 
_exptl.absorpt_coefficient_mu     ? 
_exptl.absorpt_correction_T_max   ? 
_exptl.absorpt_correction_T_min   ? 
_exptl.absorpt_correction_type    ? 
_exptl.absorpt_process_details    ? 
_exptl.entry_id                   8C26 
_exptl.crystals_number            1 
_exptl.details                    ? 
_exptl.method                     'X-RAY DIFFRACTION' 
_exptl.method_details             ? 
# 
_exptl_crystal.colour                       ? 
_exptl_crystal.density_diffrn               ? 
_exptl_crystal.density_Matthews             2.17 
_exptl_crystal.density_method               ? 
_exptl_crystal.density_percent_sol          43.30 
_exptl_crystal.description                  ? 
_exptl_crystal.F_000                        ? 
_exptl_crystal.id                           1 
_exptl_crystal.preparation                  ? 
_exptl_crystal.size_max                     ? 
_exptl_crystal.size_mid                     ? 
_exptl_crystal.size_min                     ? 
_exptl_crystal.size_rad                     ? 
_exptl_crystal.colour_lustre                ? 
_exptl_crystal.colour_modifier              ? 
_exptl_crystal.colour_primary               ? 
_exptl_crystal.density_meas                 ? 
_exptl_crystal.density_meas_esd             ? 
_exptl_crystal.density_meas_gt              ? 
_exptl_crystal.density_meas_lt              ? 
_exptl_crystal.density_meas_temp            ? 
_exptl_crystal.density_meas_temp_esd        ? 
_exptl_crystal.density_meas_temp_gt         ? 
_exptl_crystal.density_meas_temp_lt         ? 
_exptl_crystal.pdbx_crystal_image_url       ? 
_exptl_crystal.pdbx_crystal_image_format    ? 
_exptl_crystal.pdbx_mosaicity               ? 
_exptl_crystal.pdbx_mosaicity_esd           ? 
_exptl_crystal.pdbx_mosaic_method           ? 
_exptl_crystal.pdbx_mosaic_block_size       ? 
_exptl_crystal.pdbx_mosaic_block_size_esd   ? 
# 
_exptl_crystal_grow.apparatus       ? 
_exptl_crystal_grow.atmosphere      ? 
_exptl_crystal_grow.crystal_id      1 
_exptl_crystal_grow.details         ? 
_exptl_crystal_grow.method          'VAPOR DIFFUSION, SITTING DROP' 
_exptl_crystal_grow.method_ref      ? 
_exptl_crystal_grow.pH              ? 
_exptl_crystal_grow.pressure        ? 
_exptl_crystal_grow.pressure_esd    ? 
_exptl_crystal_grow.seeding         ? 
_exptl_crystal_grow.seeding_ref     ? 
_exptl_crystal_grow.temp_details    ? 
_exptl_crystal_grow.temp_esd        ? 
_exptl_crystal_grow.time            ? 
_exptl_crystal_grow.pdbx_details    
;15 % PEG 3350
0.1 M MES pH 6.2
;
_exptl_crystal_grow.pdbx_pH_range   ? 
_exptl_crystal_grow.temp            294 
# 
_diffrn.ambient_environment              ? 
_diffrn.ambient_temp                     100 
_diffrn.ambient_temp_details             ? 
_diffrn.ambient_temp_esd                 ? 
_diffrn.crystal_id                       1 
_diffrn.crystal_support                  ? 
_diffrn.crystal_treatment                ? 
_diffrn.details                          ? 
_diffrn.id                               1 
_diffrn.ambient_pressure                 ? 
_diffrn.ambient_pressure_esd             ? 
_diffrn.ambient_pressure_gt              ? 
_diffrn.ambient_pressure_lt              ? 
_diffrn.ambient_temp_gt                  ? 
_diffrn.ambient_temp_lt                  ? 
_diffrn.pdbx_serial_crystal_experiment   N 
# 
_diffrn_detector.details                      ? 
_diffrn_detector.detector                     PIXEL 
_diffrn_detector.diffrn_id                    1 
_diffrn_detector.type                         'DECTRIS EIGER2 X 16M' 
_diffrn_detector.area_resol_mean              ? 
_diffrn_detector.dtime                        ? 
_diffrn_detector.pdbx_frames_total            ? 
_diffrn_detector.pdbx_collection_time_total   ? 
_diffrn_detector.pdbx_collection_date         2021-10-18 
_diffrn_detector.pdbx_frequency               ? 
# 
_diffrn_radiation.collimation                      ? 
_diffrn_radiation.diffrn_id                        1 
_diffrn_radiation.filter_edge                      ? 
_diffrn_radiation.inhomogeneity                    ? 
_diffrn_radiation.monochromator                    ? 
_diffrn_radiation.polarisn_norm                    ? 
_diffrn_radiation.polarisn_ratio                   ? 
_diffrn_radiation.probe                            ? 
_diffrn_radiation.type                             ? 
_diffrn_radiation.xray_symbol                      ? 
_diffrn_radiation.wavelength_id                    1 
_diffrn_radiation.pdbx_monochromatic_or_laue_m_l   M 
_diffrn_radiation.pdbx_wavelength_list             ? 
_diffrn_radiation.pdbx_wavelength                  ? 
_diffrn_radiation.pdbx_diffrn_protocol             'SINGLE WAVELENGTH' 
_diffrn_radiation.pdbx_analyzer                    ? 
_diffrn_radiation.pdbx_scattering_type             x-ray 
# 
_diffrn_radiation_wavelength.id           1 
_diffrn_radiation_wavelength.wavelength   0.9793 
_diffrn_radiation_wavelength.wt           1.0 
# 
_diffrn_source.current                     ? 
_diffrn_source.details                     ? 
_diffrn_source.diffrn_id                   1 
_diffrn_source.power                       ? 
_diffrn_source.size                        ? 
_diffrn_source.source                      SYNCHROTRON 
_diffrn_source.target                      ? 
_diffrn_source.type                        'DIAMOND BEAMLINE I04' 
_diffrn_source.voltage                     ? 
_diffrn_source.take-off_angle              ? 
_diffrn_source.pdbx_wavelength_list        0.9793 
_diffrn_source.pdbx_wavelength             ? 
_diffrn_source.pdbx_synchrotron_beamline   I04 
_diffrn_source.pdbx_synchrotron_site       Diamond 
# 
_reflns.B_iso_Wilson_estimate                          99.74 
_reflns.entry_id                                       8C26 
_reflns.data_reduction_details                         ? 
_reflns.data_reduction_method                          ? 
_reflns.d_resolution_high                              2.345 
_reflns.d_resolution_low                               50.59 
_reflns.details                                        ? 
_reflns.limit_h_max                                    ? 
_reflns.limit_h_min                                    ? 
_reflns.limit_k_max                                    ? 
_reflns.limit_k_min                                    ? 
_reflns.limit_l_max                                    ? 
_reflns.limit_l_min                                    ? 
_reflns.number_all                                     ? 
_reflns.number_obs                                     7244 
_reflns.observed_criterion                             ? 
_reflns.observed_criterion_F_max                       ? 
_reflns.observed_criterion_F_min                       ? 
_reflns.observed_criterion_I_max                       ? 
_reflns.observed_criterion_I_min                       ? 
_reflns.observed_criterion_sigma_F                     ? 
_reflns.observed_criterion_sigma_I                     ? 
_reflns.percent_possible_obs                           94.06 
_reflns.R_free_details                                 ? 
_reflns.Rmerge_F_all                                   ? 
_reflns.Rmerge_F_obs                                   ? 
_reflns.Friedel_coverage                               ? 
_reflns.number_gt                                      ? 
_reflns.threshold_expression                           ? 
_reflns.pdbx_redundancy                                19.8 
_reflns.pdbx_netI_over_av_sigmaI                       ? 
_reflns.pdbx_netI_over_sigmaI                          7.5 
_reflns.pdbx_res_netI_over_av_sigmaI_2                 ? 
_reflns.pdbx_res_netI_over_sigmaI_2                    ? 
_reflns.pdbx_chi_squared                               ? 
_reflns.pdbx_scaling_rejects                           ? 
_reflns.pdbx_d_res_high_opt                            ? 
_reflns.pdbx_d_res_low_opt                             ? 
_reflns.pdbx_d_res_opt_method                          ? 
_reflns.phase_calculation_details                      ? 
_reflns.pdbx_Rrim_I_all                                ? 
_reflns.pdbx_Rpim_I_all                                ? 
_reflns.pdbx_d_opt                                     ? 
_reflns.pdbx_number_measured_all                       ? 
_reflns.pdbx_diffrn_id                                 1 
_reflns.pdbx_ordinal                                   1 
_reflns.pdbx_CC_half                                   1.0 
_reflns.pdbx_CC_star                                   ? 
_reflns.pdbx_R_split                                   ? 
_reflns.pdbx_Rmerge_I_obs                              ? 
_reflns.pdbx_Rmerge_I_all                              ? 
_reflns.pdbx_Rsym_value                                ? 
_reflns.pdbx_CC_split_method                           ? 
_reflns.pdbx_aniso_diffraction_limit_axis_1_ortho[1]   ? 
_reflns.pdbx_aniso_diffraction_limit_axis_1_ortho[2]   ? 
_reflns.pdbx_aniso_diffraction_limit_axis_1_ortho[3]   ? 
_reflns.pdbx_aniso_diffraction_limit_axis_2_ortho[1]   ? 
_reflns.pdbx_aniso_diffraction_limit_axis_2_ortho[2]   ? 
_reflns.pdbx_aniso_diffraction_limit_axis_2_ortho[3]   ? 
_reflns.pdbx_aniso_diffraction_limit_axis_3_ortho[1]   ? 
_reflns.pdbx_aniso_diffraction_limit_axis_3_ortho[2]   ? 
_reflns.pdbx_aniso_diffraction_limit_axis_3_ortho[3]   ? 
_reflns.pdbx_aniso_diffraction_limit_1                 ? 
_reflns.pdbx_aniso_diffraction_limit_2                 ? 
_reflns.pdbx_aniso_diffraction_limit_3                 ? 
_reflns.pdbx_aniso_B_tensor_eigenvector_1_ortho[1]     ? 
_reflns.pdbx_aniso_B_tensor_eigenvector_1_ortho[2]     ? 
_reflns.pdbx_aniso_B_tensor_eigenvector_1_ortho[3]     ? 
_reflns.pdbx_aniso_B_tensor_eigenvector_2_ortho[1]     ? 
_reflns.pdbx_aniso_B_tensor_eigenvector_2_ortho[2]     ? 
_reflns.pdbx_aniso_B_tensor_eigenvector_2_ortho[3]     ? 
_reflns.pdbx_aniso_B_tensor_eigenvector_3_ortho[1]     ? 
_reflns.pdbx_aniso_B_tensor_eigenvector_3_ortho[2]     ? 
_reflns.pdbx_aniso_B_tensor_eigenvector_3_ortho[3]     ? 
_reflns.pdbx_aniso_B_tensor_eigenvalue_1               ? 
_reflns.pdbx_aniso_B_tensor_eigenvalue_2               ? 
_reflns.pdbx_aniso_B_tensor_eigenvalue_3               ? 
_reflns.pdbx_orthogonalization_convention              ? 
_reflns.pdbx_percent_possible_ellipsoidal              ? 
_reflns.pdbx_percent_possible_spherical                ? 
_reflns.pdbx_percent_possible_ellipsoidal_anomalous    ? 
_reflns.pdbx_percent_possible_spherical_anomalous      ? 
_reflns.pdbx_redundancy_anomalous                      ? 
_reflns.pdbx_CC_half_anomalous                         ? 
_reflns.pdbx_absDiff_over_sigma_anomalous              ? 
_reflns.pdbx_percent_possible_anomalous                ? 
_reflns.pdbx_observed_signal_threshold                 ? 
_reflns.pdbx_signal_type                               ? 
_reflns.pdbx_signal_details                            ? 
_reflns.pdbx_signal_software_id                        ? 
# 
_reflns_shell.d_res_high                                    2.345 
_reflns_shell.d_res_low                                     2.429 
_reflns_shell.meanI_over_sigI_all                           ? 
_reflns_shell.meanI_over_sigI_obs                           ? 
_reflns_shell.number_measured_all                           ? 
_reflns_shell.number_measured_obs                           ? 
_reflns_shell.number_possible                               ? 
_reflns_shell.number_unique_all                             ? 
_reflns_shell.number_unique_obs                             349 
_reflns_shell.percent_possible_obs                          ? 
_reflns_shell.Rmerge_F_all                                  ? 
_reflns_shell.Rmerge_F_obs                                  ? 
_reflns_shell.meanI_over_sigI_gt                            ? 
_reflns_shell.meanI_over_uI_all                             ? 
_reflns_shell.meanI_over_uI_gt                              ? 
_reflns_shell.number_measured_gt                            ? 
_reflns_shell.number_unique_gt                              ? 
_reflns_shell.percent_possible_gt                           ? 
_reflns_shell.Rmerge_F_gt                                   ? 
_reflns_shell.Rmerge_I_gt                                   ? 
_reflns_shell.pdbx_redundancy                               ? 
_reflns_shell.pdbx_chi_squared                              ? 
_reflns_shell.pdbx_netI_over_sigmaI_all                     ? 
_reflns_shell.pdbx_netI_over_sigmaI_obs                     ? 
_reflns_shell.pdbx_Rrim_I_all                               ? 
_reflns_shell.pdbx_Rpim_I_all                               ? 
_reflns_shell.pdbx_rejects                                  ? 
_reflns_shell.pdbx_ordinal                                  1 
_reflns_shell.pdbx_diffrn_id                                1 
_reflns_shell.pdbx_CC_half                                  0.6 
_reflns_shell.pdbx_CC_star                                  ? 
_reflns_shell.pdbx_R_split                                  ? 
_reflns_shell.percent_possible_all                          ? 
_reflns_shell.Rmerge_I_all                                  ? 
_reflns_shell.Rmerge_I_obs                                  ? 
_reflns_shell.pdbx_Rsym_value                               ? 
_reflns_shell.pdbx_percent_possible_ellipsoidal             ? 
_reflns_shell.pdbx_percent_possible_spherical               ? 
_reflns_shell.pdbx_percent_possible_ellipsoidal_anomalous   ? 
_reflns_shell.pdbx_percent_possible_spherical_anomalous     ? 
_reflns_shell.pdbx_redundancy_anomalous                     ? 
_reflns_shell.pdbx_CC_half_anomalous                        ? 
_reflns_shell.pdbx_absDiff_over_sigma_anomalous             ? 
_reflns_shell.pdbx_percent_possible_anomalous               ? 
# 
_refine.aniso_B[1][1]                            ? 
_refine.aniso_B[1][2]                            ? 
_refine.aniso_B[1][3]                            ? 
_refine.aniso_B[2][2]                            ? 
_refine.aniso_B[2][3]                            ? 
_refine.aniso_B[3][3]                            ? 
_refine.B_iso_max                                ? 
_refine.B_iso_mean                               102.12 
_refine.B_iso_min                                ? 
_refine.correlation_coeff_Fo_to_Fc               ? 
_refine.correlation_coeff_Fo_to_Fc_free          ? 
_refine.details                                  ? 
_refine.diff_density_max                         ? 
_refine.diff_density_max_esd                     ? 
_refine.diff_density_min                         ? 
_refine.diff_density_min_esd                     ? 
_refine.diff_density_rms                         ? 
_refine.diff_density_rms_esd                     ? 
_refine.entry_id                                 8C26 
_refine.pdbx_refine_id                           'X-RAY DIFFRACTION' 
_refine.ls_abs_structure_details                 ? 
_refine.ls_abs_structure_Flack                   ? 
_refine.ls_abs_structure_Flack_esd               ? 
_refine.ls_abs_structure_Rogers                  ? 
_refine.ls_abs_structure_Rogers_esd              ? 
_refine.ls_d_res_high                            2.35 
_refine.ls_d_res_low                             50.59 
_refine.ls_extinction_coef                       ? 
_refine.ls_extinction_coef_esd                   ? 
_refine.ls_extinction_expression                 ? 
_refine.ls_extinction_method                     ? 
_refine.ls_goodness_of_fit_all                   ? 
_refine.ls_goodness_of_fit_all_esd               ? 
_refine.ls_goodness_of_fit_obs                   ? 
_refine.ls_goodness_of_fit_obs_esd               ? 
_refine.ls_hydrogen_treatment                    ? 
_refine.ls_matrix_type                           ? 
_refine.ls_number_constraints                    ? 
_refine.ls_number_parameters                     ? 
_refine.ls_number_reflns_all                     ? 
_refine.ls_number_reflns_obs                     7242 
_refine.ls_number_reflns_R_free                  725 
_refine.ls_number_reflns_R_work                  6517 
_refine.ls_number_restraints                     ? 
_refine.ls_percent_reflns_obs                    94.09 
_refine.ls_percent_reflns_R_free                 10.01 
_refine.ls_R_factor_all                          ? 
_refine.ls_R_factor_obs                          0.2575 
_refine.ls_R_factor_R_free                       0.2884 
_refine.ls_R_factor_R_free_error                 ? 
_refine.ls_R_factor_R_free_error_details         ? 
_refine.ls_R_factor_R_work                       0.2539 
_refine.ls_R_Fsqd_factor_obs                     ? 
_refine.ls_R_I_factor_obs                        ? 
_refine.ls_redundancy_reflns_all                 ? 
_refine.ls_redundancy_reflns_obs                 ? 
_refine.ls_restrained_S_all                      ? 
_refine.ls_restrained_S_obs                      ? 
_refine.ls_shift_over_esd_max                    ? 
_refine.ls_shift_over_esd_mean                   ? 
_refine.ls_structure_factor_coef                 ? 
_refine.ls_weighting_details                     ? 
_refine.ls_weighting_scheme                      ? 
_refine.ls_wR_factor_all                         ? 
_refine.ls_wR_factor_obs                         ? 
_refine.ls_wR_factor_R_free                      ? 
_refine.ls_wR_factor_R_work                      ? 
_refine.occupancy_max                            ? 
_refine.occupancy_min                            ? 
_refine.solvent_model_details                    'FLAT BULK SOLVENT MODEL' 
_refine.solvent_model_param_bsol                 ? 
_refine.solvent_model_param_ksol                 ? 
_refine.pdbx_R_complete                          ? 
_refine.ls_R_factor_gt                           ? 
_refine.ls_goodness_of_fit_gt                    ? 
_refine.ls_goodness_of_fit_ref                   ? 
_refine.ls_shift_over_su_max                     ? 
_refine.ls_shift_over_su_max_lt                  ? 
_refine.ls_shift_over_su_mean                    ? 
_refine.ls_shift_over_su_mean_lt                 ? 
_refine.pdbx_ls_sigma_I                          ? 
_refine.pdbx_ls_sigma_F                          1.32 
_refine.pdbx_ls_sigma_Fsqd                       ? 
_refine.pdbx_data_cutoff_high_absF               ? 
_refine.pdbx_data_cutoff_high_rms_absF           ? 
_refine.pdbx_data_cutoff_low_absF                ? 
_refine.pdbx_isotropic_thermal_model             ? 
_refine.pdbx_ls_cross_valid_method               'FREE R-VALUE' 
_refine.pdbx_method_to_determine_struct          'MOLECULAR REPLACEMENT' 
_refine.pdbx_starting_model                      ? 
_refine.pdbx_stereochemistry_target_values       'CDL v1.2' 
_refine.pdbx_R_Free_selection_details            ? 
_refine.pdbx_stereochem_target_val_spec_case     ? 
_refine.pdbx_overall_ESU_R                       ? 
_refine.pdbx_overall_ESU_R_Free                  ? 
_refine.pdbx_solvent_vdw_probe_radii             1.1100 
_refine.pdbx_solvent_ion_probe_radii             ? 
_refine.pdbx_solvent_shrinkage_radii             0.9000 
_refine.pdbx_real_space_R                        ? 
_refine.pdbx_density_correlation                 ? 
_refine.pdbx_pd_number_of_powder_patterns        ? 
_refine.pdbx_pd_number_of_points                 ? 
_refine.pdbx_pd_meas_number_of_points            ? 
_refine.pdbx_pd_proc_ls_prof_R_factor            ? 
_refine.pdbx_pd_proc_ls_prof_wR_factor           ? 
_refine.pdbx_pd_Marquardt_correlation_coeff      ? 
_refine.pdbx_pd_Fsqrd_R_factor                   ? 
_refine.pdbx_pd_ls_matrix_band_width             ? 
_refine.pdbx_overall_phase_error                 41.9532 
_refine.pdbx_overall_SU_R_free_Cruickshank_DPI   ? 
_refine.pdbx_overall_SU_R_free_Blow_DPI          ? 
_refine.pdbx_overall_SU_R_Blow_DPI               ? 
_refine.pdbx_TLS_residual_ADP_flag               ? 
_refine.pdbx_diffrn_id                           1 
_refine.overall_SU_B                             ? 
_refine.overall_SU_ML                            0.5185 
_refine.overall_SU_R_Cruickshank_DPI             ? 
_refine.overall_SU_R_free                        ? 
_refine.overall_FOM_free_R_set                   ? 
_refine.overall_FOM_work_R_set                   ? 
_refine.pdbx_average_fsc_overall                 ? 
_refine.pdbx_average_fsc_work                    ? 
_refine.pdbx_average_fsc_free                    ? 
# 
_refine_hist.pdbx_refine_id                   'X-RAY DIFFRACTION' 
_refine_hist.cycle_id                         LAST 
_refine_hist.details                          ? 
_refine_hist.d_res_high                       2.35 
_refine_hist.d_res_low                        50.59 
_refine_hist.number_atoms_solvent             0 
_refine_hist.number_atoms_total               1023 
_refine_hist.number_reflns_all                ? 
_refine_hist.number_reflns_obs                ? 
_refine_hist.number_reflns_R_free             ? 
_refine_hist.number_reflns_R_work             ? 
_refine_hist.R_factor_all                     ? 
_refine_hist.R_factor_obs                     ? 
_refine_hist.R_factor_R_free                  ? 
_refine_hist.R_factor_R_work                  ? 
_refine_hist.pdbx_number_residues_total       ? 
_refine_hist.pdbx_B_iso_mean_ligand           ? 
_refine_hist.pdbx_B_iso_mean_solvent          ? 
_refine_hist.pdbx_number_atoms_protein        1021 
_refine_hist.pdbx_number_atoms_nucleic_acid   0 
_refine_hist.pdbx_number_atoms_ligand         2 
_refine_hist.pdbx_number_atoms_lipid          ? 
_refine_hist.pdbx_number_atoms_carb           ? 
_refine_hist.pdbx_pseudo_atom_details         ? 
# 
loop_
_refine_ls_restr.pdbx_refine_id 
_refine_ls_restr.criterion 
_refine_ls_restr.dev_ideal 
_refine_ls_restr.dev_ideal_target 
_refine_ls_restr.number 
_refine_ls_restr.rejects 
_refine_ls_restr.type 
_refine_ls_restr.weight 
_refine_ls_restr.pdbx_restraint_function 
'X-RAY DIFFRACTION' ? 0.0083  ? 1046 ? f_bond_d           ? ? 
'X-RAY DIFFRACTION' ? 0.9949  ? 1420 ? f_angle_d          ? ? 
'X-RAY DIFFRACTION' ? 0.0608  ? 150  ? f_chiral_restr     ? ? 
'X-RAY DIFFRACTION' ? 0.0053  ? 189  ? f_plane_restr      ? ? 
'X-RAY DIFFRACTION' ? 15.2190 ? 382  ? f_dihedral_angle_d ? ? 
# 
loop_
_refine_ls_shell.pdbx_refine_id 
_refine_ls_shell.d_res_high 
_refine_ls_shell.d_res_low 
_refine_ls_shell.number_reflns_all 
_refine_ls_shell.number_reflns_obs 
_refine_ls_shell.number_reflns_R_free 
_refine_ls_shell.number_reflns_R_work 
_refine_ls_shell.percent_reflns_obs 
_refine_ls_shell.percent_reflns_R_free 
_refine_ls_shell.R_factor_all 
_refine_ls_shell.R_factor_obs 
_refine_ls_shell.R_factor_R_free_error 
_refine_ls_shell.R_factor_R_work 
_refine_ls_shell.redundancy_reflns_all 
_refine_ls_shell.redundancy_reflns_obs 
_refine_ls_shell.wR_factor_all 
_refine_ls_shell.wR_factor_obs 
_refine_ls_shell.wR_factor_R_free 
_refine_ls_shell.wR_factor_R_work 
_refine_ls_shell.pdbx_R_complete 
_refine_ls_shell.pdbx_total_number_of_bins_used 
_refine_ls_shell.pdbx_phase_error 
_refine_ls_shell.pdbx_fsc_work 
_refine_ls_shell.pdbx_fsc_free 
_refine_ls_shell.R_factor_R_free 
'X-RAY DIFFRACTION' 2.35 2.53  . . 107 959  71.21 . . . . 0.4409 . . . . . . . . . . . 0.4205 
'X-RAY DIFFRACTION' 2.53 2.78  . . 149 1343 98.61 . . . . 0.3760 . . . . . . . . . . . 0.3646 
'X-RAY DIFFRACTION' 2.78 3.18  . . 153 1374 99.93 . . . . 0.3296 . . . . . . . . . . . 0.4083 
'X-RAY DIFFRACTION' 3.18 4.01  . . 154 1387 99.94 . . . . 0.2848 . . . . . . . . . . . 0.2865 
'X-RAY DIFFRACTION' 4.01 50.59 . . 162 1454 99.94 . . . . 0.2204 . . . . . . . . . . . 0.2662 
# 
_struct.entry_id                     8C26 
_struct.title                        'ParDE2 toxin-antitoxin complex from Mycobacterium tuberculosis (rv2142A-rv2142c)' 
_struct.pdbx_model_details           ? 
_struct.pdbx_formula_weight          ? 
_struct.pdbx_formula_weight_method   ? 
_struct.pdbx_model_type_details      ? 
_struct.pdbx_CASP_flag               N 
# 
_struct_keywords.entry_id        8C26 
_struct_keywords.text            'Toxin-antitoxin Gyrase inhibitor Tuberculosis, TOXIN' 
_struct_keywords.pdbx_keywords   TOXIN 
# 
loop_
_struct_asym.id 
_struct_asym.pdbx_blank_PDB_chainid_flag 
_struct_asym.pdbx_modified 
_struct_asym.entity_id 
_struct_asym.details 
A N N 1 ? 
B N N 2 ? 
C N N 3 ? 
D N N 3 ? 
# 
loop_
_struct_ref.id 
_struct_ref.db_name 
_struct_ref.db_code 
_struct_ref.pdbx_db_accession 
_struct_ref.pdbx_db_isoform 
_struct_ref.entity_id 
_struct_ref.pdbx_seq_one_letter_code 
_struct_ref.pdbx_align_begin 
1 UNP PARE2_MYCTU P9WHG5 ? 1 
;MTRRLRVHNGVEDDLFEAFSYYADAAPDQIDRLYNLFVDAVTKRIPQAPNAFAPLFKHYRHIYLRPFRYYVAYRTTDEAI
DILAVRHGMENPNAVEAEISGRTFE
;
1 
2 UNP PARD2_MYCTU P9WJ75 ? 2 MVVNRALLASVDALSRDEQIELVEHINGNLAEGMHISEANQALIEARANDTDDAHWSTIDDFDKRIRARLG 1 
# 
loop_
_struct_ref_seq.align_id 
_struct_ref_seq.ref_id 
_struct_ref_seq.pdbx_PDB_id_code 
_struct_ref_seq.pdbx_strand_id 
_struct_ref_seq.seq_align_beg 
_struct_ref_seq.pdbx_seq_align_beg_ins_code 
_struct_ref_seq.seq_align_end 
_struct_ref_seq.pdbx_seq_align_end_ins_code 
_struct_ref_seq.pdbx_db_accession 
_struct_ref_seq.db_align_beg 
_struct_ref_seq.pdbx_db_align_beg_ins_code 
_struct_ref_seq.db_align_end 
_struct_ref_seq.pdbx_db_align_end_ins_code 
_struct_ref_seq.pdbx_auth_seq_align_beg 
_struct_ref_seq.pdbx_auth_seq_align_end 
1 1 8C26 A 1 ? 105 ? P9WHG5 1 ? 105 ? 1 105 
2 2 8C26 B 1 ? 71  ? P9WJ75 1 ? 71  ? 1 71  
# 
_pdbx_struct_assembly.id                   1 
_pdbx_struct_assembly.details              author_defined_assembly 
_pdbx_struct_assembly.method_details       ? 
_pdbx_struct_assembly.oligomeric_details   dimeric 
_pdbx_struct_assembly.oligomeric_count     2 
# 
loop_
_pdbx_struct_assembly_prop.biol_id 
_pdbx_struct_assembly_prop.type 
_pdbx_struct_assembly_prop.value 
_pdbx_struct_assembly_prop.details 
1 'ABSA (A^2)' 2660 ? 
1 MORE         -17  ? 
1 'SSA (A^2)'  6900 ? 
# 
_pdbx_struct_assembly_gen.assembly_id       1 
_pdbx_struct_assembly_gen.oper_expression   1 
_pdbx_struct_assembly_gen.asym_id_list      A,B,C,D 
# 
_pdbx_struct_assembly_auth_evidence.id                     1 
_pdbx_struct_assembly_auth_evidence.assembly_id            1 
_pdbx_struct_assembly_auth_evidence.experimental_support   none 
_pdbx_struct_assembly_auth_evidence.details                ? 
# 
_pdbx_struct_oper_list.id                   1 
_pdbx_struct_oper_list.type                 'identity operation' 
_pdbx_struct_oper_list.name                 1_555 
_pdbx_struct_oper_list.symmetry_operation   x,y,z 
_pdbx_struct_oper_list.matrix[1][1]         1.0000000000 
_pdbx_struct_oper_list.matrix[1][2]         0.0000000000 
_pdbx_struct_oper_list.matrix[1][3]         0.0000000000 
_pdbx_struct_oper_list.vector[1]            0.0000000000 
_pdbx_struct_oper_list.matrix[2][1]         0.0000000000 
_pdbx_struct_oper_list.matrix[2][2]         1.0000000000 
_pdbx_struct_oper_list.matrix[2][3]         0.0000000000 
_pdbx_struct_oper_list.vector[2]            0.0000000000 
_pdbx_struct_oper_list.matrix[3][1]         0.0000000000 
_pdbx_struct_oper_list.matrix[3][2]         0.0000000000 
_pdbx_struct_oper_list.matrix[3][3]         1.0000000000 
_pdbx_struct_oper_list.vector[3]            0.0000000000 
# 
loop_
_struct_conf.conf_type_id 
_struct_conf.id 
_struct_conf.pdbx_PDB_helix_id 
_struct_conf.beg_label_comp_id 
_struct_conf.beg_label_asym_id 
_struct_conf.beg_label_seq_id 
_struct_conf.pdbx_beg_PDB_ins_code 
_struct_conf.end_label_comp_id 
_struct_conf.end_label_asym_id 
_struct_conf.end_label_seq_id 
_struct_conf.pdbx_end_PDB_ins_code 
_struct_conf.beg_auth_comp_id 
_struct_conf.beg_auth_asym_id 
_struct_conf.beg_auth_seq_id 
_struct_conf.end_auth_comp_id 
_struct_conf.end_auth_asym_id 
_struct_conf.end_auth_seq_id 
_struct_conf.pdbx_PDB_helix_class 
_struct_conf.details 
_struct_conf.pdbx_PDB_helix_length 
HELX_P HELX_P1 AA1 ASN A 9  ? SER A 20 ? ASN A 9  SER A 20 1 ? 12 
HELX_P HELX_P2 AA2 ALA A 26 ? LYS A 43 ? ALA A 26 LYS A 43 1 ? 18 
HELX_P HELX_P3 AA3 LYS A 43 ? ALA A 48 ? LYS A 43 ALA A 48 1 ? 6  
HELX_P HELX_P4 AA4 SER B 37 ? ASP B 50 ? SER B 37 ASP B 50 1 ? 14 
HELX_P HELX_P5 AA5 ASP B 52 ? ALA B 54 ? ASP B 52 ALA B 54 5 ? 3  
HELX_P HELX_P6 AA6 ILE B 59 ? ARG B 69 ? ILE B 59 ARG B 69 1 ? 11 
# 
_struct_conf_type.id          HELX_P 
_struct_conf_type.criteria    ? 
_struct_conf_type.reference   ? 
# 
_struct_mon_prot_cis.pdbx_id                1 
_struct_mon_prot_cis.label_comp_id          ARG 
_struct_mon_prot_cis.label_seq_id           65 
_struct_mon_prot_cis.label_asym_id          A 
_struct_mon_prot_cis.label_alt_id           . 
_struct_mon_prot_cis.pdbx_PDB_ins_code      ? 
_struct_mon_prot_cis.auth_comp_id           ARG 
_struct_mon_prot_cis.auth_seq_id            65 
_struct_mon_prot_cis.auth_asym_id           A 
_struct_mon_prot_cis.pdbx_label_comp_id_2   PRO 
_struct_mon_prot_cis.pdbx_label_seq_id_2    66 
_struct_mon_prot_cis.pdbx_label_asym_id_2   A 
_struct_mon_prot_cis.pdbx_PDB_ins_code_2    ? 
_struct_mon_prot_cis.pdbx_auth_comp_id_2    PRO 
_struct_mon_prot_cis.pdbx_auth_seq_id_2     66 
_struct_mon_prot_cis.pdbx_auth_asym_id_2    A 
_struct_mon_prot_cis.pdbx_PDB_model_num     1 
_struct_mon_prot_cis.pdbx_omega_angle       6.89 
# 
_struct_sheet.id               AA1 
_struct_sheet.type             ? 
_struct_sheet.number_strands   6 
_struct_sheet.details          ? 
# 
loop_
_struct_sheet_order.sheet_id 
_struct_sheet_order.range_id_1 
_struct_sheet_order.range_id_2 
_struct_sheet_order.offset 
_struct_sheet_order.sense 
AA1 1 2 ? anti-parallel 
AA1 2 3 ? anti-parallel 
AA1 3 4 ? anti-parallel 
AA1 4 5 ? parallel      
AA1 5 6 ? anti-parallel 
# 
loop_
_struct_sheet_range.sheet_id 
_struct_sheet_range.id 
_struct_sheet_range.beg_label_comp_id 
_struct_sheet_range.beg_label_asym_id 
_struct_sheet_range.beg_label_seq_id 
_struct_sheet_range.pdbx_beg_PDB_ins_code 
_struct_sheet_range.end_label_comp_id 
_struct_sheet_range.end_label_asym_id 
_struct_sheet_range.end_label_seq_id 
_struct_sheet_range.pdbx_end_PDB_ins_code 
_struct_sheet_range.beg_auth_comp_id 
_struct_sheet_range.beg_auth_asym_id 
_struct_sheet_range.beg_auth_seq_id 
_struct_sheet_range.end_auth_comp_id 
_struct_sheet_range.end_auth_asym_id 
_struct_sheet_range.end_auth_seq_id 
AA1 1 PRO A 54 ? PHE A 56 ? PRO A 54 PHE A 56 
AA1 2 TYR A 59 ? TYR A 63 ? TYR A 59 TYR A 63 
AA1 3 TYR A 69 ? THR A 75 ? TYR A 69 THR A 75 
AA1 4 ALA A 79 ? HIS A 87 ? ALA A 79 HIS A 87 
AA1 5 ARG A 4  ? HIS A 8  ? ARG A 4  HIS A 8  
AA1 6 TRP B 56 ? THR B 58 ? TRP B 56 THR B 58 
# 
loop_
_pdbx_struct_sheet_hbond.sheet_id 
_pdbx_struct_sheet_hbond.range_id_1 
_pdbx_struct_sheet_hbond.range_id_2 
_pdbx_struct_sheet_hbond.range_1_label_atom_id 
_pdbx_struct_sheet_hbond.range_1_label_comp_id 
_pdbx_struct_sheet_hbond.range_1_label_asym_id 
_pdbx_struct_sheet_hbond.range_1_label_seq_id 
_pdbx_struct_sheet_hbond.range_1_PDB_ins_code 
_pdbx_struct_sheet_hbond.range_1_auth_atom_id 
_pdbx_struct_sheet_hbond.range_1_auth_comp_id 
_pdbx_struct_sheet_hbond.range_1_auth_asym_id 
_pdbx_struct_sheet_hbond.range_1_auth_seq_id 
_pdbx_struct_sheet_hbond.range_2_label_atom_id 
_pdbx_struct_sheet_hbond.range_2_label_comp_id 
_pdbx_struct_sheet_hbond.range_2_label_asym_id 
_pdbx_struct_sheet_hbond.range_2_label_seq_id 
_pdbx_struct_sheet_hbond.range_2_PDB_ins_code 
_pdbx_struct_sheet_hbond.range_2_auth_atom_id 
_pdbx_struct_sheet_hbond.range_2_auth_comp_id 
_pdbx_struct_sheet_hbond.range_2_auth_asym_id 
_pdbx_struct_sheet_hbond.range_2_auth_seq_id 
AA1 1 2 N LEU A 55 ? N LEU A 55 O TYR A 59 ? O TYR A 59 
AA1 2 3 N ARG A 60 ? N ARG A 60 O TYR A 73 ? O TYR A 73 
AA1 3 4 N TYR A 70 ? N TYR A 70 O ARG A 86 ? O ARG A 86 
AA1 4 5 O ILE A 82 ? O ILE A 82 N ARG A 6  ? N ARG A 6  
AA1 5 6 N VAL A 7  ? N VAL A 7  O SER B 57 ? O SER B 57 
# 
loop_
_pdbx_validate_torsion.id 
_pdbx_validate_torsion.PDB_model_num 
_pdbx_validate_torsion.auth_comp_id 
_pdbx_validate_torsion.auth_asym_id 
_pdbx_validate_torsion.auth_seq_id 
_pdbx_validate_torsion.PDB_ins_code 
_pdbx_validate_torsion.label_alt_id 
_pdbx_validate_torsion.phi 
_pdbx_validate_torsion.psi 
1 1 TYR A 21 ? ? -67.96  4.24    
2 1 TYR A 22 ? ? -130.25 -35.88  
3 1 ASP A 24 ? ? 73.71   -61.73  
4 1 LYS A 43 ? ? -120.31 -55.96  
5 1 ALA A 48 ? ? -158.56 80.42   
6 1 LYS A 57 ? ? 52.86   -138.08 
7 1 LEU A 64 ? ? -86.95  49.17   
8 1 ASP B 50 ? ? -59.63  108.62  
9 1 LEU B 70 ? ? 40.46   28.97   
# 
loop_
_pdbx_struct_special_symmetry.id 
_pdbx_struct_special_symmetry.PDB_model_num 
_pdbx_struct_special_symmetry.auth_asym_id 
_pdbx_struct_special_symmetry.auth_comp_id 
_pdbx_struct_special_symmetry.auth_seq_id 
_pdbx_struct_special_symmetry.PDB_ins_code 
_pdbx_struct_special_symmetry.label_asym_id 
_pdbx_struct_special_symmetry.label_comp_id 
_pdbx_struct_special_symmetry.label_seq_id 
1 1 A CL 201 ? C CL . 
2 1 A CL 202 ? D CL . 
# 
loop_
_space_group_symop.id 
_space_group_symop.operation_xyz 
1  x,y,z                  
2  -y,x-y,z               
3  -x+y,-x,z              
4  x-y,-y,-z              
5  -x,-x+y,-z             
6  y,x,-z                 
7  x+1/3,y+2/3,z+2/3      
8  -y+1/3,x-y+2/3,z+2/3   
9  -x+y+1/3,-x+2/3,z+2/3  
10 x-y+1/3,-y+2/3,-z+2/3  
11 -x+1/3,-x+y+2/3,-z+2/3 
12 y+1/3,x+2/3,-z+2/3     
13 x+2/3,y+1/3,z+1/3      
14 -y+2/3,x-y+1/3,z+1/3   
15 -x+y+2/3,-x+1/3,z+1/3  
16 x-y+2/3,-y+1/3,-z+1/3  
17 -x+2/3,-x+y+1/3,-z+1/3 
18 y+2/3,x+1/3,-z+1/3     
# 
_pdbx_entry_details.entry_id                 8C26 
_pdbx_entry_details.has_ligand_of_interest   N 
_pdbx_entry_details.compound_details         ? 
_pdbx_entry_details.source_details           ? 
_pdbx_entry_details.nonpolymer_details       ? 
_pdbx_entry_details.sequence_details         ? 
# 
loop_
_pdbx_unobs_or_zero_occ_residues.id 
_pdbx_unobs_or_zero_occ_residues.PDB_model_num 
_pdbx_unobs_or_zero_occ_residues.polymer_flag 
_pdbx_unobs_or_zero_occ_residues.occupancy_flag 
_pdbx_unobs_or_zero_occ_residues.auth_asym_id 
_pdbx_unobs_or_zero_occ_residues.auth_comp_id 
_pdbx_unobs_or_zero_occ_residues.auth_seq_id 
_pdbx_unobs_or_zero_occ_residues.PDB_ins_code 
_pdbx_unobs_or_zero_occ_residues.label_asym_id 
_pdbx_unobs_or_zero_occ_residues.label_comp_id 
_pdbx_unobs_or_zero_occ_residues.label_seq_id 
1  1 Y 1 A MET 1   ? A MET 1   
2  1 Y 1 A MET 89  ? A MET 89  
3  1 Y 1 A GLU 90  ? A GLU 90  
4  1 Y 1 A ASN 91  ? A ASN 91  
5  1 Y 1 A PRO 92  ? A PRO 92  
6  1 Y 1 A ASN 93  ? A ASN 93  
7  1 Y 1 A ALA 94  ? A ALA 94  
8  1 Y 1 A VAL 95  ? A VAL 95  
9  1 Y 1 A GLU 96  ? A GLU 96  
10 1 Y 1 A ALA 97  ? A ALA 97  
11 1 Y 1 A GLU 98  ? A GLU 98  
12 1 Y 1 A ILE 99  ? A ILE 99  
13 1 Y 1 A SER 100 ? A SER 100 
14 1 Y 1 A GLY 101 ? A GLY 101 
15 1 Y 1 A ARG 102 ? A ARG 102 
16 1 Y 1 A THR 103 ? A THR 103 
17 1 Y 1 A PHE 104 ? A PHE 104 
18 1 Y 1 A GLU 105 ? A GLU 105 
19 1 Y 1 B MET 1   ? B MET 1   
20 1 Y 1 B VAL 2   ? B VAL 2   
21 1 Y 1 B VAL 3   ? B VAL 3   
22 1 Y 1 B ASN 4   ? B ASN 4   
23 1 Y 1 B ARG 5   ? B ARG 5   
24 1 Y 1 B ALA 6   ? B ALA 6   
25 1 Y 1 B LEU 7   ? B LEU 7   
26 1 Y 1 B LEU 8   ? B LEU 8   
27 1 Y 1 B ALA 9   ? B ALA 9   
28 1 Y 1 B SER 10  ? B SER 10  
29 1 Y 1 B VAL 11  ? B VAL 11  
30 1 Y 1 B ASP 12  ? B ASP 12  
31 1 Y 1 B ALA 13  ? B ALA 13  
32 1 Y 1 B LEU 14  ? B LEU 14  
33 1 Y 1 B SER 15  ? B SER 15  
34 1 Y 1 B ARG 16  ? B ARG 16  
35 1 Y 1 B ASP 17  ? B ASP 17  
36 1 Y 1 B GLU 18  ? B GLU 18  
37 1 Y 1 B GLN 19  ? B GLN 19  
38 1 Y 1 B ILE 20  ? B ILE 20  
39 1 Y 1 B GLU 21  ? B GLU 21  
40 1 Y 1 B LEU 22  ? B LEU 22  
41 1 Y 1 B VAL 23  ? B VAL 23  
42 1 Y 1 B GLU 24  ? B GLU 24  
43 1 Y 1 B HIS 25  ? B HIS 25  
44 1 Y 1 B ILE 26  ? B ILE 26  
45 1 Y 1 B ASN 27  ? B ASN 27  
46 1 Y 1 B GLY 28  ? B GLY 28  
47 1 Y 1 B ASN 29  ? B ASN 29  
48 1 Y 1 B LEU 30  ? B LEU 30  
49 1 Y 1 B ALA 31  ? B ALA 31  
50 1 Y 1 B GLU 32  ? B GLU 32  
51 1 Y 1 B GLY 33  ? B GLY 33  
52 1 Y 1 B MET 34  ? B MET 34  
53 1 Y 1 B HIS 35  ? B HIS 35  
# 
loop_
_chem_comp_atom.comp_id 
_chem_comp_atom.atom_id 
_chem_comp_atom.type_symbol 
_chem_comp_atom.pdbx_aromatic_flag 
_chem_comp_atom.pdbx_stereo_config 
_chem_comp_atom.pdbx_ordinal 
ALA N    N  N N 1   
ALA CA   C  N S 2   
ALA C    C  N N 3   
ALA O    O  N N 4   
ALA CB   C  N N 5   
ALA OXT  O  N N 6   
ALA H    H  N N 7   
ALA H2   H  N N 8   
ALA HA   H  N N 9   
ALA HB1  H  N N 10  
ALA HB2  H  N N 11  
ALA HB3  H  N N 12  
ALA HXT  H  N N 13  
ARG N    N  N N 14  
ARG CA   C  N S 15  
ARG C    C  N N 16  
ARG O    O  N N 17  
ARG CB   C  N N 18  
ARG CG   C  N N 19  
ARG CD   C  N N 20  
ARG NE   N  N N 21  
ARG CZ   C  N N 22  
ARG NH1  N  N N 23  
ARG NH2  N  N N 24  
ARG OXT  O  N N 25  
ARG H    H  N N 26  
ARG H2   H  N N 27  
ARG HA   H  N N 28  
ARG HB2  H  N N 29  
ARG HB3  H  N N 30  
ARG HG2  H  N N 31  
ARG HG3  H  N N 32  
ARG HD2  H  N N 33  
ARG HD3  H  N N 34  
ARG HE   H  N N 35  
ARG HH11 H  N N 36  
ARG HH12 H  N N 37  
ARG HH21 H  N N 38  
ARG HH22 H  N N 39  
ARG HXT  H  N N 40  
ASN N    N  N N 41  
ASN CA   C  N S 42  
ASN C    C  N N 43  
ASN O    O  N N 44  
ASN CB   C  N N 45  
ASN CG   C  N N 46  
ASN OD1  O  N N 47  
ASN ND2  N  N N 48  
ASN OXT  O  N N 49  
ASN H    H  N N 50  
ASN H2   H  N N 51  
ASN HA   H  N N 52  
ASN HB2  H  N N 53  
ASN HB3  H  N N 54  
ASN HD21 H  N N 55  
ASN HD22 H  N N 56  
ASN HXT  H  N N 57  
ASP N    N  N N 58  
ASP CA   C  N S 59  
ASP C    C  N N 60  
ASP O    O  N N 61  
ASP CB   C  N N 62  
ASP CG   C  N N 63  
ASP OD1  O  N N 64  
ASP OD2  O  N N 65  
ASP OXT  O  N N 66  
ASP H    H  N N 67  
ASP H2   H  N N 68  
ASP HA   H  N N 69  
ASP HB2  H  N N 70  
ASP HB3  H  N N 71  
ASP HD2  H  N N 72  
ASP HXT  H  N N 73  
CL  CL   CL N N 74  
GLN N    N  N N 75  
GLN CA   C  N S 76  
GLN C    C  N N 77  
GLN O    O  N N 78  
GLN CB   C  N N 79  
GLN CG   C  N N 80  
GLN CD   C  N N 81  
GLN OE1  O  N N 82  
GLN NE2  N  N N 83  
GLN OXT  O  N N 84  
GLN H    H  N N 85  
GLN H2   H  N N 86  
GLN HA   H  N N 87  
GLN HB2  H  N N 88  
GLN HB3  H  N N 89  
GLN HG2  H  N N 90  
GLN HG3  H  N N 91  
GLN HE21 H  N N 92  
GLN HE22 H  N N 93  
GLN HXT  H  N N 94  
GLU N    N  N N 95  
GLU CA   C  N S 96  
GLU C    C  N N 97  
GLU O    O  N N 98  
GLU CB   C  N N 99  
GLU CG   C  N N 100 
GLU CD   C  N N 101 
GLU OE1  O  N N 102 
GLU OE2  O  N N 103 
GLU OXT  O  N N 104 
GLU H    H  N N 105 
GLU H2   H  N N 106 
GLU HA   H  N N 107 
GLU HB2  H  N N 108 
GLU HB3  H  N N 109 
GLU HG2  H  N N 110 
GLU HG3  H  N N 111 
GLU HE2  H  N N 112 
GLU HXT  H  N N 113 
GLY N    N  N N 114 
GLY CA   C  N N 115 
GLY C    C  N N 116 
GLY O    O  N N 117 
GLY OXT  O  N N 118 
GLY H    H  N N 119 
GLY H2   H  N N 120 
GLY HA2  H  N N 121 
GLY HA3  H  N N 122 
GLY HXT  H  N N 123 
HIS N    N  N N 124 
HIS CA   C  N S 125 
HIS C    C  N N 126 
HIS O    O  N N 127 
HIS CB   C  N N 128 
HIS CG   C  Y N 129 
HIS ND1  N  Y N 130 
HIS CD2  C  Y N 131 
HIS CE1  C  Y N 132 
HIS NE2  N  Y N 133 
HIS OXT  O  N N 134 
HIS H    H  N N 135 
HIS H2   H  N N 136 
HIS HA   H  N N 137 
HIS HB2  H  N N 138 
HIS HB3  H  N N 139 
HIS HD1  H  N N 140 
HIS HD2  H  N N 141 
HIS HE1  H  N N 142 
HIS HE2  H  N N 143 
HIS HXT  H  N N 144 
ILE N    N  N N 145 
ILE CA   C  N S 146 
ILE C    C  N N 147 
ILE O    O  N N 148 
ILE CB   C  N S 149 
ILE CG1  C  N N 150 
ILE CG2  C  N N 151 
ILE CD1  C  N N 152 
ILE OXT  O  N N 153 
ILE H    H  N N 154 
ILE H2   H  N N 155 
ILE HA   H  N N 156 
ILE HB   H  N N 157 
ILE HG12 H  N N 158 
ILE HG13 H  N N 159 
ILE HG21 H  N N 160 
ILE HG22 H  N N 161 
ILE HG23 H  N N 162 
ILE HD11 H  N N 163 
ILE HD12 H  N N 164 
ILE HD13 H  N N 165 
ILE HXT  H  N N 166 
LEU N    N  N N 167 
LEU CA   C  N S 168 
LEU C    C  N N 169 
LEU O    O  N N 170 
LEU CB   C  N N 171 
LEU CG   C  N N 172 
LEU CD1  C  N N 173 
LEU CD2  C  N N 174 
LEU OXT  O  N N 175 
LEU H    H  N N 176 
LEU H2   H  N N 177 
LEU HA   H  N N 178 
LEU HB2  H  N N 179 
LEU HB3  H  N N 180 
LEU HG   H  N N 181 
LEU HD11 H  N N 182 
LEU HD12 H  N N 183 
LEU HD13 H  N N 184 
LEU HD21 H  N N 185 
LEU HD22 H  N N 186 
LEU HD23 H  N N 187 
LEU HXT  H  N N 188 
LYS N    N  N N 189 
LYS CA   C  N S 190 
LYS C    C  N N 191 
LYS O    O  N N 192 
LYS CB   C  N N 193 
LYS CG   C  N N 194 
LYS CD   C  N N 195 
LYS CE   C  N N 196 
LYS NZ   N  N N 197 
LYS OXT  O  N N 198 
LYS H    H  N N 199 
LYS H2   H  N N 200 
LYS HA   H  N N 201 
LYS HB2  H  N N 202 
LYS HB3  H  N N 203 
LYS HG2  H  N N 204 
LYS HG3  H  N N 205 
LYS HD2  H  N N 206 
LYS HD3  H  N N 207 
LYS HE2  H  N N 208 
LYS HE3  H  N N 209 
LYS HZ1  H  N N 210 
LYS HZ2  H  N N 211 
LYS HZ3  H  N N 212 
LYS HXT  H  N N 213 
MET N    N  N N 214 
MET CA   C  N S 215 
MET C    C  N N 216 
MET O    O  N N 217 
MET CB   C  N N 218 
MET CG   C  N N 219 
MET SD   S  N N 220 
MET CE   C  N N 221 
MET OXT  O  N N 222 
MET H    H  N N 223 
MET H2   H  N N 224 
MET HA   H  N N 225 
MET HB2  H  N N 226 
MET HB3  H  N N 227 
MET HG2  H  N N 228 
MET HG3  H  N N 229 
MET HE1  H  N N 230 
MET HE2  H  N N 231 
MET HE3  H  N N 232 
MET HXT  H  N N 233 
PHE N    N  N N 234 
PHE CA   C  N S 235 
PHE C    C  N N 236 
PHE O    O  N N 237 
PHE CB   C  N N 238 
PHE CG   C  Y N 239 
PHE CD1  C  Y N 240 
PHE CD2  C  Y N 241 
PHE CE1  C  Y N 242 
PHE CE2  C  Y N 243 
PHE CZ   C  Y N 244 
PHE OXT  O  N N 245 
PHE H    H  N N 246 
PHE H2   H  N N 247 
PHE HA   H  N N 248 
PHE HB2  H  N N 249 
PHE HB3  H  N N 250 
PHE HD1  H  N N 251 
PHE HD2  H  N N 252 
PHE HE1  H  N N 253 
PHE HE2  H  N N 254 
PHE HZ   H  N N 255 
PHE HXT  H  N N 256 
PRO N    N  N N 257 
PRO CA   C  N S 258 
PRO C    C  N N 259 
PRO O    O  N N 260 
PRO CB   C  N N 261 
PRO CG   C  N N 262 
PRO CD   C  N N 263 
PRO OXT  O  N N 264 
PRO H    H  N N 265 
PRO HA   H  N N 266 
PRO HB2  H  N N 267 
PRO HB3  H  N N 268 
PRO HG2  H  N N 269 
PRO HG3  H  N N 270 
PRO HD2  H  N N 271 
PRO HD3  H  N N 272 
PRO HXT  H  N N 273 
SER N    N  N N 274 
SER CA   C  N S 275 
SER C    C  N N 276 
SER O    O  N N 277 
SER CB   C  N N 278 
SER OG   O  N N 279 
SER OXT  O  N N 280 
SER H    H  N N 281 
SER H2   H  N N 282 
SER HA   H  N N 283 
SER HB2  H  N N 284 
SER HB3  H  N N 285 
SER HG   H  N N 286 
SER HXT  H  N N 287 
THR N    N  N N 288 
THR CA   C  N S 289 
THR C    C  N N 290 
THR O    O  N N 291 
THR CB   C  N R 292 
THR OG1  O  N N 293 
THR CG2  C  N N 294 
THR OXT  O  N N 295 
THR H    H  N N 296 
THR H2   H  N N 297 
THR HA   H  N N 298 
THR HB   H  N N 299 
THR HG1  H  N N 300 
THR HG21 H  N N 301 
THR HG22 H  N N 302 
THR HG23 H  N N 303 
THR HXT  H  N N 304 
TRP N    N  N N 305 
TRP CA   C  N S 306 
TRP C    C  N N 307 
TRP O    O  N N 308 
TRP CB   C  N N 309 
TRP CG   C  Y N 310 
TRP CD1  C  Y N 311 
TRP CD2  C  Y N 312 
TRP NE1  N  Y N 313 
TRP CE2  C  Y N 314 
TRP CE3  C  Y N 315 
TRP CZ2  C  Y N 316 
TRP CZ3  C  Y N 317 
TRP CH2  C  Y N 318 
TRP OXT  O  N N 319 
TRP H    H  N N 320 
TRP H2   H  N N 321 
TRP HA   H  N N 322 
TRP HB2  H  N N 323 
TRP HB3  H  N N 324 
TRP HD1  H  N N 325 
TRP HE1  H  N N 326 
TRP HE3  H  N N 327 
TRP HZ2  H  N N 328 
TRP HZ3  H  N N 329 
TRP HH2  H  N N 330 
TRP HXT  H  N N 331 
TYR N    N  N N 332 
TYR CA   C  N S 333 
TYR C    C  N N 334 
TYR O    O  N N 335 
TYR CB   C  N N 336 
TYR CG   C  Y N 337 
TYR CD1  C  Y N 338 
TYR CD2  C  Y N 339 
TYR CE1  C  Y N 340 
TYR CE2  C  Y N 341 
TYR CZ   C  Y N 342 
TYR OH   O  N N 343 
TYR OXT  O  N N 344 
TYR H    H  N N 345 
TYR H2   H  N N 346 
TYR HA   H  N N 347 
TYR HB2  H  N N 348 
TYR HB3  H  N N 349 
TYR HD1  H  N N 350 
TYR HD2  H  N N 351 
TYR HE1  H  N N 352 
TYR HE2  H  N N 353 
TYR HH   H  N N 354 
TYR HXT  H  N N 355 
VAL N    N  N N 356 
VAL CA   C  N S 357 
VAL C    C  N N 358 
VAL O    O  N N 359 
VAL CB   C  N N 360 
VAL CG1  C  N N 361 
VAL CG2  C  N N 362 
VAL OXT  O  N N 363 
VAL H    H  N N 364 
VAL H2   H  N N 365 
VAL HA   H  N N 366 
VAL HB   H  N N 367 
VAL HG11 H  N N 368 
VAL HG12 H  N N 369 
VAL HG13 H  N N 370 
VAL HG21 H  N N 371 
VAL HG22 H  N N 372 
VAL HG23 H  N N 373 
VAL HXT  H  N N 374 
# 
loop_
_chem_comp_bond.comp_id 
_chem_comp_bond.atom_id_1 
_chem_comp_bond.atom_id_2 
_chem_comp_bond.value_order 
_chem_comp_bond.pdbx_aromatic_flag 
_chem_comp_bond.pdbx_stereo_config 
_chem_comp_bond.pdbx_ordinal 
ALA N   CA   sing N N 1   
ALA N   H    sing N N 2   
ALA N   H2   sing N N 3   
ALA CA  C    sing N N 4   
ALA CA  CB   sing N N 5   
ALA CA  HA   sing N N 6   
ALA C   O    doub N N 7   
ALA C   OXT  sing N N 8   
ALA CB  HB1  sing N N 9   
ALA CB  HB2  sing N N 10  
ALA CB  HB3  sing N N 11  
ALA OXT HXT  sing N N 12  
ARG N   CA   sing N N 13  
ARG N   H    sing N N 14  
ARG N   H2   sing N N 15  
ARG CA  C    sing N N 16  
ARG CA  CB   sing N N 17  
ARG CA  HA   sing N N 18  
ARG C   O    doub N N 19  
ARG C   OXT  sing N N 20  
ARG CB  CG   sing N N 21  
ARG CB  HB2  sing N N 22  
ARG CB  HB3  sing N N 23  
ARG CG  CD   sing N N 24  
ARG CG  HG2  sing N N 25  
ARG CG  HG3  sing N N 26  
ARG CD  NE   sing N N 27  
ARG CD  HD2  sing N N 28  
ARG CD  HD3  sing N N 29  
ARG NE  CZ   sing N N 30  
ARG NE  HE   sing N N 31  
ARG CZ  NH1  sing N N 32  
ARG CZ  NH2  doub N N 33  
ARG NH1 HH11 sing N N 34  
ARG NH1 HH12 sing N N 35  
ARG NH2 HH21 sing N N 36  
ARG NH2 HH22 sing N N 37  
ARG OXT HXT  sing N N 38  
ASN N   CA   sing N N 39  
ASN N   H    sing N N 40  
ASN N   H2   sing N N 41  
ASN CA  C    sing N N 42  
ASN CA  CB   sing N N 43  
ASN CA  HA   sing N N 44  
ASN C   O    doub N N 45  
ASN C   OXT  sing N N 46  
ASN CB  CG   sing N N 47  
ASN CB  HB2  sing N N 48  
ASN CB  HB3  sing N N 49  
ASN CG  OD1  doub N N 50  
ASN CG  ND2  sing N N 51  
ASN ND2 HD21 sing N N 52  
ASN ND2 HD22 sing N N 53  
ASN OXT HXT  sing N N 54  
ASP N   CA   sing N N 55  
ASP N   H    sing N N 56  
ASP N   H2   sing N N 57  
ASP CA  C    sing N N 58  
ASP CA  CB   sing N N 59  
ASP CA  HA   sing N N 60  
ASP C   O    doub N N 61  
ASP C   OXT  sing N N 62  
ASP CB  CG   sing N N 63  
ASP CB  HB2  sing N N 64  
ASP CB  HB3  sing N N 65  
ASP CG  OD1  doub N N 66  
ASP CG  OD2  sing N N 67  
ASP OD2 HD2  sing N N 68  
ASP OXT HXT  sing N N 69  
GLN N   CA   sing N N 70  
GLN N   H    sing N N 71  
GLN N   H2   sing N N 72  
GLN CA  C    sing N N 73  
GLN CA  CB   sing N N 74  
GLN CA  HA   sing N N 75  
GLN C   O    doub N N 76  
GLN C   OXT  sing N N 77  
GLN CB  CG   sing N N 78  
GLN CB  HB2  sing N N 79  
GLN CB  HB3  sing N N 80  
GLN CG  CD   sing N N 81  
GLN CG  HG2  sing N N 82  
GLN CG  HG3  sing N N 83  
GLN CD  OE1  doub N N 84  
GLN CD  NE2  sing N N 85  
GLN NE2 HE21 sing N N 86  
GLN NE2 HE22 sing N N 87  
GLN OXT HXT  sing N N 88  
GLU N   CA   sing N N 89  
GLU N   H    sing N N 90  
GLU N   H2   sing N N 91  
GLU CA  C    sing N N 92  
GLU CA  CB   sing N N 93  
GLU CA  HA   sing N N 94  
GLU C   O    doub N N 95  
GLU C   OXT  sing N N 96  
GLU CB  CG   sing N N 97  
GLU CB  HB2  sing N N 98  
GLU CB  HB3  sing N N 99  
GLU CG  CD   sing N N 100 
GLU CG  HG2  sing N N 101 
GLU CG  HG3  sing N N 102 
GLU CD  OE1  doub N N 103 
GLU CD  OE2  sing N N 104 
GLU OE2 HE2  sing N N 105 
GLU OXT HXT  sing N N 106 
GLY N   CA   sing N N 107 
GLY N   H    sing N N 108 
GLY N   H2   sing N N 109 
GLY CA  C    sing N N 110 
GLY CA  HA2  sing N N 111 
GLY CA  HA3  sing N N 112 
GLY C   O    doub N N 113 
GLY C   OXT  sing N N 114 
GLY OXT HXT  sing N N 115 
HIS N   CA   sing N N 116 
HIS N   H    sing N N 117 
HIS N   H2   sing N N 118 
HIS CA  C    sing N N 119 
HIS CA  CB   sing N N 120 
HIS CA  HA   sing N N 121 
HIS C   O    doub N N 122 
HIS C   OXT  sing N N 123 
HIS CB  CG   sing N N 124 
HIS CB  HB2  sing N N 125 
HIS CB  HB3  sing N N 126 
HIS CG  ND1  sing Y N 127 
HIS CG  CD2  doub Y N 128 
HIS ND1 CE1  doub Y N 129 
HIS ND1 HD1  sing N N 130 
HIS CD2 NE2  sing Y N 131 
HIS CD2 HD2  sing N N 132 
HIS CE1 NE2  sing Y N 133 
HIS CE1 HE1  sing N N 134 
HIS NE2 HE2  sing N N 135 
HIS OXT HXT  sing N N 136 
ILE N   CA   sing N N 137 
ILE N   H    sing N N 138 
ILE N   H2   sing N N 139 
ILE CA  C    sing N N 140 
ILE CA  CB   sing N N 141 
ILE CA  HA   sing N N 142 
ILE C   O    doub N N 143 
ILE C   OXT  sing N N 144 
ILE CB  CG1  sing N N 145 
ILE CB  CG2  sing N N 146 
ILE CB  HB   sing N N 147 
ILE CG1 CD1  sing N N 148 
ILE CG1 HG12 sing N N 149 
ILE CG1 HG13 sing N N 150 
ILE CG2 HG21 sing N N 151 
ILE CG2 HG22 sing N N 152 
ILE CG2 HG23 sing N N 153 
ILE CD1 HD11 sing N N 154 
ILE CD1 HD12 sing N N 155 
ILE CD1 HD13 sing N N 156 
ILE OXT HXT  sing N N 157 
LEU N   CA   sing N N 158 
LEU N   H    sing N N 159 
LEU N   H2   sing N N 160 
LEU CA  C    sing N N 161 
LEU CA  CB   sing N N 162 
LEU CA  HA   sing N N 163 
LEU C   O    doub N N 164 
LEU C   OXT  sing N N 165 
LEU CB  CG   sing N N 166 
LEU CB  HB2  sing N N 167 
LEU CB  HB3  sing N N 168 
LEU CG  CD1  sing N N 169 
LEU CG  CD2  sing N N 170 
LEU CG  HG   sing N N 171 
LEU CD1 HD11 sing N N 172 
LEU CD1 HD12 sing N N 173 
LEU CD1 HD13 sing N N 174 
LEU CD2 HD21 sing N N 175 
LEU CD2 HD22 sing N N 176 
LEU CD2 HD23 sing N N 177 
LEU OXT HXT  sing N N 178 
LYS N   CA   sing N N 179 
LYS N   H    sing N N 180 
LYS N   H2   sing N N 181 
LYS CA  C    sing N N 182 
LYS CA  CB   sing N N 183 
LYS CA  HA   sing N N 184 
LYS C   O    doub N N 185 
LYS C   OXT  sing N N 186 
LYS CB  CG   sing N N 187 
LYS CB  HB2  sing N N 188 
LYS CB  HB3  sing N N 189 
LYS CG  CD   sing N N 190 
LYS CG  HG2  sing N N 191 
LYS CG  HG3  sing N N 192 
LYS CD  CE   sing N N 193 
LYS CD  HD2  sing N N 194 
LYS CD  HD3  sing N N 195 
LYS CE  NZ   sing N N 196 
LYS CE  HE2  sing N N 197 
LYS CE  HE3  sing N N 198 
LYS NZ  HZ1  sing N N 199 
LYS NZ  HZ2  sing N N 200 
LYS NZ  HZ3  sing N N 201 
LYS OXT HXT  sing N N 202 
MET N   CA   sing N N 203 
MET N   H    sing N N 204 
MET N   H2   sing N N 205 
MET CA  C    sing N N 206 
MET CA  CB   sing N N 207 
MET CA  HA   sing N N 208 
MET C   O    doub N N 209 
MET C   OXT  sing N N 210 
MET CB  CG   sing N N 211 
MET CB  HB2  sing N N 212 
MET CB  HB3  sing N N 213 
MET CG  SD   sing N N 214 
MET CG  HG2  sing N N 215 
MET CG  HG3  sing N N 216 
MET SD  CE   sing N N 217 
MET CE  HE1  sing N N 218 
MET CE  HE2  sing N N 219 
MET CE  HE3  sing N N 220 
MET OXT HXT  sing N N 221 
PHE N   CA   sing N N 222 
PHE N   H    sing N N 223 
PHE N   H2   sing N N 224 
PHE CA  C    sing N N 225 
PHE CA  CB   sing N N 226 
PHE CA  HA   sing N N 227 
PHE C   O    doub N N 228 
PHE C   OXT  sing N N 229 
PHE CB  CG   sing N N 230 
PHE CB  HB2  sing N N 231 
PHE CB  HB3  sing N N 232 
PHE CG  CD1  doub Y N 233 
PHE CG  CD2  sing Y N 234 
PHE CD1 CE1  sing Y N 235 
PHE CD1 HD1  sing N N 236 
PHE CD2 CE2  doub Y N 237 
PHE CD2 HD2  sing N N 238 
PHE CE1 CZ   doub Y N 239 
PHE CE1 HE1  sing N N 240 
PHE CE2 CZ   sing Y N 241 
PHE CE2 HE2  sing N N 242 
PHE CZ  HZ   sing N N 243 
PHE OXT HXT  sing N N 244 
PRO N   CA   sing N N 245 
PRO N   CD   sing N N 246 
PRO N   H    sing N N 247 
PRO CA  C    sing N N 248 
PRO CA  CB   sing N N 249 
PRO CA  HA   sing N N 250 
PRO C   O    doub N N 251 
PRO C   OXT  sing N N 252 
PRO CB  CG   sing N N 253 
PRO CB  HB2  sing N N 254 
PRO CB  HB3  sing N N 255 
PRO CG  CD   sing N N 256 
PRO CG  HG2  sing N N 257 
PRO CG  HG3  sing N N 258 
PRO CD  HD2  sing N N 259 
PRO CD  HD3  sing N N 260 
PRO OXT HXT  sing N N 261 
SER N   CA   sing N N 262 
SER N   H    sing N N 263 
SER N   H2   sing N N 264 
SER CA  C    sing N N 265 
SER CA  CB   sing N N 266 
SER CA  HA   sing N N 267 
SER C   O    doub N N 268 
SER C   OXT  sing N N 269 
SER CB  OG   sing N N 270 
SER CB  HB2  sing N N 271 
SER CB  HB3  sing N N 272 
SER OG  HG   sing N N 273 
SER OXT HXT  sing N N 274 
THR N   CA   sing N N 275 
THR N   H    sing N N 276 
THR N   H2   sing N N 277 
THR CA  C    sing N N 278 
THR CA  CB   sing N N 279 
THR CA  HA   sing N N 280 
THR C   O    doub N N 281 
THR C   OXT  sing N N 282 
THR CB  OG1  sing N N 283 
THR CB  CG2  sing N N 284 
THR CB  HB   sing N N 285 
THR OG1 HG1  sing N N 286 
THR CG2 HG21 sing N N 287 
THR CG2 HG22 sing N N 288 
THR CG2 HG23 sing N N 289 
THR OXT HXT  sing N N 290 
TRP N   CA   sing N N 291 
TRP N   H    sing N N 292 
TRP N   H2   sing N N 293 
TRP CA  C    sing N N 294 
TRP CA  CB   sing N N 295 
TRP CA  HA   sing N N 296 
TRP C   O    doub N N 297 
TRP C   OXT  sing N N 298 
TRP CB  CG   sing N N 299 
TRP CB  HB2  sing N N 300 
TRP CB  HB3  sing N N 301 
TRP CG  CD1  doub Y N 302 
TRP CG  CD2  sing Y N 303 
TRP CD1 NE1  sing Y N 304 
TRP CD1 HD1  sing N N 305 
TRP CD2 CE2  doub Y N 306 
TRP CD2 CE3  sing Y N 307 
TRP NE1 CE2  sing Y N 308 
TRP NE1 HE1  sing N N 309 
TRP CE2 CZ2  sing Y N 310 
TRP CE3 CZ3  doub Y N 311 
TRP CE3 HE3  sing N N 312 
TRP CZ2 CH2  doub Y N 313 
TRP CZ2 HZ2  sing N N 314 
TRP CZ3 CH2  sing Y N 315 
TRP CZ3 HZ3  sing N N 316 
TRP CH2 HH2  sing N N 317 
TRP OXT HXT  sing N N 318 
TYR N   CA   sing N N 319 
TYR N   H    sing N N 320 
TYR N   H2   sing N N 321 
TYR CA  C    sing N N 322 
TYR CA  CB   sing N N 323 
TYR CA  HA   sing N N 324 
TYR C   O    doub N N 325 
TYR C   OXT  sing N N 326 
TYR CB  CG   sing N N 327 
TYR CB  HB2  sing N N 328 
TYR CB  HB3  sing N N 329 
TYR CG  CD1  doub Y N 330 
TYR CG  CD2  sing Y N 331 
TYR CD1 CE1  sing Y N 332 
TYR CD1 HD1  sing N N 333 
TYR CD2 CE2  doub Y N 334 
TYR CD2 HD2  sing N N 335 
TYR CE1 CZ   doub Y N 336 
TYR CE1 HE1  sing N N 337 
TYR CE2 CZ   sing Y N 338 
TYR CE2 HE2  sing N N 339 
TYR CZ  OH   sing N N 340 
TYR OH  HH   sing N N 341 
TYR OXT HXT  sing N N 342 
VAL N   CA   sing N N 343 
VAL N   H    sing N N 344 
VAL N   H2   sing N N 345 
VAL CA  C    sing N N 346 
VAL CA  CB   sing N N 347 
VAL CA  HA   sing N N 348 
VAL C   O    doub N N 349 
VAL C   OXT  sing N N 350 
VAL CB  CG1  sing N N 351 
VAL CB  CG2  sing N N 352 
VAL CB  HB   sing N N 353 
VAL CG1 HG11 sing N N 354 
VAL CG1 HG12 sing N N 355 
VAL CG1 HG13 sing N N 356 
VAL CG2 HG21 sing N N 357 
VAL CG2 HG22 sing N N 358 
VAL CG2 HG23 sing N N 359 
VAL OXT HXT  sing N N 360 
# 
_pdbx_audit_support.funding_organization   'Biotechnology and Biological Sciences Research Council (BBSRC)' 
_pdbx_audit_support.country                'United Kingdom' 
_pdbx_audit_support.grant_number           ? 
_pdbx_audit_support.ordinal                1 
# 
_pdbx_initial_refinement_model.id               1 
_pdbx_initial_refinement_model.entity_id_list   ? 
_pdbx_initial_refinement_model.type             'in silico model' 
_pdbx_initial_refinement_model.source_name      AlphaFold 
_pdbx_initial_refinement_model.accession_code   ? 
_pdbx_initial_refinement_model.details          ? 
# 
_space_group.name_H-M_alt     'R 3 2 :H' 
_space_group.name_Hall        
;R 3 2"
;
_space_group.IT_number        155 
_space_group.crystal_system   trigonal 
_space_group.id               1 
# 
_atom_sites.entry_id                    8C26 
_atom_sites.Cartn_transf_matrix[1][1]   ? 
_atom_sites.Cartn_transf_matrix[1][2]   ? 
_atom_sites.Cartn_transf_matrix[1][3]   ? 
_atom_sites.Cartn_transf_matrix[2][1]   ? 
_atom_sites.Cartn_transf_matrix[2][2]   ? 
_atom_sites.Cartn_transf_matrix[2][3]   ? 
_atom_sites.Cartn_transf_matrix[3][1]   ? 
_atom_sites.Cartn_transf_matrix[3][2]   ? 
_atom_sites.Cartn_transf_matrix[3][3]   ? 
_atom_sites.Cartn_transf_vector[1]      ? 
_atom_sites.Cartn_transf_vector[2]      ? 
_atom_sites.Cartn_transf_vector[3]      ? 
_atom_sites.fract_transf_matrix[1][1]   -0.01452196 
_atom_sites.fract_transf_matrix[1][2]   0.00236503 
_atom_sites.fract_transf_matrix[1][3]   0.00844054 
_atom_sites.fract_transf_matrix[2][1]   0.00003509 
_atom_sites.fract_transf_matrix[2][2]   0.00053599 
_atom_sites.fract_transf_matrix[2][3]   0.01695349 
_atom_sites.fract_transf_matrix[3][1]   0.00072450 
_atom_sites.fract_transf_matrix[3][2]   0.00502046 
_atom_sites.fract_transf_matrix[3][3]   -0.00016022 
_atom_sites.fract_transf_vector[1]      0.051799 
_atom_sites.fract_transf_vector[2]      0.435764 
_atom_sites.fract_transf_vector[3]      -0.081715 
_atom_sites.solution_primary            ? 
_atom_sites.solution_secondary          ? 
_atom_sites.solution_hydrogens          ? 
_atom_sites.special_details             ? 
# 
loop_
_atom_type.symbol 
_atom_type.scat_dispersion_real 
_atom_type.scat_dispersion_imag 
_atom_type.scat_Cromer_Mann_a1 
_atom_type.scat_Cromer_Mann_a2 
_atom_type.scat_Cromer_Mann_a3 
_atom_type.scat_Cromer_Mann_a4 
_atom_type.scat_Cromer_Mann_b1 
_atom_type.scat_Cromer_Mann_b2 
_atom_type.scat_Cromer_Mann_b3 
_atom_type.scat_Cromer_Mann_b4 
_atom_type.scat_Cromer_Mann_c 
_atom_type.scat_source 
_atom_type.scat_dispersion_source 
C  ? ? 3.54356 2.42580 ? ? 25.62398 1.50364  ? ? 0.0 
;2-Gaussian fit: Grosse-Kunstleve RW, Sauter NK, Adams PD: Newsletter of the IUCr Commission on Crystallographic Computing 2004, 3, 22-31.
;
? 
CL ? ? 9.50761 7.44341 ? ? 1.04373  23.83732 ? ? 0.0 
;2-Gaussian fit: Grosse-Kunstleve RW, Sauter NK, Adams PD: Newsletter of the IUCr Commission on Crystallographic Computing 2004, 3, 22-31.
;
? 
N  ? ? 4.01032 2.96436 ? ? 19.97189 1.75589  ? ? 0.0 
;2-Gaussian fit: Grosse-Kunstleve RW, Sauter NK, Adams PD: Newsletter of the IUCr Commission on Crystallographic Computing 2004, 3, 22-31.
;
? 
O  ? ? 4.49882 3.47563 ? ? 15.80542 1.70748  ? ? 0.0 
;2-Gaussian fit: Grosse-Kunstleve RW, Sauter NK, Adams PD: Newsletter of the IUCr Commission on Crystallographic Computing 2004, 3, 22-31.
;
? 
# 
loop_
_atom_site.group_PDB 
_atom_site.id 
_atom_site.type_symbol 
_atom_site.label_atom_id 
_atom_site.label_alt_id 
_atom_site.label_comp_id 
_atom_site.label_asym_id 
_atom_site.label_entity_id 
_atom_site.label_seq_id 
_atom_site.pdbx_PDB_ins_code 
_atom_site.Cartn_x 
_atom_site.Cartn_y 
_atom_site.Cartn_z 
_atom_site.occupancy 
_atom_site.B_iso_or_equiv 
_atom_site.pdbx_formal_charge 
_atom_site.auth_seq_id 
_atom_site.auth_comp_id 
_atom_site.auth_asym_id 
_atom_site.auth_atom_id 
_atom_site.pdbx_PDB_model_num 
ATOM   1    N  N   . THR A 1 2  ? -8.32676  -17.86386 7.09165   1.000 105.02233 ? 2   THR A N   1 
ATOM   2    C  CA  . THR A 1 2  ? -7.41986  -16.73484 6.91301   1.000 106.94337 ? 2   THR A CA  1 
ATOM   3    C  C   . THR A 1 2  ? -7.39662  -16.23438 5.46842   1.000 110.24373 ? 2   THR A C   1 
ATOM   4    O  O   . THR A 1 2  ? -7.30983  -17.04263 4.54432   1.000 114.98769 ? 2   THR A O   1 
ATOM   5    C  CB  . THR A 1 2  ? -6.00109  -17.11129 7.32918   1.000 104.40748 ? 2   THR A CB  1 
ATOM   6    O  OG1 . THR A 1 2  ? -5.99600  -17.41617 8.72650   1.000 106.16076 ? 2   THR A OG1 1 
ATOM   7    C  CG2 . THR A 1 2  ? -5.02452  -15.97044 7.04397   1.000 97.94632  ? 2   THR A CG2 1 
ATOM   8    N  N   . ARG A 1 3  ? -7.46987  -14.90961 5.31263   1.000 108.30601 ? 3   ARG A N   1 
ATOM   9    C  CA  . ARG A 1 3  ? -7.43891  -14.29088 3.96634   1.000 108.14191 ? 3   ARG A CA  1 
ATOM   10   C  C   . ARG A 1 3  ? -5.98418  -14.13831 3.54230   1.000 108.60983 ? 3   ARG A C   1 
ATOM   11   O  O   . ARG A 1 3  ? -5.15326  -13.83328 4.40938   1.000 112.08481 ? 3   ARG A O   1 
ATOM   12   C  CB  . ARG A 1 3  ? -8.13923  -12.93247 3.99288   1.000 105.30210 ? 3   ARG A CB  1 
ATOM   13   C  CG  . ARG A 1 3  ? -9.63577  -13.00662 4.24645   1.000 108.48546 ? 3   ARG A CG  1 
ATOM   14   C  CD  . ARG A 1 3  ? -10.24738 -11.62271 4.20596   1.000 111.47907 ? 3   ARG A CD  1 
ATOM   15   N  NE  . ARG A 1 3  ? -11.66556 -11.67097 4.51658   1.000 122.09177 ? 3   ARG A NE  1 
ATOM   16   C  CZ  . ARG A 1 3  ? -12.43393 -10.60004 4.66640   1.000 124.73320 ? 3   ARG A CZ  1 
ATOM   17   N  NH1 . ARG A 1 3  ? -11.91671 -9.39090  4.53906   1.000 121.44850 ? 3   ARG A NH1 1 
ATOM   18   N  NH2 . ARG A 1 3  ? -13.71612 -10.74271 4.94570   1.000 125.46542 ? 3   ARG A NH2 1 
ATOM   19   N  N   . ARG A 1 4  ? -5.69981  -14.31836 2.25876   1.000 110.94802 ? 4   ARG A N   1 
ATOM   20   C  CA  . ARG A 1 4  ? -4.32658  -14.29083 1.76080   1.000 110.10423 ? 4   ARG A CA  1 
ATOM   21   C  C   . ARG A 1 4  ? -3.97370  -12.91113 1.23020   1.000 106.38368 ? 4   ARG A C   1 
ATOM   22   O  O   . ARG A 1 4  ? -4.78151  -12.26095 0.56099   1.000 107.57576 ? 4   ARG A O   1 
ATOM   23   C  CB  . ARG A 1 4  ? -4.10357  -15.34136 0.67099   1.000 114.88583 ? 4   ARG A CB  1 
ATOM   24   C  CG  . ARG A 1 4  ? -4.88491  -15.10650 -0.60246  1.000 115.89595 ? 4   ARG A CG  1 
ATOM   25   C  CD  . ARG A 1 4  ? -4.17373  -15.69544 -1.80892  1.000 114.57891 ? 4   ARG A CD  1 
ATOM   26   N  NE  . ARG A 1 4  ? -4.85420  -15.29981 -3.03663  1.000 116.11397 ? 4   ARG A NE  1 
ATOM   27   C  CZ  . ARG A 1 4  ? -4.67641  -14.12658 -3.63838  1.000 118.57069 ? 4   ARG A CZ  1 
ATOM   28   N  NH1 . ARG A 1 4  ? -3.83237  -13.23933 -3.12490  1.000 113.32876 ? 4   ARG A NH1 1 
ATOM   29   N  NH2 . ARG A 1 4  ? -5.34366  -13.84052 -4.75560  1.000 119.88251 ? 4   ARG A NH2 1 
ATOM   30   N  N   . LEU A 1 5  ? -2.74443  -12.48820 1.51144   1.000 103.73129 ? 5   LEU A N   1 
ATOM   31   C  CA  . LEU A 1 5  ? -2.32072  -11.10087 1.38166   1.000 103.60366 ? 5   LEU A CA  1 
ATOM   32   C  C   . LEU A 1 5  ? -1.32082  -10.93384 0.24074   1.000 106.26471 ? 5   LEU A C   1 
ATOM   33   O  O   . LEU A 1 5  ? -0.26377  -11.57694 0.23187   1.000 106.46585 ? 5   LEU A O   1 
ATOM   34   C  CB  . LEU A 1 5  ? -1.70715  -10.62091 2.69288   1.000 100.60486 ? 5   LEU A CB  1 
ATOM   35   C  CG  . LEU A 1 5  ? -1.11118  -9.21370  2.69818   1.000 101.43442 ? 5   LEU A CG  1 
ATOM   36   C  CD1 . LEU A 1 5  ? -2.21032  -8.16295  2.65223   1.000 98.40519  ? 5   LEU A CD1 1 
ATOM   37   C  CD2 . LEU A 1 5  ? -0.21140  -8.99997  3.89817   1.000 96.24800  ? 5   LEU A CD2 1 
ATOM   38   N  N   . ARG A 1 6  ? -1.63106  -10.00420 -0.66645  1.000 103.80864 ? 6   ARG A N   1 
ATOM   39   C  CA  . ARG A 1 6  ? -0.99282  -9.84663  -1.96540  1.000 106.20134 ? 6   ARG A CA  1 
ATOM   40   C  C   . ARG A 1 6  ? -0.79722  -8.35495  -2.23208  1.000 103.92005 ? 6   ARG A C   1 
ATOM   41   O  O   . ARG A 1 6  ? -1.66400  -7.54280  -1.89378  1.000 100.86917 ? 6   ARG A O   1 
ATOM   42   C  CB  . ARG A 1 6  ? -1.88337  -10.54044 -3.02617  1.000 110.37157 ? 6   ARG A CB  1 
ATOM   43   C  CG  . ARG A 1 6  ? -1.67731  -10.21608 -4.50558  1.000 114.28034 ? 6   ARG A CG  1 
ATOM   44   C  CD  . ARG A 1 6  ? -3.02421  -10.37068 -5.30431  1.000 117.53620 ? 6   ARG A CD  1 
ATOM   45   N  NE  . ARG A 1 6  ? -2.92743  -11.17101 -6.53684  1.000 120.93987 ? 6   ARG A NE  1 
ATOM   46   C  CZ  . ARG A 1 6  ? -3.91898  -11.33602 -7.41702  1.000 121.46980 ? 6   ARG A CZ  1 
ATOM   47   N  NH1 . ARG A 1 6  ? -5.09693  -10.75044 -7.22299  1.000 118.13820 ? 6   ARG A NH1 1 
ATOM   48   N  NH2 . ARG A 1 6  ? -3.73131  -12.08509 -8.50128  1.000 126.43984 ? 6   ARG A NH2 1 
ATOM   49   N  N   . VAL A 1 7  ? 0.34212   -7.98211  -2.81851  1.000 104.02006 ? 7   VAL A N   1 
ATOM   50   C  CA  . VAL A 1 7  ? 0.70001   -6.57546  -2.98878  1.000 98.26317  ? 7   VAL A CA  1 
ATOM   51   C  C   . VAL A 1 7  ? 1.04803   -6.31022  -4.44361  1.000 103.74871 ? 7   VAL A C   1 
ATOM   52   O  O   . VAL A 1 7  ? 2.00257   -6.89528  -4.96636  1.000 110.11576 ? 7   VAL A O   1 
ATOM   53   C  CB  . VAL A 1 7  ? 1.88678   -6.17762  -2.10237  1.000 97.75525  ? 7   VAL A CB  1 
ATOM   54   C  CG1 . VAL A 1 7  ? 2.16422   -4.69085  -2.24799  1.000 93.27927  ? 7   VAL A CG1 1 
ATOM   55   C  CG2 . VAL A 1 7  ? 1.62794   -6.55352  -0.67123  1.000 93.59534  ? 7   VAL A CG2 1 
ATOM   56   N  N   . HIS A 1 8  ? 0.31771   -5.40249  -5.08611  1.000 100.63943 ? 8   HIS A N   1 
ATOM   57   C  CA  . HIS A 1 8  ? 0.74077   -4.95786  -6.40870  1.000 106.01260 ? 8   HIS A CA  1 
ATOM   58   C  C   . HIS A 1 8  ? 2.12930   -4.33788  -6.32812  1.000 105.07692 ? 8   HIS A C   1 
ATOM   59   O  O   . HIS A 1 8  ? 2.52348   -3.78677  -5.29984  1.000 102.71570 ? 8   HIS A O   1 
ATOM   60   C  CB  . HIS A 1 8  ? -0.24045  -3.94649  -6.99692  1.000 104.96624 ? 8   HIS A CB  1 
ATOM   61   C  CG  . HIS A 1 8  ? -0.05373  -3.70700  -8.46761  1.000 108.75768 ? 8   HIS A CG  1 
ATOM   62   N  ND1 . HIS A 1 8  ? 0.84770   -2.78956  -8.96572  1.000 107.31285 ? 8   HIS A ND1 1 
ATOM   63   C  CD2 . HIS A 1 8  ? -0.65731  -4.26084  -9.54641  1.000 109.23631 ? 8   HIS A CD2 1 
ATOM   64   C  CE1 . HIS A 1 8  ? 0.79143   -2.78921  -10.28628 1.000 106.35039 ? 8   HIS A CE1 1 
ATOM   65   N  NE2 . HIS A 1 8  ? -0.11597  -3.67211  -10.66469 1.000 106.31574 ? 8   HIS A NE2 1 
ATOM   66   N  N   . ASN A 1 9  ? 2.88086   -4.43501  -7.43016  1.000 108.14651 ? 9   ASN A N   1 
ATOM   67   C  CA  . ASN A 1 9  ? 4.25084   -3.93081  -7.41892  1.000 106.46253 ? 9   ASN A CA  1 
ATOM   68   C  C   . ASN A 1 9  ? 4.29670   -2.40904  -7.48314  1.000 103.65504 ? 9   ASN A C   1 
ATOM   69   O  O   . ASN A 1 9  ? 5.17605   -1.79367  -6.87209  1.000 104.71269 ? 9   ASN A O   1 
ATOM   70   C  CB  . ASN A 1 9  ? 5.05348   -4.53615  -8.56703  1.000 107.23235 ? 9   ASN A CB  1 
ATOM   71   C  CG  . ASN A 1 9  ? 5.27146   -6.02719  -8.40528  1.000 114.86614 ? 9   ASN A CG  1 
ATOM   72   O  OD1 . ASN A 1 9  ? 5.12213   -6.58137  -7.31391  1.000 113.22363 ? 9   ASN A OD1 1 
ATOM   73   N  ND2 . ASN A 1 9  ? 5.63120   -6.69021  -9.49962  1.000 122.52026 ? 9   ASN A ND2 1 
ATOM   74   N  N   . GLY A 1 10 ? 3.35711   -1.78357  -8.19231  1.000 100.88748 ? 10  GLY A N   1 
ATOM   75   C  CA  . GLY A 1 10 ? 3.31591   -0.33415  -8.32009  1.000 101.21104 ? 10  GLY A CA  1 
ATOM   76   C  C   . GLY A 1 10 ? 3.24214   0.39612   -6.99335  1.000 100.71535 ? 10  GLY A C   1 
ATOM   77   O  O   . GLY A 1 10 ? 3.36958   1.62408   -6.93138  1.000 101.06195 ? 10  GLY A O   1 
ATOM   78   N  N   . VAL A 1 11 ? 3.00238   -0.36511  -5.92526  1.000 98.73799  ? 11  VAL A N   1 
ATOM   79   C  CA  . VAL A 1 11 ? 3.05623   0.17861   -4.57688  1.000 99.11844  ? 11  VAL A CA  1 
ATOM   80   C  C   . VAL A 1 11 ? 4.47737   0.60176   -4.24502  1.000 102.01256 ? 11  VAL A C   1 
ATOM   81   O  O   . VAL A 1 11 ? 4.71443   1.71449   -3.75043  1.000 98.92535  ? 11  VAL A O   1 
ATOM   82   C  CB  . VAL A 1 11 ? 2.52603   -0.86024  -3.57545  1.000 95.66803  ? 11  VAL A CB  1 
ATOM   83   C  CG1 . VAL A 1 11 ? 2.55667   -0.30832  -2.17025  1.000 90.80482  ? 11  VAL A CG1 1 
ATOM   84   C  CG2 . VAL A 1 11 ? 1.12947   -1.30314  -3.97177  1.000 93.86589  ? 11  VAL A CG2 1 
ATOM   85   N  N   . GLU A 1 12 ? 5.44065   -0.29645  -4.49976  1.000 104.14297 ? 12  GLU A N   1 
ATOM   86   C  CA  . GLU A 1 12 ? 6.86016   0.04656   -4.50054  1.000 104.10856 ? 12  GLU A CA  1 
ATOM   87   C  C   . GLU A 1 12 ? 7.10282   1.38827   -5.16777  1.000 99.95079  ? 12  GLU A C   1 
ATOM   88   O  O   . GLU A 1 12 ? 7.80009   2.24621   -4.62105  1.000 104.41508 ? 12  GLU A O   1 
ATOM   89   C  CB  . GLU A 1 12 ? 7.66157   -1.05006  -5.21090  1.000 103.86148 ? 12  GLU A CB  1 
ATOM   90   C  CG  . GLU A 1 12 ? 9.11241   -0.68466  -5.54061  1.000 107.18072 ? 12  GLU A CG  1 
ATOM   91   C  CD  . GLU A 1 12 ? 10.00344  -1.92082  -5.68847  1.000 113.81775 ? 12  GLU A CD  1 
ATOM   92   O  OE1 . GLU A 1 12 ? 11.23117  -1.81073  -5.46137  1.000 116.18674 ? 12  GLU A OE1 1 
ATOM   93   O  OE2 . GLU A 1 12 ? 9.47246   -3.00896  -6.01315  1.000 112.20891 ? 12  GLU A OE2 1 
ATOM   94   N  N   . ASP A 1 13 ? 6.52399   1.58566   -6.35141  1.000 98.33587  ? 13  ASP A N   1 
ATOM   95   C  CA  . ASP A 1 13 ? 6.57490   2.89438   -6.98718  1.000 102.82109 ? 13  ASP A CA  1 
ATOM   96   C  C   . ASP A 1 13 ? 5.98898   3.95479   -6.05701  1.000 102.92137 ? 13  ASP A C   1 
ATOM   97   O  O   . ASP A 1 13 ? 6.67063   4.91862   -5.68369  1.000 100.16866 ? 13  ASP A O   1 
ATOM   98   C  CB  . ASP A 1 13 ? 5.83065   2.86670   -8.33745  1.000 106.81204 ? 13  ASP A CB  1 
ATOM   99   C  CG  . ASP A 1 13 ? 6.31601   1.73912   -9.29330  1.000 107.22570 ? 13  ASP A CG  1 
ATOM   100  O  OD1 . ASP A 1 13 ? 7.49901   1.31259   -9.20022  1.000 105.27302 ? 13  ASP A OD1 1 
ATOM   101  O  OD2 . ASP A 1 13 ? 5.50018   1.29359   -10.15497 1.000 105.02121 ? 13  ASP A OD2 1 
ATOM   102  N  N   . ASP A 1 14 ? 4.73388   3.75726   -5.63196  1.000 102.06355 ? 14  ASP A N   1 
ATOM   103  C  CA  . ASP A 1 14 ? 4.05022   4.74082   -4.79621  1.000 99.42257  ? 14  ASP A CA  1 
ATOM   104  C  C   . ASP A 1 14 ? 4.84971   5.08658   -3.55517  1.000 98.82668  ? 14  ASP A C   1 
ATOM   105  O  O   . ASP A 1 14 ? 4.86184   6.24293   -3.12251  1.000 97.20445  ? 14  ASP A O   1 
ATOM   106  C  CB  . ASP A 1 14 ? 2.68545   4.21708   -4.38263  1.000 95.74152  ? 14  ASP A CB  1 
ATOM   107  C  CG  . ASP A 1 14 ? 1.71775   4.17790   -5.51996  1.000 101.67970 ? 14  ASP A CG  1 
ATOM   108  O  OD1 . ASP A 1 14 ? 2.00222   4.81533   -6.55921  1.000 105.25007 ? 14  ASP A OD1 1 
ATOM   109  O  OD2 . ASP A 1 14 ? 0.67382   3.49930   -5.37228  1.000 103.90094 ? 14  ASP A OD2 1 
ATOM   110  N  N   . LEU A 1 15 ? 5.51093   4.09128   -2.95978  1.000 98.51186  ? 15  LEU A N   1 
ATOM   111  C  CA  . LEU A 1 15 ? 6.31100   4.30024   -1.75844  1.000 98.59389  ? 15  LEU A CA  1 
ATOM   112  C  C   . LEU A 1 15 ? 7.43257   5.30553   -1.99264  1.000 103.00684 ? 15  LEU A C   1 
ATOM   113  O  O   . LEU A 1 15 ? 7.40769   6.40362   -1.43101  1.000 101.06989 ? 15  LEU A O   1 
ATOM   114  C  CB  . LEU A 1 15 ? 6.89435   2.98049   -1.26069  1.000 95.92165  ? 15  LEU A CB  1 
ATOM   115  C  CG  . LEU A 1 15 ? 5.86769   2.03053   -0.63724  1.000 96.06870  ? 15  LEU A CG  1 
ATOM   116  C  CD1 . LEU A 1 15 ? 6.47981   1.03795   0.35936   1.000 90.60514  ? 15  LEU A CD1 1 
ATOM   117  C  CD2 . LEU A 1 15 ? 4.77029   2.81139   0.02169   1.000 91.55656  ? 15  LEU A CD2 1 
ATOM   118  N  N   . PHE A 1 16 ? 8.40928   4.94568   -2.83372  1.000 105.68130 ? 16  PHE A N   1 
ATOM   119  C  CA  . PHE A 1 16 ? 9.56919   5.81092   -3.03856  1.000 101.56504 ? 16  PHE A CA  1 
ATOM   120  C  C   . PHE A 1 16 ? 9.17536   7.18336   -3.56238  1.000 104.43653 ? 16  PHE A C   1 
ATOM   121  O  O   . PHE A 1 16 ? 9.84391   8.18131   -3.25614  1.000 103.77163 ? 16  PHE A O   1 
ATOM   122  C  CB  . PHE A 1 16 ? 10.55360  5.13854   -3.97682  1.000 99.46384  ? 16  PHE A CB  1 
ATOM   123  C  CG  . PHE A 1 16 ? 11.22588  3.95373   -3.37847  1.000 105.46918 ? 16  PHE A CG  1 
ATOM   124  C  CD1 . PHE A 1 16 ? 12.39779  4.09850   -2.66511  1.000 105.77799 ? 16  PHE A CD1 1 
ATOM   125  C  CD2 . PHE A 1 16 ? 10.67807  2.68914   -3.51144  1.000 108.65887 ? 16  PHE A CD2 1 
ATOM   126  C  CE1 . PHE A 1 16 ? 13.02118  3.00139   -2.10545  1.000 110.65314 ? 16  PHE A CE1 1 
ATOM   127  C  CE2 . PHE A 1 16 ? 11.29735  1.58461   -2.94954  1.000 109.29282 ? 16  PHE A CE2 1 
ATOM   128  C  CZ  . PHE A 1 16 ? 12.46729  1.74349   -2.24663  1.000 111.13299 ? 16  PHE A CZ  1 
ATOM   129  N  N   . GLU A 1 17 ? 8.09469   7.25678   -4.34285  1.000 100.66970 ? 17  GLU A N   1 
ATOM   130  C  CA  . GLU A 1 17 ? 7.52389   8.54690   -4.69862  1.000 99.87249  ? 17  GLU A CA  1 
ATOM   131  C  C   . GLU A 1 17 ? 7.25253   9.38396   -3.45288  1.000 106.10104 ? 17  GLU A C   1 
ATOM   132  O  O   . GLU A 1 17 ? 7.30947   10.61845  -3.50503  1.000 110.38919 ? 17  GLU A O   1 
ATOM   133  C  CB  . GLU A 1 17 ? 6.25068   8.32840   -5.51949  1.000 96.63570  ? 17  GLU A CB  1 
ATOM   134  C  CG  . GLU A 1 17 ? 5.62236   9.58003   -6.10603  1.000 95.48340  ? 17  GLU A CG  1 
ATOM   135  C  CD  . GLU A 1 17 ? 4.46387   9.24437   -7.03850  1.000 107.25677 ? 17  GLU A CD  1 
ATOM   136  O  OE1 . GLU A 1 17 ? 4.30202   8.03975   -7.34825  1.000 110.57033 ? 17  GLU A OE1 1 
ATOM   137  O  OE2 . GLU A 1 17 ? 3.71283   10.16649  -7.45029  1.000 106.92705 ? 17  GLU A OE2 1 
ATOM   138  N  N   . ALA A 1 18 ? 6.99555   8.73572   -2.31129  1.000 106.27288 ? 18  ALA A N   1 
ATOM   139  C  CA  . ALA A 1 18 ? 6.80451   9.45732   -1.05807  1.000 105.56731 ? 18  ALA A CA  1 
ATOM   140  C  C   . ALA A 1 18 ? 8.10048   9.62967   -0.28181  1.000 105.20127 ? 18  ALA A C   1 
ATOM   141  O  O   . ALA A 1 18 ? 8.34112   10.71198  0.25776   1.000 105.82245 ? 18  ALA A O   1 
ATOM   142  C  CB  . ALA A 1 18 ? 5.78278   8.73505   -0.18270  1.000 104.75888 ? 18  ALA A CB  1 
ATOM   143  N  N   . PHE A 1 19 ? 8.92603   8.57382   -0.20711  1.000 104.36517 ? 19  PHE A N   1 
ATOM   144  C  CA  . PHE A 1 19 ? 10.22943  8.66276   0.45971   1.000 107.79350 ? 19  PHE A CA  1 
ATOM   145  C  C   . PHE A 1 19 ? 11.03111  9.84829   -0.03966  1.000 112.83414 ? 19  PHE A C   1 
ATOM   146  O  O   . PHE A 1 19 ? 11.72788  10.51062  0.74236   1.000 113.34430 ? 19  PHE A O   1 
ATOM   147  C  CB  . PHE A 1 19 ? 11.06084  7.40390   0.21765   1.000 105.57817 ? 19  PHE A CB  1 
ATOM   148  C  CG  . PHE A 1 19 ? 10.43799  6.15541   0.72465   1.000 108.10539 ? 19  PHE A CG  1 
ATOM   149  C  CD1 . PHE A 1 19 ? 9.72733   6.15218   1.90781   1.000 107.95519 ? 19  PHE A CD1 1 
ATOM   150  C  CD2 . PHE A 1 19 ? 10.56952  4.97467   0.01933   1.000 104.96673 ? 19  PHE A CD2 1 
ATOM   151  C  CE1 . PHE A 1 19 ? 9.15374   4.99241   2.37688   1.000 105.38198 ? 19  PHE A CE1 1 
ATOM   152  C  CE2 . PHE A 1 19 ? 9.99617   3.80937   0.47457   1.000 105.74391 ? 19  PHE A CE2 1 
ATOM   153  C  CZ  . PHE A 1 19 ? 9.28850   3.81285   1.65952   1.000 104.36500 ? 19  PHE A CZ  1 
ATOM   154  N  N   . SER A 1 20 ? 10.99243  10.08272  -1.35765  1.000 112.77062 ? 20  SER A N   1 
ATOM   155  C  CA  . SER A 1 20 ? 11.63002  11.22809  -1.98848  1.000 111.31483 ? 20  SER A CA  1 
ATOM   156  C  C   . SER A 1 20 ? 11.51418  12.47137  -1.12109  1.000 112.96150 ? 20  SER A C   1 
ATOM   157  O  O   . SER A 1 20 ? 12.51702  13.11143  -0.79322  1.000 120.83304 ? 20  SER A O   1 
ATOM   158  C  CB  . SER A 1 20 ? 10.98952  11.47808  -3.35474  1.000 109.23888 ? 20  SER A CB  1 
ATOM   159  O  OG  . SER A 1 20 ? 9.66043   11.94691  -3.19472  1.000 109.16461 ? 20  SER A OG  1 
ATOM   160  N  N   . TYR A 1 21 ? 10.28963  12.75222  -0.67721  1.000 109.93224 ? 21  TYR A N   1 
ATOM   161  C  CA  . TYR A 1 21 ? 10.04408  13.98449  0.11376   1.000 110.33742 ? 21  TYR A CA  1 
ATOM   162  C  C   . TYR A 1 21 ? 10.72175  13.90816  1.48346   1.000 111.90618 ? 21  TYR A C   1 
ATOM   163  O  O   . TYR A 1 21 ? 10.52867  14.83894  2.28184   1.000 106.00471 ? 21  TYR A O   1 
ATOM   164  C  CB  . TYR A 1 21 ? 8.54372   14.19808  0.30721   1.000 106.19514 ? 21  TYR A CB  1 
ATOM   165  C  CG  . TYR A 1 21 ? 7.74691   14.38184  -0.95858  1.000 108.12182 ? 21  TYR A CG  1 
ATOM   166  C  CD1 . TYR A 1 21 ? 7.40818   13.30154  -1.75214  1.000 108.40615 ? 21  TYR A CD1 1 
ATOM   167  C  CD2 . TYR A 1 21 ? 7.31049   15.63641  -1.34552  1.000 107.13148 ? 21  TYR A CD2 1 
ATOM   168  C  CE1 . TYR A 1 21 ? 6.66968   13.46408  -2.91233  1.000 107.22122 ? 21  TYR A CE1 1 
ATOM   169  C  CE2 . TYR A 1 21 ? 6.56948   15.81668  -2.50026  1.000 109.76028 ? 21  TYR A CE2 1 
ATOM   170  C  CZ  . TYR A 1 21 ? 6.24856   14.72696  -3.28656  1.000 111.70164 ? 21  TYR A CZ  1 
ATOM   171  O  OH  . TYR A 1 21 ? 5.51747   14.89917  -4.42706  1.000 113.49331 ? 21  TYR A OH  1 
ATOM   172  N  N   . TYR A 1 22 ? 11.48135  12.84675  1.75056   1.000 112.02591 ? 22  TYR A N   1 
ATOM   173  C  CA  . TYR A 1 22 ? 12.06326  12.71524  3.08018   1.000 113.48050 ? 22  TYR A CA  1 
ATOM   174  C  C   . TYR A 1 22 ? 13.54376  12.42287  3.05234   1.000 117.24403 ? 22  TYR A C   1 
ATOM   175  O  O   . TYR A 1 22 ? 14.26098  12.90654  3.93501   1.000 120.88292 ? 22  TYR A O   1 
ATOM   176  C  CB  . TYR A 1 22 ? 11.35399  11.62234  3.89059   1.000 111.31201 ? 22  TYR A CB  1 
ATOM   177  C  CG  . TYR A 1 22 ? 9.93394   11.99379  4.10389   1.000 108.47760 ? 22  TYR A CG  1 
ATOM   178  C  CD1 . TYR A 1 22 ? 9.60436   13.04361  4.94282   1.000 109.42458 ? 22  TYR A CD1 1 
ATOM   179  C  CD2 . TYR A 1 22 ? 8.91948   11.35793  3.41174   1.000 107.14946 ? 22  TYR A CD2 1 
ATOM   180  C  CE1 . TYR A 1 22 ? 8.28821   13.42733  5.12351   1.000 110.32648 ? 22  TYR A CE1 1 
ATOM   181  C  CE2 . TYR A 1 22 ? 7.59933   11.73474  3.57965   1.000 109.27899 ? 22  TYR A CE2 1 
ATOM   182  C  CZ  . TYR A 1 22 ? 7.28759   12.76845  4.43806   1.000 107.33768 ? 22  TYR A CZ  1 
ATOM   183  O  OH  . TYR A 1 22 ? 5.97748   13.14486  4.60696   1.000 106.65760 ? 22  TYR A OH  1 
ATOM   184  N  N   . ALA A 1 23 ? 14.02139  11.64069  2.08358   1.000 117.52779 ? 23  ALA A N   1 
ATOM   185  C  CA  . ALA A 1 23 ? 15.44471  11.33690  2.04122   1.000 116.09189 ? 23  ALA A CA  1 
ATOM   186  C  C   . ALA A 1 23 ? 16.22848  12.64503  2.04026   1.000 115.81369 ? 23  ALA A C   1 
ATOM   187  O  O   . ALA A 1 23 ? 15.66292  13.72084  1.77130   1.000 115.44857 ? 23  ALA A O   1 
ATOM   188  C  CB  . ALA A 1 23 ? 15.79388  10.47253  0.83020   1.000 114.21852 ? 23  ALA A CB  1 
ATOM   189  N  N   . ASP A 1 24 ? 17.50236  12.55945  2.42652   1.000 111.93972 ? 24  ASP A N   1 
ATOM   190  C  CA  . ASP A 1 24 ? 18.37374  13.76121  2.46576   1.000 108.85840 ? 24  ASP A CA  1 
ATOM   191  C  C   . ASP A 1 24 ? 17.98580  14.63662  3.65750   1.000 104.67348 ? 24  ASP A C   1 
ATOM   192  O  O   . ASP A 1 24 ? 18.83384  14.81552  4.54554   1.000 109.24816 ? 24  ASP A O   1 
ATOM   193  C  CB  . ASP A 1 24 ? 18.32657  14.51100  1.13550   1.000 103.02794 ? 24  ASP A CB  1 
ATOM   194  C  CG  . ASP A 1 24 ? 18.26329  13.58216  -0.06462  1.000 110.83004 ? 24  ASP A CG  1 
ATOM   195  O  OD1 . ASP A 1 24 ? 19.01536  12.58981  -0.07482  1.000 107.88274 ? 24  ASP A OD1 1 
ATOM   196  O  OD2 . ASP A 1 24 ? 17.45262  13.85124  -0.96890  1.000 116.47874 ? 24  ASP A OD2 1 
ATOM   197  N  N   . ALA A 1 25 ? 16.75578  15.13858  3.68820   1.000 103.78163 ? 25  ALA A N   1 
ATOM   198  C  CA  . ALA A 1 25 ? 16.33438  16.06680  4.73626   1.000 107.75749 ? 25  ALA A CA  1 
ATOM   199  C  C   . ALA A 1 25 ? 15.88243  15.35802  6.01324   1.000 110.76176 ? 25  ALA A C   1 
ATOM   200  O  O   . ALA A 1 25 ? 16.23685  15.78898  7.11944   1.000 111.71007 ? 25  ALA A O   1 
ATOM   201  C  CB  . ALA A 1 25 ? 15.21852  16.97253  4.21969   1.000 102.84819 ? 25  ALA A CB  1 
ATOM   202  N  N   . ALA A 1 26 ? 15.10396  14.28071  5.89083   1.000 113.69674 ? 26  ALA A N   1 
ATOM   203  C  CA  . ALA A 1 26 ? 14.48112  13.62472  7.03542   1.000 110.50897 ? 26  ALA A CA  1 
ATOM   204  C  C   . ALA A 1 26 ? 14.61981  12.11212  6.95489   1.000 108.34694 ? 26  ALA A C   1 
ATOM   205  O  O   . ALA A 1 26 ? 13.61995  11.40277  7.09845   1.000 110.84129 ? 26  ALA A O   1 
ATOM   206  C  CB  . ALA A 1 26 ? 12.99898  13.99059  7.10996   1.000 104.80300 ? 26  ALA A CB  1 
ATOM   207  N  N   . PRO A 1 27 ? 15.82670  11.57324  6.77133   1.000 107.80193 ? 27  PRO A N   1 
ATOM   208  C  CA  . PRO A 1 27 ? 15.93630  10.14185  6.44317   1.000 110.10301 ? 27  PRO A CA  1 
ATOM   209  C  C   . PRO A 1 27 ? 15.30186  9.24254   7.48142   1.000 110.05410 ? 27  PRO A C   1 
ATOM   210  O  O   . PRO A 1 27 ? 14.98338  8.08689   7.17444   1.000 108.33433 ? 27  PRO A O   1 
ATOM   211  C  CB  . PRO A 1 27 ? 17.45338  9.91288   6.35022   1.000 107.80546 ? 27  PRO A CB  1 
ATOM   212  C  CG  . PRO A 1 27 ? 18.06862  11.27116  6.33502   1.000 108.11180 ? 27  PRO A CG  1 
ATOM   213  C  CD  . PRO A 1 27 ? 17.13489  12.15856  7.08128   1.000 104.88413 ? 27  PRO A CD  1 
ATOM   214  N  N   . ASP A 1 28 ? 15.09757  9.73859   8.70278   1.000 112.06166 ? 28  ASP A N   1 
ATOM   215  C  CA  . ASP A 1 28 ? 14.48287  8.91292   9.73066   1.000 114.26497 ? 28  ASP A CA  1 
ATOM   216  C  C   . ASP A 1 28 ? 13.03258  8.59572   9.38751   1.000 114.84932 ? 28  ASP A C   1 
ATOM   217  O  O   . ASP A 1 28 ? 12.55497  7.48863   9.66062   1.000 115.34803 ? 28  ASP A O   1 
ATOM   218  C  CB  . ASP A 1 28 ? 14.58206  9.60311   11.09033  1.000 116.20776 ? 28  ASP A CB  1 
ATOM   219  C  CG  . ASP A 1 28 ? 15.93226  9.39281   11.74651  1.000 123.91019 ? 28  ASP A CG  1 
ATOM   220  O  OD1 . ASP A 1 28 ? 16.62617  8.42500   11.35546  1.000 122.98901 ? 28  ASP A OD1 1 
ATOM   221  O  OD2 . ASP A 1 28 ? 16.29852  10.18261  12.65225  1.000 128.44950 ? 28  ASP A OD2 1 
ATOM   222  N  N   . GLN A 1 29 ? 12.32289  9.54890   8.77355   1.000 110.59371 ? 29  GLN A N   1 
ATOM   223  C  CA  . GLN A 1 29 ? 10.94020  9.30035   8.38507   1.000 106.67011 ? 29  GLN A CA  1 
ATOM   224  C  C   . GLN A 1 29 ? 10.80949  8.09795   7.46187   1.000 110.21615 ? 29  GLN A C   1 
ATOM   225  O  O   . GLN A 1 29 ? 9.80381   7.38196   7.52961   1.000 112.79111 ? 29  GLN A O   1 
ATOM   226  C  CB  . GLN A 1 29 ? 10.35266  10.52480  7.70125   1.000 105.01235 ? 29  GLN A CB  1 
ATOM   227  C  CG  . GLN A 1 29 ? 10.49435  11.78693  8.48647   1.000 105.59030 ? 29  GLN A CG  1 
ATOM   228  C  CD  . GLN A 1 29 ? 9.83866   11.71233  9.83586   1.000 108.70041 ? 29  GLN A CD  1 
ATOM   229  O  OE1 . GLN A 1 29 ? 10.37000  11.10419  10.76244  1.000 111.63819 ? 29  GLN A OE1 1 
ATOM   230  N  NE2 . GLN A 1 29 ? 8.67974   12.35176  9.96612   1.000 109.48392 ? 29  GLN A NE2 1 
ATOM   231  N  N   . ILE A 1 30 ? 11.80032  7.85663   6.59802   1.000 109.51345 ? 30  ILE A N   1 
ATOM   232  C  CA  . ILE A 1 30 ? 11.67291  6.79491   5.60033   1.000 110.31806 ? 30  ILE A CA  1 
ATOM   233  C  C   . ILE A 1 30 ? 11.36522  5.45779   6.27556   1.000 109.67308 ? 30  ILE A C   1 
ATOM   234  O  O   . ILE A 1 30 ? 10.41269  4.75945   5.90141   1.000 105.36397 ? 30  ILE A O   1 
ATOM   235  C  CB  . ILE A 1 30 ? 12.93661  6.72192   4.71958   1.000 110.94920 ? 30  ILE A CB  1 
ATOM   236  C  CG1 . ILE A 1 30 ? 13.06833  7.98467   3.86397   1.000 113.54015 ? 30  ILE A CG1 1 
ATOM   237  C  CG2 . ILE A 1 30 ? 12.88708  5.50812   3.80658   1.000 108.86624 ? 30  ILE A CG2 1 
ATOM   238  C  CD1 . ILE A 1 30 ? 14.02684  7.83608   2.68710   1.000 113.05169 ? 30  ILE A CD1 1 
ATOM   239  N  N   . ASP A 1 31 ? 12.14404  5.09609   7.30089   1.000 110.86967 ? 31  ASP A N   1 
ATOM   240  C  CA  . ASP A 1 31 ? 11.86121  3.86225   8.03083   1.000 109.58178 ? 31  ASP A CA  1 
ATOM   241  C  C   . ASP A 1 31 ? 10.55862  3.96525   8.82066   1.000 105.38092 ? 31  ASP A C   1 
ATOM   242  O  O   . ASP A 1 31 ? 9.80351   2.99052   8.91407   1.000 103.09597 ? 31  ASP A O   1 
ATOM   243  C  CB  . ASP A 1 31 ? 13.02803  3.51300   8.95191   1.000 107.44238 ? 31  ASP A CB  1 
ATOM   244  C  CG  . ASP A 1 31 ? 14.24803  3.07598   8.18681   1.000 115.33313 ? 31  ASP A CG  1 
ATOM   245  O  OD1 . ASP A 1 31 ? 15.03487  3.95671   7.76214   1.000 119.20398 ? 31  ASP A OD1 1 
ATOM   246  O  OD2 . ASP A 1 31 ? 14.40613  1.85000   7.98913   1.000 117.32963 ? 31  ASP A OD2 1 
ATOM   247  N  N   . ARG A 1 32 ? 10.28143  5.13564   9.39854   1.000 101.74028 ? 32  ARG A N   1 
ATOM   248  C  CA  . ARG A 1 32 ? 9.04151   5.32899   10.13537  1.000 100.08495 ? 32  ARG A CA  1 
ATOM   249  C  C   . ARG A 1 32 ? 7.84341   5.00682   9.25659   1.000 104.95625 ? 32  ARG A C   1 
ATOM   250  O  O   . ARG A 1 32 ? 7.10009   4.04642   9.50360   1.000 104.05174 ? 32  ARG A O   1 
ATOM   251  C  CB  . ARG A 1 32 ? 8.96608   6.76911   10.63827  1.000 101.54518 ? 32  ARG A CB  1 
ATOM   252  C  CG  . ARG A 1 32 ? 7.79908   7.05782   11.55702  1.000 97.84275  ? 32  ARG A CG  1 
ATOM   253  C  CD  . ARG A 1 32 ? 7.87444   8.49189   12.01378  1.000 97.14928  ? 32  ARG A CD  1 
ATOM   254  N  NE  . ARG A 1 32 ? 6.82057   8.85085   12.95309  1.000 99.35572  ? 32  ARG A NE  1 
ATOM   255  C  CZ  . ARG A 1 32 ? 6.53113   10.10716  13.28515  1.000 104.34606 ? 32  ARG A CZ  1 
ATOM   256  N  NH1 . ARG A 1 32 ? 7.21141   11.10878  12.74583  1.000 108.40456 ? 32  ARG A NH1 1 
ATOM   257  N  NH2 . ARG A 1 32 ? 5.55955   10.36981  14.14429  1.000 101.48711 ? 32  ARG A NH2 1 
ATOM   258  N  N   . LEU A 1 33 ? 7.67296   5.79611   8.19447   1.000 105.20020 ? 33  LEU A N   1 
ATOM   259  C  CA  . LEU A 1 33 ? 6.54516   5.62455   7.28476   1.000 101.57745 ? 33  LEU A CA  1 
ATOM   260  C  C   . LEU A 1 33 ? 6.49347   4.22618   6.69176   1.000 93.93824  ? 33  LEU A C   1 
ATOM   261  O  O   . LEU A 1 33 ? 5.40742   3.68364   6.47804   1.000 95.53779  ? 33  LEU A O   1 
ATOM   262  C  CB  . LEU A 1 33 ? 6.62525   6.65797   6.16838   1.000 103.67682 ? 33  LEU A CB  1 
ATOM   263  C  CG  . LEU A 1 33 ? 5.76068   6.35881   4.95301   1.000 100.05027 ? 33  LEU A CG  1 
ATOM   264  C  CD1 . LEU A 1 33 ? 4.29480   6.63883   5.29337   1.000 98.48477  ? 33  LEU A CD1 1 
ATOM   265  C  CD2 . LEU A 1 33 ? 6.24656   7.15683   3.74319   1.000 100.04935 ? 33  LEU A CD2 1 
ATOM   266  N  N   . TYR A 1 34 ? 7.64347   3.63402   6.38694   1.000 96.24677  ? 34  TYR A N   1 
ATOM   267  C  CA  . TYR A 1 34 ? 7.59236   2.28948   5.83626   1.000 92.83587  ? 34  TYR A CA  1 
ATOM   268  C  C   . TYR A 1 34 ? 7.16612   1.28570   6.88638   1.000 92.58575  ? 34  TYR A C   1 
ATOM   269  O  O   . TYR A 1 34 ? 6.42539   0.34789   6.58640   1.000 90.17734  ? 34  TYR A O   1 
ATOM   270  C  CB  . TYR A 1 34 ? 8.92675   1.87809   5.25120   1.000 89.35709  ? 34  TYR A CB  1 
ATOM   271  C  CG  . TYR A 1 34 ? 8.82602   0.49705   4.66276   1.000 89.40249  ? 34  TYR A CG  1 
ATOM   272  C  CD1 . TYR A 1 34 ? 8.01155   0.24606   3.56782   1.000 91.48096  ? 34  TYR A CD1 1 
ATOM   273  C  CD2 . TYR A 1 34 ? 9.52171   -0.56126  5.21304   1.000 97.50695  ? 34  TYR A CD2 1 
ATOM   274  C  CE1 . TYR A 1 34 ? 7.90627   -1.01865  3.02473   1.000 95.10265  ? 34  TYR A CE1 1 
ATOM   275  C  CE2 . TYR A 1 34 ? 9.42718   -1.83538  4.67722   1.000 100.71384 ? 34  TYR A CE2 1 
ATOM   276  C  CZ  . TYR A 1 34 ? 8.61813   -2.05569  3.58631   1.000 97.45777  ? 34  TYR A CZ  1 
ATOM   277  O  OH  . TYR A 1 34 ? 8.53850   -3.32424  3.07030   1.000 104.27407 ? 34  TYR A OH  1 
ATOM   278  N  N   . ASN A 1 35 ? 7.62482   1.46125   8.12651   1.000 96.73514  ? 35  ASN A N   1 
ATOM   279  C  CA  . ASN A 1 35 ? 7.24053   0.52422   9.17744   1.000 98.53129  ? 35  ASN A CA  1 
ATOM   280  C  C   . ASN A 1 35 ? 5.78125   0.69677   9.56920   1.000 95.67155  ? 35  ASN A C   1 
ATOM   281  O  O   . ASN A 1 35 ? 5.13129   -0.27203  9.97537   1.000 90.65004  ? 35  ASN A O   1 
ATOM   282  C  CB  . ASN A 1 35 ? 8.15764   0.68329   10.39013  1.000 100.25905 ? 35  ASN A CB  1 
ATOM   283  C  CG  . ASN A 1 35 ? 9.55531   0.14193   10.13621  1.000 105.03965 ? 35  ASN A CG  1 
ATOM   284  O  OD1 . ASN A 1 35 ? 9.72819   -0.97297  9.62183   1.000 107.00059 ? 35  ASN A OD1 1 
ATOM   285  N  ND2 . ASN A 1 35 ? 10.56222  0.92970   10.48641  1.000 105.77716 ? 35  ASN A ND2 1 
ATOM   286  N  N   . LEU A 1 36 ? 5.24645   1.91834   9.44565   1.000 97.50578  ? 36  LEU A N   1 
ATOM   287  C  CA  . LEU A 1 36 ? 3.80157   2.10152   9.53889   1.000 92.28781  ? 36  LEU A CA  1 
ATOM   288  C  C   . LEU A 1 36 ? 3.09468   1.31456   8.44868   1.000 90.15405  ? 36  LEU A C   1 
ATOM   289  O  O   . LEU A 1 36 ? 2.10991   0.61371   8.70499   1.000 92.35272  ? 36  LEU A O   1 
ATOM   290  C  CB  . LEU A 1 36 ? 3.45372   3.58281   9.43475   1.000 86.83912  ? 36  LEU A CB  1 
ATOM   291  C  CG  . LEU A 1 36 ? 3.83398   4.40510   10.66160  1.000 91.25928  ? 36  LEU A CG  1 
ATOM   292  C  CD1 . LEU A 1 36 ? 3.37036   5.85397   10.53871  1.000 86.71973  ? 36  LEU A CD1 1 
ATOM   293  C  CD2 . LEU A 1 36 ? 3.26183   3.75902   11.90282  1.000 84.26712  ? 36  LEU A CD2 1 
ATOM   294  N  N   . PHE A 1 37 ? 3.58591   1.42791   7.22146   1.000 89.81203  ? 37  PHE A N   1 
ATOM   295  C  CA  . PHE A 1 37 ? 2.95181   0.75979   6.09833   1.000 87.66469  ? 37  PHE A CA  1 
ATOM   296  C  C   . PHE A 1 37 ? 2.92604   -0.74644  6.29707   1.000 84.73887  ? 37  PHE A C   1 
ATOM   297  O  O   . PHE A 1 37 ? 1.91259   -1.39577  6.04256   1.000 86.73080  ? 37  PHE A O   1 
ATOM   298  C  CB  . PHE A 1 37 ? 3.69573   1.11805   4.81882   1.000 87.98053  ? 37  PHE A CB  1 
ATOM   299  C  CG  . PHE A 1 37 ? 3.36487   0.23302   3.65489   1.000 89.12711  ? 37  PHE A CG  1 
ATOM   300  C  CD1 . PHE A 1 37 ? 2.29572   0.53246   2.81822   1.000 89.74088  ? 37  PHE A CD1 1 
ATOM   301  C  CD2 . PHE A 1 37 ? 4.12811   -0.88249  3.38343   1.000 85.25433  ? 37  PHE A CD2 1 
ATOM   302  C  CE1 . PHE A 1 37 ? 1.98962   -0.27743  1.74491   1.000 88.25175  ? 37  PHE A CE1 1 
ATOM   303  C  CE2 . PHE A 1 37 ? 3.82173   -1.69424  2.31417   1.000 84.11433  ? 37  PHE A CE2 1 
ATOM   304  C  CZ  . PHE A 1 37 ? 2.76194   -1.39968  1.49365   1.000 85.73674  ? 37  PHE A CZ  1 
ATOM   305  N  N   . VAL A 1 38 ? 4.03711   -1.32254  6.73120   1.000 87.04410  ? 38  VAL A N   1 
ATOM   306  C  CA  . VAL A 1 38 ? 4.08523   -2.76499  6.91877   1.000 85.95798  ? 38  VAL A CA  1 
ATOM   307  C  C   . VAL A 1 38 ? 3.13385   -3.17764  8.02634   1.000 89.59255  ? 38  VAL A C   1 
ATOM   308  O  O   . VAL A 1 38 ? 2.48394   -4.23124  7.96094   1.000 84.24481  ? 38  VAL A O   1 
ATOM   309  C  CB  . VAL A 1 38 ? 5.52870   -3.19642  7.21257   1.000 84.81524  ? 38  VAL A CB  1 
ATOM   310  C  CG1 . VAL A 1 38 ? 5.61431   -4.70156  7.37904   1.000 86.83925  ? 38  VAL A CG1 1 
ATOM   311  C  CG2 . VAL A 1 38 ? 6.42956   -2.72068  6.11112   1.000 83.83469  ? 38  VAL A CG2 1 
ATOM   312  N  N   . ASP A 1 39 ? 3.02992   -2.33923  9.05758   1.000 92.50378  ? 39  ASP A N   1 
ATOM   313  C  CA  . ASP A 1 39 ? 2.05298   -2.55164  10.11584  1.000 87.56637  ? 39  ASP A CA  1 
ATOM   314  C  C   . ASP A 1 39 ? 0.64601   -2.60755  9.54023   1.000 88.01007  ? 39  ASP A C   1 
ATOM   315  O  O   . ASP A 1 39 ? -0.05406  -3.62031  9.67275   1.000 89.24519  ? 39  ASP A O   1 
ATOM   316  C  CB  . ASP A 1 39 ? 2.18352   -1.43264  11.14873  1.000 87.87864  ? 39  ASP A CB  1 
ATOM   317  C  CG  . ASP A 1 39 ? 1.29849   -1.62916  12.32836  1.000 85.50458  ? 39  ASP A CG  1 
ATOM   318  O  OD1 . ASP A 1 39 ? 1.57990   -2.52185  13.15440  1.000 82.92804  ? 39  ASP A OD1 1 
ATOM   319  O  OD2 . ASP A 1 39 ? 0.30893   -0.88097  12.41981  1.000 88.51068  ? 39  ASP A OD2 1 
ATOM   320  N  N   . ALA A 1 40 ? 0.22559   -1.52710  8.86962   1.000 85.21129  ? 40  ALA A N   1 
ATOM   321  C  CA  . ALA A 1 40 ? -1.14512  -1.45618  8.37797   1.000 83.77399  ? 40  ALA A CA  1 
ATOM   322  C  C   . ALA A 1 40 ? -1.45871  -2.65081  7.50493   1.000 83.64449  ? 40  ALA A C   1 
ATOM   323  O  O   . ALA A 1 40 ? -2.51107  -3.28288  7.64715   1.000 84.13766  ? 40  ALA A O   1 
ATOM   324  C  CB  . ALA A 1 40 ? -1.36436  -0.16679  7.59328   1.000 73.98770  ? 40  ALA A CB  1 
ATOM   325  N  N   . VAL A 1 41 ? -0.53000  -2.98693  6.62018   1.000 81.06266  ? 41  VAL A N   1 
ATOM   326  C  CA  . VAL A 1 41 ? -0.73314  -4.06154  5.66808   1.000 79.35410  ? 41  VAL A CA  1 
ATOM   327  C  C   . VAL A 1 41 ? -0.79729  -5.41892  6.36646   1.000 81.51723  ? 41  VAL A C   1 
ATOM   328  O  O   . VAL A 1 41 ? -1.63891  -6.25133  6.03034   1.000 79.93945  ? 41  VAL A O   1 
ATOM   329  C  CB  . VAL A 1 41 ? 0.38175   -4.00643  4.61251   1.000 78.78404  ? 41  VAL A CB  1 
ATOM   330  C  CG1 . VAL A 1 41 ? 0.50275   -5.33034  3.90274   1.000 83.63510  ? 41  VAL A CG1 1 
ATOM   331  C  CG2 . VAL A 1 41 ? 0.08264   -2.90293  3.62876   1.000 78.67247  ? 41  VAL A CG2 1 
ATOM   332  N  N   . THR A 1 42 ? 0.07946   -5.66985  7.34607   1.000 87.09611  ? 42  THR A N   1 
ATOM   333  C  CA  . THR A 1 42 ? 0.17550   -7.00424  7.93733   1.000 87.88410  ? 42  THR A CA  1 
ATOM   334  C  C   . THR A 1 42 ? -0.63859  -7.17659  9.21310   1.000 87.92757  ? 42  THR A C   1 
ATOM   335  O  O   . THR A 1 42 ? -0.98670  -8.30938  9.55179   1.000 90.76302  ? 42  THR A O   1 
ATOM   336  C  CB  . THR A 1 42 ? 1.62817   -7.37150  8.25609   1.000 81.73988  ? 42  THR A CB  1 
ATOM   337  O  OG1 . THR A 1 42 ? 2.06851   -6.59687  9.37026   1.000 91.84587  ? 42  THR A OG1 1 
ATOM   338  C  CG2 . THR A 1 42 ? 2.54126   -7.12058  7.07068   1.000 81.10985  ? 42  THR A CG2 1 
ATOM   339  N  N   . LYS A 1 43 ? -0.95014  -6.10196  9.92915   1.000 84.87365  ? 43  LYS A N   1 
ATOM   340  C  CA  . LYS A 1 43 ? -1.72367  -6.22512  11.15625  1.000 83.04103  ? 43  LYS A CA  1 
ATOM   341  C  C   . LYS A 1 43 ? -3.02632  -5.44375  11.09323  1.000 83.55020  ? 43  LYS A C   1 
ATOM   342  O  O   . LYS A 1 43 ? -4.09858  -6.03076  11.29009  1.000 81.24777  ? 43  LYS A O   1 
ATOM   343  C  CB  . LYS A 1 43 ? -0.86912  -5.77168  12.34575  1.000 87.97864  ? 43  LYS A CB  1 
ATOM   344  C  CG  . LYS A 1 43 ? 0.34291   -6.63950  12.55277  1.000 87.32482  ? 43  LYS A CG  1 
ATOM   345  C  CD  . LYS A 1 43 ? 0.45211   -7.08345  13.99130  1.000 90.11454  ? 43  LYS A CD  1 
ATOM   346  C  CE  . LYS A 1 43 ? 1.32560   -8.32423  14.12577  1.000 87.70025  ? 43  LYS A CE  1 
ATOM   347  N  NZ  . LYS A 1 43 ? 1.69886   -8.62579  15.55024  1.000 97.82343  ? 43  LYS A NZ  1 
ATOM   348  N  N   . ARG A 1 44 ? -2.97269  -4.13797  10.82072  1.000 82.37722  ? 44  ARG A N   1 
ATOM   349  C  CA  . ARG A 1 44 ? -4.16950  -3.31966  10.96841  1.000 79.83131  ? 44  ARG A CA  1 
ATOM   350  C  C   . ARG A 1 44 ? -5.26993  -3.77848  10.01871  1.000 80.28146  ? 44  ARG A C   1 
ATOM   351  O  O   . ARG A 1 44 ? -6.40969  -4.00299  10.43637  1.000 76.01574  ? 44  ARG A O   1 
ATOM   352  C  CB  . ARG A 1 44 ? -3.83409  -1.83853  10.74980  1.000 82.35027  ? 44  ARG A CB  1 
ATOM   353  C  CG  . ARG A 1 44 ? -2.81773  -1.27549  11.73440  1.000 84.26227  ? 44  ARG A CG  1 
ATOM   354  C  CD  . ARG A 1 44 ? -2.78990  0.22704   11.71385  1.000 77.79914  ? 44  ARG A CD  1 
ATOM   355  N  NE  . ARG A 1 44 ? -4.04023  0.76485   12.23771  1.000 79.16196  ? 44  ARG A NE  1 
ATOM   356  C  CZ  . ARG A 1 44 ? -4.38693  2.05220   12.20673  1.000 78.09680  ? 44  ARG A CZ  1 
ATOM   357  N  NH1 . ARG A 1 44 ? -3.57834  2.96990   11.67679  1.000 77.13884  ? 44  ARG A NH1 1 
ATOM   358  N  NH2 . ARG A 1 44 ? -5.55864  2.42018   12.70578  1.000 76.79686  ? 44  ARG A NH2 1 
ATOM   359  N  N   . ILE A 1 45 ? -4.95171  -3.92696  8.73710   1.000 78.98461  ? 45  ILE A N   1 
ATOM   360  C  CA  . ILE A 1 45 ? -5.98555  -4.26777  7.76352   1.000 76.76660  ? 45  ILE A CA  1 
ATOM   361  C  C   . ILE A 1 45 ? -6.44390  -5.71241  7.93620   1.000 82.91456  ? 45  ILE A C   1 
ATOM   362  O  O   . ILE A 1 45 ? -7.65305  -5.97046  7.90784   1.000 82.76782  ? 45  ILE A O   1 
ATOM   363  C  CB  . ILE A 1 45 ? -5.50386  -4.01392  6.33478   1.000 71.15476  ? 45  ILE A CB  1 
ATOM   364  C  CG1 . ILE A 1 45 ? -5.32511  -2.50517  6.11463   1.000 76.25978  ? 45  ILE A CG1 1 
ATOM   365  C  CG2 . ILE A 1 45 ? -6.49644  -4.58691  5.36746   1.000 70.97592  ? 45  ILE A CG2 1 
ATOM   366  C  CD1 . ILE A 1 45 ? -4.49596  -2.17128  4.90075   1.000 73.55278  ? 45  ILE A CD1 1 
ATOM   367  N  N   . PRO A 1 46 ? -5.54127  -6.68773  8.09523   1.000 82.25363  ? 46  PRO A N   1 
ATOM   368  C  CA  . PRO A 1 46 ? -6.00288  -8.07048  8.29198   1.000 82.07436  ? 46  PRO A CA  1 
ATOM   369  C  C   . PRO A 1 46 ? -6.85313  -8.24224  9.51778   1.000 82.40566  ? 46  PRO A C   1 
ATOM   370  O  O   . PRO A 1 46 ? -7.64332  -9.18734  9.58932   1.000 87.01052  ? 46  PRO A O   1 
ATOM   371  C  CB  . PRO A 1 46 ? -4.69993  -8.85531  8.43816   1.000 77.74674  ? 46  PRO A CB  1 
ATOM   372  C  CG  . PRO A 1 46 ? -3.67945  -8.01096  7.83507   1.000 79.53586  ? 46  PRO A CG  1 
ATOM   373  C  CD  . PRO A 1 46 ? -4.07386  -6.61565  8.05690   1.000 79.97470  ? 46  PRO A CD  1 
ATOM   374  N  N   . GLN A 1 47 ? -6.68329  -7.36984  10.50836  1.000 84.75188  ? 47  GLN A N   1 
ATOM   375  C  CA  . GLN A 1 47 ? -7.48284  -7.46347  11.71958  1.000 83.27643  ? 47  GLN A CA  1 
ATOM   376  C  C   . GLN A 1 47 ? -8.95875  -7.32752  11.39618  1.000 83.79734  ? 47  GLN A C   1 
ATOM   377  O  O   . GLN A 1 47 ? -9.77267  -8.15091  11.81609  1.000 91.16592  ? 47  GLN A O   1 
ATOM   378  C  CB  . GLN A 1 47 ? -7.04570  -6.39094  12.71428  1.000 84.19262  ? 47  GLN A CB  1 
ATOM   379  C  CG  . GLN A 1 47 ? -7.87386  -6.36713  13.95987  1.000 85.90473  ? 47  GLN A CG  1 
ATOM   380  C  CD  . GLN A 1 47 ? -7.76690  -7.65064  14.73760  1.000 86.15117  ? 47  GLN A CD  1 
ATOM   381  O  OE1 . GLN A 1 47 ? -8.60361  -8.53610  14.63025  1.000 87.52790  ? 47  GLN A OE1 1 
ATOM   382  N  NE2 . GLN A 1 47 ? -6.72882  -7.75285  15.53208  1.000 90.31787  ? 47  GLN A NE2 1 
ATOM   383  N  N   . ALA A 1 48 ? -9.31244  -6.31860  10.62264  1.000 82.44152  ? 48  ALA A N   1 
ATOM   384  C  CA  . ALA A 1 48 ? -10.70490 -6.01669  10.33383  1.000 85.29651  ? 48  ALA A CA  1 
ATOM   385  C  C   . ALA A 1 48 ? -10.80206 -5.19236  9.05434   1.000 87.13837  ? 48  ALA A C   1 
ATOM   386  O  O   . ALA A 1 48 ? -10.99483 -3.97111  9.10518   1.000 78.17808  ? 48  ALA A O   1 
ATOM   387  C  CB  . ALA A 1 48 ? -11.34636 -5.27415  11.50528  1.000 82.60317  ? 48  ALA A CB  1 
ATOM   388  N  N   . PRO A 1 49 ? -10.72883 -5.83952  7.89006   1.000 87.41083  ? 49  PRO A N   1 
ATOM   389  C  CA  . PRO A 1 49 ? -10.48875 -5.10014  6.64557   1.000 87.69275  ? 49  PRO A CA  1 
ATOM   390  C  C   . PRO A 1 49 ? -11.67332 -4.29221  6.14324   1.000 85.91340  ? 49  PRO A C   1 
ATOM   391  O  O   . PRO A 1 49 ? -11.45609 -3.36009  5.35494   1.000 84.40988  ? 49  PRO A O   1 
ATOM   392  C  CB  . PRO A 1 49 ? -10.11557 -6.21436  5.66452   1.000 85.53149  ? 49  PRO A CB  1 
ATOM   393  C  CG  . PRO A 1 49 ? -10.85950 -7.37060  6.17085   1.000 87.49061  ? 49  PRO A CG  1 
ATOM   394  C  CD  . PRO A 1 49 ? -10.75723 -7.28739  7.65675   1.000 84.37671  ? 49  PRO A CD  1 
ATOM   395  N  N   . ASN A 1 50 ? -12.90516 -4.60904  6.54600   1.000 84.51375  ? 50  ASN A N   1 
ATOM   396  C  CA  . ASN A 1 50 ? -14.06851 -3.82772  6.12951   1.000 84.90612  ? 50  ASN A CA  1 
ATOM   397  C  C   . ASN A 1 50 ? -14.36833 -2.64725  7.04729   1.000 82.81020  ? 50  ASN A C   1 
ATOM   398  O  O   . ASN A 1 50 ? -15.30147 -1.87848  6.77179   1.000 85.73250  ? 50  ASN A O   1 
ATOM   399  C  CB  . ASN A 1 50 ? -15.30847 -4.69934  6.05758   1.000 81.83334  ? 50  ASN A CB  1 
ATOM   400  C  CG  . ASN A 1 50 ? -15.27606 -5.63644  4.90455   1.000 82.89712  ? 50  ASN A CG  1 
ATOM   401  O  OD1 . ASN A 1 50 ? -14.54359 -5.41522  3.93556   1.000 87.46217  ? 50  ASN A OD1 1 
ATOM   402  N  ND2 . ASN A 1 50 ? -16.07051 -6.70888  4.98913   1.000 84.33750  ? 50  ASN A ND2 1 
ATOM   403  N  N   . ALA A 1 51 ? -13.61456 -2.49519  8.12547   1.000 77.23375  ? 51  ALA A N   1 
ATOM   404  C  CA  . ALA A 1 51 ? -13.91677 -1.45673  9.08076   1.000 76.80351  ? 51  ALA A CA  1 
ATOM   405  C  C   . ALA A 1 51 ? -13.41264 -0.10621  8.60480   1.000 83.94063  ? 51  ALA A C   1 
ATOM   406  O  O   . ALA A 1 51 ? -14.03353 0.92501   8.90565   1.000 80.05330  ? 51  ALA A O   1 
ATOM   407  C  CB  . ALA A 1 51 ? -13.30685 -1.80705  10.42724  1.000 74.22102  ? 51  ALA A CB  1 
ATOM   408  N  N   . PHE A 1 52 ? -12.32780 -0.10054  7.82799   1.000 77.44532  ? 52  PHE A N   1 
ATOM   409  C  CA  . PHE A 1 52 ? -11.69966 1.13728   7.42237   1.000 76.34063  ? 52  PHE A CA  1 
ATOM   410  C  C   . PHE A 1 52 ? -12.47939 1.79228   6.30272   1.000 78.91644  ? 52  PHE A C   1 
ATOM   411  O  O   . PHE A 1 52 ? -13.16881 1.12482   5.51985   1.000 78.50924  ? 52  PHE A O   1 
ATOM   412  C  CB  . PHE A 1 52 ? -10.25847 0.88119   7.02328   1.000 75.48369  ? 52  PHE A CB  1 
ATOM   413  C  CG  . PHE A 1 52 ? -9.47135  0.28412   8.12307   1.000 74.91984  ? 52  PHE A CG  1 
ATOM   414  C  CD1 . PHE A 1 52 ? -8.94523  1.08406   9.11920   1.000 69.45031  ? 52  PHE A CD1 1 
ATOM   415  C  CD2 . PHE A 1 52 ? -9.30357  -1.08701  8.20409   1.000 73.56346  ? 52  PHE A CD2 1 
ATOM   416  C  CE1 . PHE A 1 52 ? -8.23493  0.54180   10.16339  1.000 64.14887  ? 52  PHE A CE1 1 
ATOM   417  C  CE2 . PHE A 1 52 ? -8.59514  -1.63531  9.24047   1.000 71.37266  ? 52  PHE A CE2 1 
ATOM   418  C  CZ  . PHE A 1 52 ? -8.05629  -0.82440  10.22623  1.000 73.48896  ? 52  PHE A CZ  1 
ATOM   419  N  N   . ALA A 1 53 ? -12.37253 3.12085   6.25650   1.000 77.09069  ? 53  ALA A N   1 
ATOM   420  C  CA  . ALA A 1 53 ? -13.25449 3.94092   5.44400   1.000 72.60460  ? 53  ALA A CA  1 
ATOM   421  C  C   . ALA A 1 53 ? -13.13778 3.58969   3.96211   1.000 77.60065  ? 53  ALA A C   1 
ATOM   422  O  O   . ALA A 1 53 ? -12.05598 3.23604   3.47381   1.000 81.41158  ? 53  ALA A O   1 
ATOM   423  C  CB  . ALA A 1 53 ? -12.91653 5.40520   5.65914   1.000 75.46924  ? 53  ALA A CB  1 
ATOM   424  N  N   . PRO A 1 54 ? -14.23520 3.66671   3.21858   1.000 81.55840  ? 54  PRO A N   1 
ATOM   425  C  CA  . PRO A 1 54 ? -14.15446 3.42398   1.77436   1.000 79.70168  ? 54  PRO A CA  1 
ATOM   426  C  C   . PRO A 1 54 ? -13.35537 4.52550   1.10156   1.000 85.13142  ? 54  PRO A C   1 
ATOM   427  O  O   . PRO A 1 54 ? -13.31831 5.66609   1.56467   1.000 85.80081  ? 54  PRO A O   1 
ATOM   428  C  CB  . PRO A 1 54 ? -15.61823 3.44566   1.31447   1.000 79.80911  ? 54  PRO A CB  1 
ATOM   429  C  CG  . PRO A 1 54 ? -16.45510 3.42976   2.54332   1.000 78.63776  ? 54  PRO A CG  1 
ATOM   430  C  CD  . PRO A 1 54 ? -15.60934 3.94734   3.67578   1.000 77.96634  ? 54  PRO A CD  1 
ATOM   431  N  N   . LEU A 1 55 ? -12.69312 4.18056   0.00254   1.000 84.12062  ? 55  LEU A N   1 
ATOM   432  C  CA  . LEU A 1 55 ? -12.01467 5.17872   -0.81182  1.000 83.20940  ? 55  LEU A CA  1 
ATOM   433  C  C   . LEU A 1 55 ? -12.91134 5.59663   -1.97075  1.000 93.04415  ? 55  LEU A C   1 
ATOM   434  O  O   . LEU A 1 55 ? -13.24090 6.77669   -2.11843  1.000 95.13100  ? 55  LEU A O   1 
ATOM   435  C  CB  . LEU A 1 55 ? -10.67891 4.63111   -1.31953  1.000 82.24929  ? 55  LEU A CB  1 
ATOM   436  C  CG  . LEU A 1 55 ? -9.68247  5.63847   -1.89671  1.000 85.72388  ? 55  LEU A CG  1 
ATOM   437  C  CD1 . LEU A 1 55 ? -9.30872  6.71265   -0.91494  1.000 77.13921  ? 55  LEU A CD1 1 
ATOM   438  C  CD2 . LEU A 1 55 ? -8.44231  4.90548   -2.34234  1.000 84.54669  ? 55  LEU A CD2 1 
ATOM   439  N  N   . PHE A 1 56 ? -13.35105 4.62180   -2.76643  1.000 91.44302  ? 56  PHE A N   1 
ATOM   440  C  CA  . PHE A 1 56 ? -14.30478 4.78544   -3.85218  1.000 91.81483  ? 56  PHE A CA  1 
ATOM   441  C  C   . PHE A 1 56 ? -14.72233 3.40252   -4.31685  1.000 94.44310  ? 56  PHE A C   1 
ATOM   442  O  O   . PHE A 1 56 ? -13.88121 2.50071   -4.41314  1.000 96.62775  ? 56  PHE A O   1 
ATOM   443  C  CB  . PHE A 1 56 ? -13.69892 5.56143   -5.01954  1.000 95.79056  ? 56  PHE A CB  1 
ATOM   444  C  CG  . PHE A 1 56 ? -12.63559 4.80925   -5.75734  1.000 94.10873  ? 56  PHE A CG  1 
ATOM   445  C  CD1 . PHE A 1 56 ? -11.34659 4.72557   -5.24310  1.000 95.64276  ? 56  PHE A CD1 1 
ATOM   446  C  CD2 . PHE A 1 56 ? -12.92105 4.18913   -6.96776  1.000 97.58102  ? 56  PHE A CD2 1 
ATOM   447  C  CE1 . PHE A 1 56 ? -10.34501 4.03647   -5.93074  1.000 96.48532  ? 56  PHE A CE1 1 
ATOM   448  C  CE2 . PHE A 1 56 ? -11.93490 3.49799   -7.66231  1.000 100.37129 ? 56  PHE A CE2 1 
ATOM   449  C  CZ  . PHE A 1 56 ? -10.64009 3.42667   -7.14647  1.000 102.13090 ? 56  PHE A CZ  1 
ATOM   450  N  N   . LYS A 1 57 ? -16.01277 3.24188   -4.60624  1.000 96.61743  ? 57  LYS A N   1 
ATOM   451  C  CA  . LYS A 1 57 ? -16.54730 1.92605   -4.92272  1.000 93.37617  ? 57  LYS A CA  1 
ATOM   452  C  C   . LYS A 1 57 ? -16.17097 0.95375   -3.81822  1.000 92.71948  ? 57  LYS A C   1 
ATOM   453  O  O   . LYS A 1 57 ? -16.20130 1.31021   -2.63683  1.000 93.85833  ? 57  LYS A O   1 
ATOM   454  C  CB  . LYS A 1 57 ? -16.02448 1.45760   -6.27768  1.000 94.82743  ? 57  LYS A CB  1 
ATOM   455  C  CG  . LYS A 1 57 ? -16.08486 2.55512   -7.31976  1.000 94.15712  ? 57  LYS A CG  1 
ATOM   456  C  CD  . LYS A 1 57 ? -15.62864 2.08031   -8.66837  1.000 98.85658  ? 57  LYS A CD  1 
ATOM   457  C  CE  . LYS A 1 57 ? -15.93590 3.12604   -9.72531  1.000 99.95509  ? 57  LYS A CE  1 
ATOM   458  N  NZ  . LYS A 1 57 ? -15.46969 2.73433   -11.08558 1.000 106.33836 ? 57  LYS A NZ  1 
ATOM   459  N  N   . HIS A 1 58 ? -15.77363 -0.25558  -4.18601  1.000 93.14029  ? 58  HIS A N   1 
ATOM   460  C  CA  . HIS A 1 58 ? -15.42661 -1.27927  -3.20889  1.000 94.54883  ? 58  HIS A CA  1 
ATOM   461  C  C   . HIS A 1 58 ? -14.03622 -1.10646  -2.59292  1.000 94.91105  ? 58  HIS A C   1 
ATOM   462  O  O   . HIS A 1 58 ? -13.63987 -1.93771  -1.76105  1.000 92.96972  ? 58  HIS A O   1 
ATOM   463  C  CB  . HIS A 1 58 ? -15.51673 -2.65795  -3.86547  1.000 97.31548  ? 58  HIS A CB  1 
ATOM   464  C  CG  . HIS A 1 58 ? -14.72791 -2.76581  -5.13533  1.000 98.62473  ? 58  HIS A CG  1 
ATOM   465  N  ND1 . HIS A 1 58 ? -15.03607 -2.04281  -6.26811  1.000 99.77464  ? 58  HIS A ND1 1 
ATOM   466  C  CD2 . HIS A 1 58 ? -13.62818 -3.49639  -5.44367  1.000 101.47036 ? 58  HIS A CD2 1 
ATOM   467  C  CE1 . HIS A 1 58 ? -14.16569 -2.32924  -7.22133  1.000 103.86524 ? 58  HIS A CE1 1 
ATOM   468  N  NE2 . HIS A 1 58 ? -13.30161 -3.20908  -6.74708  1.000 105.09199 ? 58  HIS A NE2 1 
ATOM   469  N  N   . TYR A 1 59 ? -13.27837 -0.08265  -2.97303  1.000 91.57016  ? 59  TYR A N   1 
ATOM   470  C  CA  . TYR A 1 59 ? -11.92893 0.07066   -2.45641  1.000 86.19480  ? 59  TYR A CA  1 
ATOM   471  C  C   . TYR A 1 59 ? -11.95618 0.80132   -1.12877  1.000 84.76794  ? 59  TYR A C   1 
ATOM   472  O  O   . TYR A 1 59 ? -12.80824 1.65770   -0.88995  1.000 88.08099  ? 59  TYR A O   1 
ATOM   473  C  CB  . TYR A 1 59 ? -11.06382 0.81870   -3.45433  1.000 87.89304  ? 59  TYR A CB  1 
ATOM   474  C  CG  . TYR A 1 59 ? -11.05235 0.12588   -4.77613  1.000 93.31098  ? 59  TYR A CG  1 
ATOM   475  C  CD1 . TYR A 1 59 ? -10.28699 -1.00866  -4.96896  1.000 93.78677  ? 59  TYR A CD1 1 
ATOM   476  C  CD2 . TYR A 1 59 ? -11.84424 0.57864   -5.82632  1.000 97.41545  ? 59  TYR A CD2 1 
ATOM   477  C  CE1 . TYR A 1 59 ? -10.28414 -1.66118  -6.17595  1.000 97.88662  ? 59  TYR A CE1 1 
ATOM   478  C  CE2 . TYR A 1 59 ? -11.85144 -0.06679  -7.04652  1.000 97.46632  ? 59  TYR A CE2 1 
ATOM   479  C  CZ  . TYR A 1 59 ? -11.06735 -1.19011  -7.21474  1.000 100.58188 ? 59  TYR A CZ  1 
ATOM   480  O  OH  . TYR A 1 59 ? -11.06268 -1.85107  -8.42447  1.000 108.94728 ? 59  TYR A OH  1 
ATOM   481  N  N   . ARG A 1 60 ? -11.02578 0.43712   -0.25675  1.000 83.57892  ? 60  ARG A N   1 
ATOM   482  C  CA  . ARG A 1 60 ? -10.92046 0.99431   1.08110   1.000 79.84569  ? 60  ARG A CA  1 
ATOM   483  C  C   . ARG A 1 60 ? -9.54254  1.60505   1.23602   1.000 80.28852  ? 60  ARG A C   1 
ATOM   484  O  O   . ARG A 1 60 ? -8.66573  1.40726   0.39704   1.000 82.04805  ? 60  ARG A O   1 
ATOM   485  C  CB  . ARG A 1 60 ? -11.13830 -0.07718  2.15594   1.000 78.95665  ? 60  ARG A CB  1 
ATOM   486  C  CG  . ARG A 1 60 ? -12.36125 -0.91059  1.93270   1.000 77.84016  ? 60  ARG A CG  1 
ATOM   487  C  CD  . ARG A 1 60 ? -12.88635 -1.53119  3.20303   1.000 77.69123  ? 60  ARG A CD  1 
ATOM   488  N  NE  . ARG A 1 60 ? -14.29699 -1.82989  3.01729   1.000 82.41579  ? 60  ARG A NE  1 
ATOM   489  C  CZ  . ARG A 1 60 ? -15.28701 -1.01693  3.39384   1.000 91.63081  ? 60  ARG A CZ  1 
ATOM   490  N  NH1 . ARG A 1 60 ? -14.99930 0.13389   4.01219   1.000 87.94587  ? 60  ARG A NH1 1 
ATOM   491  N  NH2 . ARG A 1 60 ? -16.56710 -1.34996  3.16590   1.000 85.67475  ? 60  ARG A NH2 1 
ATOM   492  N  N   . HIS A 1 61 ? -9.33565  2.32303   2.33846   1.000 80.59266  ? 61  HIS A N   1 
ATOM   493  C  CA  . HIS A 1 61 ? -8.00891  2.85433   2.62307   1.000 79.15836  ? 61  HIS A CA  1 
ATOM   494  C  C   . HIS A 1 61 ? -7.87840  3.09848   4.11683   1.000 77.12568  ? 61  HIS A C   1 
ATOM   495  O  O   . HIS A 1 61 ? -8.82322  2.91470   4.88698   1.000 77.71762  ? 61  HIS A O   1 
ATOM   496  C  CB  . HIS A 1 61 ? -7.73165  4.13265   1.83671   1.000 76.52724  ? 61  HIS A CB  1 
ATOM   497  C  CG  . HIS A 1 61 ? -8.60235  5.27593   2.23858   1.000 83.37664  ? 61  HIS A CG  1 
ATOM   498  N  ND1 . HIS A 1 61 ? -9.92985  5.11444   2.57860   1.000 84.33561  ? 61  HIS A ND1 1 
ATOM   499  C  CD2 . HIS A 1 61 ? -8.33730  6.59761   2.37534   1.000 86.77928  ? 61  HIS A CD2 1 
ATOM   500  C  CE1 . HIS A 1 61 ? -10.44742 6.28782   2.89175   1.000 79.69788  ? 61  HIS A CE1 1 
ATOM   501  N  NE2 . HIS A 1 61 ? -9.50350  7.20514   2.77175   1.000 80.54764  ? 61  HIS A NE2 1 
ATOM   502  N  N   . ILE A 1 62 ? -6.63975  3.39229   4.51219   1.000 73.84608  ? 62  ILE A N   1 
ATOM   503  C  CA  . ILE A 1 62 ? -6.31637  3.59967   5.94768   1.000 75.19768  ? 62  ILE A CA  1 
ATOM   504  C  C   . ILE A 1 62 ? -5.08901  4.50258   5.99264   1.000 79.00077  ? 62  ILE A C   1 
ATOM   505  O  O   . ILE A 1 62 ? -4.03844  4.08627   5.49037   1.000 79.99533  ? 62  ILE A O   1 
ATOM   506  C  CB  . ILE A 1 62 ? -6.03476  2.25058   6.63208   1.000 76.94013  ? 62  ILE A CB  1 
ATOM   507  C  CG1 . ILE A 1 62 ? -5.84169  2.40332   8.14161   1.000 79.78040  ? 62  ILE A CG1 1 
ATOM   508  C  CG2 . ILE A 1 62 ? -4.85209  1.54967   5.98145   1.000 75.02627  ? 62  ILE A CG2 1 
ATOM   509  C  CD1 . ILE A 1 62 ? -5.87356  1.09551   8.89237   1.000 83.84119  ? 62  ILE A CD1 1 
ATOM   510  N  N   . TYR A 1 63 ? -5.23002  5.70602   6.54318   1.000 83.23167  ? 63  TYR A N   1 
ATOM   511  C  CA  . TYR A 1 63 ? -4.11170  6.64408   6.56323   1.000 81.82137  ? 63  TYR A CA  1 
ATOM   512  C  C   . TYR A 1 63 ? -3.00803  6.14410   7.48021   1.000 86.02593  ? 63  TYR A C   1 
ATOM   513  O  O   . TYR A 1 63 ? -3.26763  5.62387   8.56673   1.000 89.36557  ? 63  TYR A O   1 
ATOM   514  C  CB  . TYR A 1 63 ? -4.57554  8.03111   7.00358   1.000 83.50469  ? 63  TYR A CB  1 
ATOM   515  C  CG  . TYR A 1 63 ? -5.19172  8.82527   5.88420   1.000 81.81190  ? 63  TYR A CG  1 
ATOM   516  C  CD1 . TYR A 1 63 ? -6.53056  8.72151   5.60611   1.000 83.48313  ? 63  TYR A CD1 1 
ATOM   517  C  CD2 . TYR A 1 63 ? -4.42836  9.64882   5.08219   1.000 86.50184  ? 63  TYR A CD2 1 
ATOM   518  C  CE1 . TYR A 1 63 ? -7.11432  9.43373   4.56829   1.000 87.38253  ? 63  TYR A CE1 1 
ATOM   519  C  CE2 . TYR A 1 63 ? -4.99727  10.37260  4.02997   1.000 90.68314  ? 63  TYR A CE2 1 
ATOM   520  C  CZ  . TYR A 1 63 ? -6.35305  10.26396  3.77608   1.000 92.19672  ? 63  TYR A CZ  1 
ATOM   521  O  OH  . TYR A 1 63 ? -6.96778  10.97147  2.73548   1.000 99.46076  ? 63  TYR A OH  1 
ATOM   522  N  N   . LEU A 1 64 ? -1.76554  6.26757   7.02150   1.000 87.10451  ? 64  LEU A N   1 
ATOM   523  C  CA  . LEU A 1 64 ? -0.63808  5.83967   7.83410   1.000 86.69355  ? 64  LEU A CA  1 
ATOM   524  C  C   . LEU A 1 64 ? -0.21502  6.98132   8.74561   1.000 92.15799  ? 64  LEU A C   1 
ATOM   525  O  O   . LEU A 1 64 ? 0.97603   7.30334   8.79599   1.000 94.46276  ? 64  LEU A O   1 
ATOM   526  C  CB  . LEU A 1 64 ? 0.54420   5.39136   6.95638   1.000 87.08322  ? 64  LEU A CB  1 
ATOM   527  C  CG  . LEU A 1 64 ? 0.32801   4.23279   5.97495   1.000 86.92668  ? 64  LEU A CG  1 
ATOM   528  C  CD1 . LEU A 1 64 ? 1.48339   4.10066   5.00024   1.000 86.08204  ? 64  LEU A CD1 1 
ATOM   529  C  CD2 . LEU A 1 64 ? 0.13196   2.92854   6.72794   1.000 83.99790  ? 64  LEU A CD2 1 
ATOM   530  N  N   . ARG A 1 65 ? -1.18523  7.60822   9.46316   1.000 92.13047  ? 65  ARG A N   1 
ATOM   531  C  CA  . ARG A 1 65 ? -0.96008  8.76401   10.33461  1.000 91.78912  ? 65  ARG A CA  1 
ATOM   532  C  C   . ARG A 1 65 ? 0.32629   8.61122   11.14219  1.000 94.49592  ? 65  ARG A C   1 
ATOM   533  O  O   . ARG A 1 65 ? 0.64999   7.49335   11.56505  1.000 88.55476  ? 65  ARG A O   1 
ATOM   534  C  CB  . ARG A 1 65 ? -2.14102  8.96357   11.27922  1.000 83.93088  ? 65  ARG A CB  1 
ATOM   535  C  CG  . ARG A 1 65 ? -3.45195  9.19331   10.58633  1.000 86.27112  ? 65  ARG A CG  1 
ATOM   536  C  CD  . ARG A 1 65 ? -3.39240  10.39608  9.67874   1.000 87.15329  ? 65  ARG A CD  1 
ATOM   537  N  NE  . ARG A 1 65 ? -4.67477  10.65643  9.02884   1.000 86.73502  ? 65  ARG A NE  1 
ATOM   538  C  CZ  . ARG A 1 65 ? -4.83888  11.53299  8.03799   1.000 92.88692  ? 65  ARG A CZ  1 
ATOM   539  N  NH1 . ARG A 1 65 ? -3.79455  12.23018  7.58757   1.000 91.20678  ? 65  ARG A NH1 1 
ATOM   540  N  NH2 . ARG A 1 65 ? -6.04874  11.71652  7.49442   1.000 87.94891  ? 65  ARG A NH2 1 
ATOM   541  N  N   . PRO A 1 66 ? 1.08271   9.70621   11.40215  1.000 95.42465  ? 66  PRO A N   1 
ATOM   542  C  CA  . PRO A 1 66 ? 0.77939   11.12197  11.12490  1.000 97.85649  ? 66  PRO A CA  1 
ATOM   543  C  C   . PRO A 1 66 ? 0.93074   11.52272  9.66919   1.000 95.95826  ? 66  PRO A C   1 
ATOM   544  O  O   . PRO A 1 66 ? 0.35397   12.53973  9.28106   1.000 93.98322  ? 66  PRO A O   1 
ATOM   545  C  CB  . PRO A 1 66 ? 1.80240   11.86888  11.97761  1.000 95.54797  ? 66  PRO A CB  1 
ATOM   546  C  CG  . PRO A 1 66 ? 2.95238   10.95359  12.03218  1.000 96.56854  ? 66  PRO A CG  1 
ATOM   547  C  CD  . PRO A 1 66 ? 2.38285   9.56250   12.08134  1.000 93.32207  ? 66  PRO A CD  1 
ATOM   548  N  N   . PHE A 1 67 ? 1.68949   10.72484  8.90946   1.000 95.03998  ? 67  PHE A N   1 
ATOM   549  C  CA  . PHE A 1 67 ? 1.87515   10.95070  7.48222   1.000 95.71211  ? 67  PHE A CA  1 
ATOM   550  C  C   . PHE A 1 67 ? 0.53667   11.02409  6.77031   1.000 94.74215  ? 67  PHE A C   1 
ATOM   551  O  O   . PHE A 1 67 ? -0.39987  10.30192  7.11524   1.000 97.58351  ? 67  PHE A O   1 
ATOM   552  C  CB  . PHE A 1 67 ? 2.70050   9.81879   6.88298   1.000 93.40397  ? 67  PHE A CB  1 
ATOM   553  C  CG  . PHE A 1 67 ? 4.04970   9.66401   7.50039   1.000 98.19547  ? 67  PHE A CG  1 
ATOM   554  C  CD1 . PHE A 1 67 ? 5.05105   10.58490  7.24509   1.000 99.89697  ? 67  PHE A CD1 1 
ATOM   555  C  CD2 . PHE A 1 67 ? 4.33225   8.58291   8.31938   1.000 98.04396  ? 67  PHE A CD2 1 
ATOM   556  C  CE1 . PHE A 1 67 ? 6.31134   10.43617  7.80846   1.000 103.79516 ? 67  PHE A CE1 1 
ATOM   557  C  CE2 . PHE A 1 67 ? 5.58518   8.42521   8.88505   1.000 98.64878  ? 67  PHE A CE2 1 
ATOM   558  C  CZ  . PHE A 1 67 ? 6.57889   9.34918   8.62867   1.000 104.89285 ? 67  PHE A CZ  1 
ATOM   559  N  N   . ARG A 1 68 ? 0.44294   11.89101  5.76361   1.000 91.88177  ? 68  ARG A N   1 
ATOM   560  C  CA  . ARG A 1 68 ? -0.80202  12.03784  5.02017   1.000 97.12548  ? 68  ARG A CA  1 
ATOM   561  C  C   . ARG A 1 68 ? -0.86275  11.12647  3.80849   1.000 98.72347  ? 68  ARG A C   1 
ATOM   562  O  O   . ARG A 1 68 ? -1.50112  11.46763  2.80652   1.000 102.78346 ? 68  ARG A O   1 
ATOM   563  C  CB  . ARG A 1 68 ? -1.01067  13.49119  4.60647   1.000 99.47646  ? 68  ARG A CB  1 
ATOM   564  C  CG  . ARG A 1 68 ? -0.98663  14.42744  5.76642   1.000 101.24451 ? 68  ARG A CG  1 
ATOM   565  C  CD  . ARG A 1 68 ? -1.54187  15.76185  5.38020   1.000 110.31712 ? 68  ARG A CD  1 
ATOM   566  N  NE  . ARG A 1 68 ? -1.20453  16.76606  6.38028   1.000 115.42358 ? 68  ARG A NE  1 
ATOM   567  C  CZ  . ARG A 1 68 ? -1.59418  18.03526  6.31494   1.000 118.10759 ? 68  ARG A CZ  1 
ATOM   568  N  NH1 . ARG A 1 68 ? -2.34404  18.45776  5.29863   1.000 119.22239 ? 68  ARG A NH1 1 
ATOM   569  N  NH2 . ARG A 1 68 ? -1.23721  18.88053  7.26997   1.000 120.47378 ? 68  ARG A NH2 1 
ATOM   570  N  N   . TYR A 1 69 ? -0.20055  9.98171   3.87432   1.000 97.16728  ? 69  TYR A N   1 
ATOM   571  C  CA  . TYR A 1 69 ? -0.30602  8.93888   2.87099   1.000 97.12802  ? 69  TYR A CA  1 
ATOM   572  C  C   . TYR A 1 69 ? -1.20716  7.82037   3.37345   1.000 95.16562  ? 69  TYR A C   1 
ATOM   573  O  O   . TYR A 1 69 ? -1.13831  7.42833   4.54529   1.000 92.01623  ? 69  TYR A O   1 
ATOM   574  C  CB  . TYR A 1 69 ? 1.07066   8.37679   2.53774   1.000 100.56423 ? 69  TYR A CB  1 
ATOM   575  C  CG  . TYR A 1 69 ? 1.90304   9.28554   1.67687   1.000 107.59482 ? 69  TYR A CG  1 
ATOM   576  C  CD1 . TYR A 1 69 ? 1.74611   9.30143   0.29300   1.000 104.73882 ? 69  TYR A CD1 1 
ATOM   577  C  CD2 . TYR A 1 69 ? 2.85530   10.12543  2.24064   1.000 107.77135 ? 69  TYR A CD2 1 
ATOM   578  C  CE1 . TYR A 1 69 ? 2.51317   10.12975  -0.50116  1.000 109.51344 ? 69  TYR A CE1 1 
ATOM   579  C  CE2 . TYR A 1 69 ? 3.62803   10.95817  1.45233   1.000 111.27899 ? 69  TYR A CE2 1 
ATOM   580  C  CZ  . TYR A 1 69 ? 3.44892   10.96060  0.08494   1.000 112.93640 ? 69  TYR A CZ  1 
ATOM   581  O  OH  . TYR A 1 69 ? 4.22377   11.78711  -0.69917  1.000 113.72093 ? 69  TYR A OH  1 
ATOM   582  N  N   . TYR A 1 70 ? -2.04114  7.29748   2.47625   1.000 90.83203  ? 70  TYR A N   1 
ATOM   583  C  CA  . TYR A 1 70 ? -2.94652  6.21677   2.81344   1.000 86.49327  ? 70  TYR A CA  1 
ATOM   584  C  C   . TYR A 1 70 ? -2.60512  4.96944   2.01575   1.000 90.30796  ? 70  TYR A C   1 
ATOM   585  O  O   . TYR A 1 70 ? -1.93481  5.02477   0.98410   1.000 95.57381  ? 70  TYR A O   1 
ATOM   586  C  CB  . TYR A 1 70 ? -4.40606  6.60790   2.57798   1.000 84.91976  ? 70  TYR A CB  1 
ATOM   587  C  CG  . TYR A 1 70 ? -4.81217  6.96904   1.16170   1.000 87.81994  ? 70  TYR A CG  1 
ATOM   588  C  CD1 . TYR A 1 70 ? -5.07614  5.99103   0.20567   1.000 88.88499  ? 70  TYR A CD1 1 
ATOM   589  C  CD2 . TYR A 1 70 ? -5.00577  8.28946   0.80020   1.000 89.88333  ? 70  TYR A CD2 1 
ATOM   590  C  CE1 . TYR A 1 70 ? -5.48656  6.33135   -1.09088  1.000 89.98521  ? 70  TYR A CE1 1 
ATOM   591  C  CE2 . TYR A 1 70 ? -5.41319  8.63689   -0.48158  1.000 94.07089  ? 70  TYR A CE2 1 
ATOM   592  C  CZ  . TYR A 1 70 ? -5.65576  7.66047   -1.41770  1.000 90.15111  ? 70  TYR A CZ  1 
ATOM   593  O  OH  . TYR A 1 70 ? -6.06138  8.03482   -2.67131  1.000 89.07430  ? 70  TYR A OH  1 
ATOM   594  N  N   . VAL A 1 71 ? -3.07593  3.83633   2.51778   1.000 89.06329  ? 71  VAL A N   1 
ATOM   595  C  CA  . VAL A 1 71 ? -2.97787  2.55695   1.83266   1.000 82.86776  ? 71  VAL A CA  1 
ATOM   596  C  C   . VAL A 1 71 ? -4.34251  2.26196   1.24251   1.000 82.02581  ? 71  VAL A C   1 
ATOM   597  O  O   . VAL A 1 71 ? -5.27766  1.95547   1.98050   1.000 82.92669  ? 71  VAL A O   1 
ATOM   598  C  CB  . VAL A 1 71 ? -2.56454  1.44644   2.79638   1.000 80.03455  ? 71  VAL A CB  1 
ATOM   599  C  CG1 . VAL A 1 71 ? -2.66074  0.10911   2.10950   1.000 85.58751  ? 71  VAL A CG1 1 
ATOM   600  C  CG2 . VAL A 1 71 ? -1.19142  1.70841   3.34054   1.000 82.69466  ? 71  VAL A CG2 1 
ATOM   601  N  N   . ALA A 1 72 ? -4.47687  2.34439   -0.07648  1.000 83.96210  ? 72  ALA A N   1 
ATOM   602  C  CA  . ALA A 1 72 ? -5.71015  1.91544   -0.72269  1.000 81.45122  ? 72  ALA A CA  1 
ATOM   603  C  C   . ALA A 1 72 ? -5.71207  0.40005   -0.89289  1.000 86.39023  ? 72  ALA A C   1 
ATOM   604  O  O   . ALA A 1 72 ? -4.67377  -0.20265  -1.17814  1.000 84.24888  ? 72  ALA A O   1 
ATOM   605  C  CB  . ALA A 1 72 ? -5.86579  2.59229   -2.07344  1.000 79.81732  ? 72  ALA A CB  1 
ATOM   606  N  N   . TYR A 1 73 ? -6.87280  -0.22602  -0.70461  1.000 83.56224  ? 73  TYR A N   1 
ATOM   607  C  CA  . TYR A 1 73 ? -6.87824  -1.67980  -0.76569  1.000 85.35688  ? 73  TYR A CA  1 
ATOM   608  C  C   . TYR A 1 73 ? -8.27266  -2.19103  -1.10782  1.000 89.66460  ? 73  TYR A C   1 
ATOM   609  O  O   . TYR A 1 73 ? -9.26142  -1.44591  -1.10933  1.000 86.09644  ? 73  TYR A O   1 
ATOM   610  C  CB  . TYR A 1 73 ? -6.34373  -2.29461  0.53628   1.000 78.69857  ? 73  TYR A CB  1 
ATOM   611  C  CG  . TYR A 1 73 ? -7.23528  -2.12960  1.73852   1.000 82.71683  ? 73  TYR A CG  1 
ATOM   612  C  CD1 . TYR A 1 73 ? -7.17747  -0.98663  2.52867   1.000 79.53296  ? 73  TYR A CD1 1 
ATOM   613  C  CD2 . TYR A 1 73 ? -8.11588  -3.14303  2.11055   1.000 82.52588  ? 73  TYR A CD2 1 
ATOM   614  C  CE1 . TYR A 1 73 ? -8.00233  -0.85115  3.64566   1.000 82.22877  ? 73  TYR A CE1 1 
ATOM   615  C  CE2 . TYR A 1 73 ? -8.92312  -3.01872  3.21084   1.000 78.82754  ? 73  TYR A CE2 1 
ATOM   616  C  CZ  . TYR A 1 73 ? -8.86580  -1.87262  3.96989   1.000 79.20384  ? 73  TYR A CZ  1 
ATOM   617  O  OH  . TYR A 1 73 ? -9.67308  -1.76980  5.06186   1.000 81.43846  ? 73  TYR A OH  1 
ATOM   618  N  N   . ARG A 1 74 ? -8.31277  -3.49050  -1.43184  1.000 91.62478  ? 74  ARG A N   1 
ATOM   619  C  CA  . ARG A 1 74 ? -9.49863  -4.23105  -1.84019  1.000 94.86441  ? 74  ARG A CA  1 
ATOM   620  C  C   . ARG A 1 74 ? -9.53864  -5.53871  -1.05840  1.000 90.71523  ? 74  ARG A C   1 
ATOM   621  O  O   . ARG A 1 74 ? -8.49835  -6.16088  -0.83578  1.000 88.17799  ? 74  ARG A O   1 
ATOM   622  C  CB  . ARG A 1 74 ? -9.47689  -4.49178  -3.35476  1.000 95.28517  ? 74  ARG A CB  1 
ATOM   623  C  CG  . ARG A 1 74 ? -10.53494 -5.45425  -3.83540  1.000 100.87540 ? 74  ARG A CG  1 
ATOM   624  C  CD  . ARG A 1 74 ? -10.39977 -5.74066  -5.32537  1.000 102.05090 ? 74  ARG A CD  1 
ATOM   625  N  NE  . ARG A 1 74 ? -9.13902  -6.40570  -5.63912  1.000 104.87513 ? 74  ARG A NE  1 
ATOM   626  C  CZ  . ARG A 1 74 ? -8.71549  -6.65690  -6.87568  1.000 111.64732 ? 74  ARG A CZ  1 
ATOM   627  N  NH1 . ARG A 1 74 ? -9.45899  -6.29585  -7.92008  1.000 111.43958 ? 74  ARG A NH1 1 
ATOM   628  N  NH2 . ARG A 1 74 ? -7.54734  -7.26846  -7.07287  1.000 111.66574 ? 74  ARG A NH2 1 
ATOM   629  N  N   . THR A 1 75 ? -10.73786 -5.93699  -0.62111  1.000 97.87212  ? 75  THR A N   1 
ATOM   630  C  CA  . THR A 1 75 ? -10.93996 -7.06315  0.30036   1.000 96.14518  ? 75  THR A CA  1 
ATOM   631  C  C   . THR A 1 75 ? -12.03089 -7.95378  -0.26353  1.000 101.54355 ? 75  THR A C   1 
ATOM   632  O  O   . THR A 1 75 ? -13.21843 -7.63225  -0.15117  1.000 102.71321 ? 75  THR A O   1 
ATOM   633  C  CB  . THR A 1 75 ? -11.36514 -6.60359  1.69141   1.000 94.20598  ? 75  THR A CB  1 
ATOM   634  O  OG1 . THR A 1 75 ? -10.31832 -5.85686  2.29795   1.000 94.97146  ? 75  THR A OG1 1 
ATOM   635  C  CG2 . THR A 1 75 ? -11.70222 -7.78396  2.55284   1.000 95.27351  ? 75  THR A CG2 1 
ATOM   636  N  N   . THR A 1 76 ? -11.64645 -9.07429  -0.85221  1.000 106.54551 ? 76  THR A N   1 
ATOM   637  C  CA  . THR A 1 76 ? -12.64209 -10.08404 -1.13839  1.000 110.48211 ? 76  THR A CA  1 
ATOM   638  C  C   . THR A 1 76 ? -12.71629 -11.03340 0.04136   1.000 115.74041 ? 76  THR A C   1 
ATOM   639  O  O   . THR A 1 76 ? -11.97956 -10.89614 1.02199   1.000 119.82914 ? 76  THR A O   1 
ATOM   640  C  CB  . THR A 1 76 ? -12.32458 -10.85360 -2.40436  1.000 113.81167 ? 76  THR A CB  1 
ATOM   641  O  OG1 . THR A 1 76 ? -13.24894 -11.94716 -2.49194  1.000 124.23283 ? 76  THR A OG1 1 
ATOM   642  C  CG2 . THR A 1 76 ? -10.90211 -11.38598 -2.35946  1.000 109.85096 ? 76  THR A CG2 1 
ATOM   643  N  N   . ASP A 1 77 ? -13.60514 -12.02093 -0.04764  1.000 117.11808 ? 77  ASP A N   1 
ATOM   644  C  CA  . ASP A 1 77 ? -13.70857 -12.94988 1.06949   1.000 124.90018 ? 77  ASP A CA  1 
ATOM   645  C  C   . ASP A 1 77 ? -12.47295 -13.83053 1.20283   1.000 121.67703 ? 77  ASP A C   1 
ATOM   646  O  O   . ASP A 1 77 ? -12.21761 -14.34597 2.29713   1.000 121.88319 ? 77  ASP A O   1 
ATOM   647  C  CB  . ASP A 1 77 ? -14.97376 -13.79434 0.94272   1.000 128.53919 ? 77  ASP A CB  1 
ATOM   648  C  CG  . ASP A 1 77 ? -16.21703 -12.98097 1.20072   1.000 136.92446 ? 77  ASP A CG  1 
ATOM   649  O  OD1 . ASP A 1 77 ? -16.07899 -11.86031 1.74930   1.000 136.26624 ? 77  ASP A OD1 1 
ATOM   650  O  OD2 . ASP A 1 77 ? -17.31673 -13.43206 0.81306   1.000 146.15901 ? 77  ASP A OD2 1 
ATOM   651  N  N   . GLU A 1 78 ? -11.68378 -13.97447 0.13421   1.000 117.98660 ? 78  GLU A N   1 
ATOM   652  C  CA  . GLU A 1 78 ? -10.50198 -14.83109 0.14383   1.000 117.88684 ? 78  GLU A CA  1 
ATOM   653  C  C   . GLU A 1 78 ? -9.20209  -14.06122 0.27588   1.000 113.95221 ? 78  GLU A C   1 
ATOM   654  O  O   . GLU A 1 78 ? -8.21992  -14.60497 0.79229   1.000 112.87404 ? 78  GLU A O   1 
ATOM   655  C  CB  . GLU A 1 78 ? -10.42106 -15.67226 -1.14140  1.000 123.66545 ? 78  GLU A CB  1 
ATOM   656  C  CG  . GLU A 1 78 ? -11.51253 -16.72075 -1.30109  1.000 134.11774 ? 78  GLU A CG  1 
ATOM   657  C  CD  . GLU A 1 78 ? -11.41061 -17.45892 -2.62164  1.000 147.01450 ? 78  GLU A CD  1 
ATOM   658  O  OE1 . GLU A 1 78 ? -10.60714 -17.00967 -3.47292  1.000 150.78931 ? 78  GLU A OE1 1 
ATOM   659  O  OE2 . GLU A 1 78 ? -12.14188 -18.46944 -2.81329  1.000 151.08036 ? 78  GLU A OE2 1 
ATOM   660  N  N   . ALA A 1 79 ? -9.16634  -12.81961 -0.18766  1.000 109.65279 ? 79  ALA A N   1 
ATOM   661  C  CA  . ALA A 1 79 ? -7.90533  -12.12827 -0.34819  1.000 105.63954 ? 79  ALA A CA  1 
ATOM   662  C  C   . ALA A 1 79 ? -8.01302  -10.70161 0.15720   1.000 100.74040 ? 79  ALA A C   1 
ATOM   663  O  O   . ALA A 1 79 ? -9.09684  -10.18326 0.44421   1.000 99.50963  ? 79  ALA A O   1 
ATOM   664  C  CB  . ALA A 1 79 ? -7.44868  -12.13265 -1.80973  1.000 107.66807 ? 79  ALA A CB  1 
ATOM   665  N  N   . ILE A 1 80 ? -6.83911  -10.09090 0.27554   1.000 98.56316  ? 80  ILE A N   1 
ATOM   666  C  CA  . ILE A 1 80 ? -6.64307  -8.67786  0.55562   1.000 94.87677  ? 80  ILE A CA  1 
ATOM   667  C  C   . ILE A 1 80 ? -5.53729  -8.22857  -0.38434  1.000 96.32993  ? 80  ILE A C   1 
ATOM   668  O  O   . ILE A 1 80 ? -4.43464  -8.78585  -0.34899  1.000 99.33005  ? 80  ILE A O   1 
ATOM   669  C  CB  . ILE A 1 80 ? -6.24986  -8.43402  2.02384   1.000 89.58978  ? 80  ILE A CB  1 
ATOM   670  C  CG1 . ILE A 1 80 ? -7.44661  -8.66003  2.92891   1.000 92.03303  ? 80  ILE A CG1 1 
ATOM   671  C  CG2 . ILE A 1 80 ? -5.65494  -7.04490  2.21781   1.000 87.06060  ? 80  ILE A CG2 1 
ATOM   672  C  CD1 . ILE A 1 80 ? -7.06587  -8.81121  4.37962   1.000 91.05417  ? 80  ILE A CD1 1 
ATOM   673  N  N   . ASP A 1 81 ? -5.83112  -7.25448  -1.24994  1.000 93.30294  ? 81  ASP A N   1 
ATOM   674  C  CA  . ASP A 1 81 ? -4.90323  -6.83561  -2.30063  1.000 96.71488  ? 81  ASP A CA  1 
ATOM   675  C  C   . ASP A 1 81 ? -4.48630  -5.39066  -2.04902  1.000 93.52947  ? 81  ASP A C   1 
ATOM   676  O  O   . ASP A 1 81 ? -5.27713  -4.46788  -2.27166  1.000 94.08778  ? 81  ASP A O   1 
ATOM   677  C  CB  . ASP A 1 81 ? -5.52991  -6.97364  -3.69467  1.000 95.81125  ? 81  ASP A CB  1 
ATOM   678  C  CG  . ASP A 1 81 ? -5.87042  -8.41621  -4.06456  1.000 102.34871 ? 81  ASP A CG  1 
ATOM   679  O  OD1 . ASP A 1 81 ? -5.35066  -9.36923  -3.44922  1.000 102.82921 ? 81  ASP A OD1 1 
ATOM   680  O  OD2 . ASP A 1 81 ? -6.66963  -8.59365  -5.00278  1.000 108.30800 ? 81  ASP A OD2 1 
ATOM   681  N  N   . ILE A 1 82 ? -3.24304  -5.18341  -1.62093  1.000 90.67103  ? 82  ILE A N   1 
ATOM   682  C  CA  . ILE A 1 82 ? -2.74395  -3.83432  -1.37247  1.000 87.49253  ? 82  ILE A CA  1 
ATOM   683  C  C   . ILE A 1 82 ? -2.47864  -3.18817  -2.73212  1.000 91.65168  ? 82  ILE A C   1 
ATOM   684  O  O   . ILE A 1 82 ? -1.61658  -3.64785  -3.48175  1.000 95.83180  ? 82  ILE A O   1 
ATOM   685  C  CB  . ILE A 1 82 ? -1.48764  -3.85115  -0.49509  1.000 82.74527  ? 82  ILE A CB  1 
ATOM   686  C  CG1 . ILE A 1 82 ? -1.74807  -4.63299  0.78379   1.000 83.37573  ? 82  ILE A CG1 1 
ATOM   687  C  CG2 . ILE A 1 82 ? -1.08314  -2.44829  -0.13008  1.000 82.69411  ? 82  ILE A CG2 1 
ATOM   688  C  CD1 . ILE A 1 82 ? -2.91897  -4.09229  1.63055   1.000 79.75511  ? 82  ILE A CD1 1 
ATOM   689  N  N   . LEU A 1 83 ? -3.23627  -2.13518  -3.06399  1.000 87.15506  ? 83  LEU A N   1 
ATOM   690  C  CA  . LEU A 1 83 ? -3.27856  -1.59728  -4.42358  1.000 88.66624  ? 83  LEU A CA  1 
ATOM   691  C  C   . LEU A 1 83 ? -2.41962  -0.35976  -4.61856  1.000 93.06602  ? 83  LEU A C   1 
ATOM   692  O  O   . LEU A 1 83 ? -1.85148  -0.17304  -5.70118  1.000 95.70964  ? 83  LEU A O   1 
ATOM   693  C  CB  . LEU A 1 83 ? -4.71475  -1.25729  -4.82556  1.000 87.83071  ? 83  LEU A CB  1 
ATOM   694  C  CG  . LEU A 1 83 ? -5.65905  -2.45275  -4.83883  1.000 90.53432  ? 83  LEU A CG  1 
ATOM   695  C  CD1 . LEU A 1 83 ? -7.06092  -1.99911  -5.13542  1.000 89.78830  ? 83  LEU A CD1 1 
ATOM   696  C  CD2 . LEU A 1 83 ? -5.18354  -3.48135  -5.84182  1.000 87.79104  ? 83  LEU A CD2 1 
ATOM   697  N  N   . ALA A 1 84 ? -2.31822  0.50074   -3.61346  1.000 90.52696  ? 84  ALA A N   1 
ATOM   698  C  CA  . ALA A 1 84 ? -1.62274  1.76074   -3.81181  1.000 92.19614  ? 84  ALA A CA  1 
ATOM   699  C  C   . ALA A 1 84 ? -1.19466  2.33528   -2.46618  1.000 92.36886  ? 84  ALA A C   1 
ATOM   700  O  O   . ALA A 1 84 ? -1.62237  1.87498   -1.40221  1.000 89.43687  ? 84  ALA A O   1 
ATOM   701  C  CB  . ALA A 1 84 ? -2.50241  2.75156   -4.58469  1.000 87.69368  ? 84  ALA A CB  1 
ATOM   702  N  N   . VAL A 1 85 ? -0.31078  3.32751   -2.53740  1.000 95.59547  ? 85  VAL A N   1 
ATOM   703  C  CA  . VAL A 1 85 ? 0.02054   4.20103   -1.41512  1.000 93.52492  ? 85  VAL A CA  1 
ATOM   704  C  C   . VAL A 1 85 ? 0.09249   5.60738   -2.00100  1.000 99.51930  ? 85  VAL A C   1 
ATOM   705  O  O   . VAL A 1 85 ? 1.08222   5.97170   -2.64389  1.000 102.61968 ? 85  VAL A O   1 
ATOM   706  C  CB  . VAL A 1 85 ? 1.32827   3.80898   -0.72309  1.000 92.08783  ? 85  VAL A CB  1 
ATOM   707  C  CG1 . VAL A 1 85 ? 1.72700   4.83929   0.26402   1.000 89.85857  ? 85  VAL A CG1 1 
ATOM   708  C  CG2 . VAL A 1 85 ? 1.13645   2.51973   0.01242   1.000 97.68924  ? 85  VAL A CG2 1 
ATOM   709  N  N   . ARG A 1 86 ? -0.96597  6.39098   -1.80848  1.000 95.72865  ? 86  ARG A N   1 
ATOM   710  C  CA  . ARG A 1 86 ? -1.09231  7.71136   -2.40524  1.000 96.07469  ? 86  ARG A CA  1 
ATOM   711  C  C   . ARG A 1 86 ? -1.25916  8.75904   -1.30945  1.000 101.44642 ? 86  ARG A C   1 
ATOM   712  O  O   . ARG A 1 86 ? -1.55809  8.43663   -0.15707  1.000 104.41860 ? 86  ARG A O   1 
ATOM   713  C  CB  . ARG A 1 86 ? -2.27680  7.75501   -3.38466  1.000 97.11605  ? 86  ARG A CB  1 
ATOM   714  C  CG  . ARG A 1 86 ? -2.34302  6.53065   -4.29229  1.000 98.28586  ? 86  ARG A CG  1 
ATOM   715  C  CD  . ARG A 1 86 ? -1.10962  6.45057   -5.18376  1.000 99.78544  ? 86  ARG A CD  1 
ATOM   716  N  NE  . ARG A 1 86 ? -1.15022  7.49651   -6.20023  1.000 103.94511 ? 86  ARG A NE  1 
ATOM   717  C  CZ  . ARG A 1 86 ? -0.09610  7.93539   -6.87662  1.000 105.17413 ? 86  ARG A CZ  1 
ATOM   718  N  NH1 . ARG A 1 86 ? 1.10869   7.42406   -6.64984  1.000 101.96222 ? 86  ARG A NH1 1 
ATOM   719  N  NH2 . ARG A 1 86 ? -0.25978  8.89347   -7.78201  1.000 109.36046 ? 86  ARG A NH2 1 
ATOM   720  N  N   . HIS A 1 87 ? -1.02600  10.02633  -1.65915  1.000 104.99152 ? 87  HIS A N   1 
ATOM   721  C  CA  . HIS A 1 87 ? -1.08506  11.11933  -0.65106  1.000 102.45642 ? 87  HIS A CA  1 
ATOM   722  C  C   . HIS A 1 87 ? -2.52212  11.60352  -0.46630  1.000 101.17114 ? 87  HIS A C   1 
ATOM   723  O  O   . HIS A 1 87 ? -3.36038  11.29671  -1.32730  1.000 99.88080  ? 87  HIS A O   1 
ATOM   724  C  CB  . HIS A 1 87 ? -0.17141  12.26996  -1.07253  1.000 103.63179 ? 87  HIS A CB  1 
ATOM   725  C  CG  . HIS A 1 87 ? 0.16804   13.20646  0.03273   1.000 110.20533 ? 87  HIS A CG  1 
ATOM   726  N  ND1 . HIS A 1 87 ? -0.31682  14.49697  0.07798   1.000 105.52485 ? 87  HIS A ND1 1 
ATOM   727  C  CD2 . HIS A 1 87 ? 0.93767   13.04855  1.13068   1.000 113.72741 ? 87  HIS A CD2 1 
ATOM   728  C  CE1 . HIS A 1 87 ? 0.14103   15.09809  1.15558   1.000 111.41891 ? 87  HIS A CE1 1 
ATOM   729  N  NE2 . HIS A 1 87 ? 0.91345   14.23044  1.81873   1.000 115.98903 ? 87  HIS A NE2 1 
ATOM   730  N  N   . GLY A 1 88 ? -2.78179  12.35054  0.60817   1.000 99.15944  ? 88  GLY A N   1 
ATOM   731  C  CA  . GLY A 1 88 ? -4.13973  12.85929  0.87504   1.000 106.29819 ? 88  GLY A CA  1 
ATOM   732  C  C   . GLY A 1 88 ? -4.14370  13.97049  1.91045   1.000 113.05527 ? 88  GLY A C   1 
ATOM   733  O  O   . GLY A 1 88 ? -5.20910  14.60019  2.06383   1.000 115.42423 ? 88  GLY A O   1 
ATOM   734  N  N   . ILE B 2 36 ? -9.13164  9.22830   -5.03586  1.000 105.81489 ? 36  ILE B N   1 
ATOM   735  C  CA  . ILE B 2 36 ? -9.92329  10.49310  -4.99817  1.000 115.46608 ? 36  ILE B CA  1 
ATOM   736  C  C   . ILE B 2 36 ? -9.70454  11.25156  -6.31125  1.000 119.64803 ? 36  ILE B C   1 
ATOM   737  O  O   . ILE B 2 36 ? -10.69879 11.51225  -7.00978  1.000 124.06235 ? 36  ILE B O   1 
ATOM   738  C  CB  . ILE B 2 36 ? -9.52999  11.34263  -3.77722  1.000 114.48288 ? 36  ILE B CB  1 
ATOM   739  C  CG1 . ILE B 2 36 ? -9.48940  10.51146  -2.49239  1.000 107.70397 ? 36  ILE B CG1 1 
ATOM   740  C  CG2 . ILE B 2 36 ? -10.44782 12.54682  -3.64331  1.000 114.97286 ? 36  ILE B CG2 1 
ATOM   741  C  CD1 . ILE B 2 36 ? -9.14155  11.30538  -1.25558  1.000 97.29991  ? 36  ILE B CD1 1 
ATOM   742  N  N   . SER B 2 37 ? -8.45579  11.59606  -6.62588  1.000 115.85471 ? 37  SER B N   1 
ATOM   743  C  CA  . SER B 2 37 ? -8.16077  12.26016  -7.92212  1.000 111.98982 ? 37  SER B CA  1 
ATOM   744  C  C   . SER B 2 37 ? -8.33475  11.24466  -9.04424  1.000 113.39009 ? 37  SER B C   1 
ATOM   745  O  O   . SER B 2 37 ? -7.72475  10.17247  -8.96758  1.000 115.52924 ? 37  SER B O   1 
ATOM   746  C  CB  . SER B 2 37 ? -6.78425  12.84403  -7.95044  1.000 110.47791 ? 37  SER B CB  1 
ATOM   747  O  OG  . SER B 2 37 ? -6.51374  13.42984  -9.21314  1.000 117.30939 ? 37  SER B OG  1 
ATOM   748  N  N   . GLU B 2 38 ? -9.14790  11.57907  -10.03462 1.000 113.62144 ? 38  GLU B N   1 
ATOM   749  C  CA  . GLU B 2 38 ? -9.39443  10.67003  -11.15795 1.000 108.41460 ? 38  GLU B CA  1 
ATOM   750  C  C   . GLU B 2 38 ? -8.12610  9.97100   -11.61571 1.000 109.30233 ? 38  GLU B C   1 
ATOM   751  O  O   . GLU B 2 38 ? -8.15739  8.79467   -12.00067 1.000 106.36490 ? 38  GLU B O   1 
ATOM   752  C  CB  . GLU B 2 38 ? -10.00894 11.42581  -12.33215 1.000 112.39556 ? 38  GLU B CB  1 
ATOM   753  C  CG  . GLU B 2 38 ? -11.41624 11.95644  -12.07788 1.000 122.05475 ? 38  GLU B CG  1 
ATOM   754  C  CD  . GLU B 2 38 ? -11.43091 13.19420  -11.17951 1.000 128.17903 ? 38  GLU B CD  1 
ATOM   755  O  OE1 . GLU B 2 38 ? -10.32899 13.70160  -10.85466 1.000 125.01641 ? 38  GLU B OE1 1 
ATOM   756  O  OE2 . GLU B 2 38 ? -12.53923 13.65628  -10.80263 1.000 129.17480 ? 38  GLU B OE2 1 
ATOM   757  N  N   . ALA B 2 39 ? -7.00074  10.68465  -11.59558 1.000 110.56465 ? 39  ALA B N   1 
ATOM   758  C  CA  . ALA B 2 39 ? -5.70837  10.05118  -11.82235 1.000 107.78466 ? 39  ALA B CA  1 
ATOM   759  C  C   . ALA B 2 39 ? -5.55623  8.80221   -10.96177 1.000 107.30509 ? 39  ALA B C   1 
ATOM   760  O  O   . ALA B 2 39 ? -5.37513  7.68837   -11.46920 1.000 104.34411 ? 39  ALA B O   1 
ATOM   761  C  CB  . ALA B 2 39 ? -4.58827  11.04851  -11.52103 1.000 108.24506 ? 39  ALA B CB  1 
ATOM   762  N  N   . ASN B 2 40 ? -5.67168  8.97723   -9.64240  1.000 107.50696 ? 40  ASN B N   1 
ATOM   763  C  CA  . ASN B 2 40 ? -5.44082  7.88299   -8.70883  1.000 102.23470 ? 40  ASN B CA  1 
ATOM   764  C  C   . ASN B 2 40 ? -6.52689  6.81746   -8.77595  1.000 101.22037 ? 40  ASN B C   1 
ATOM   765  O  O   . ASN B 2 40 ? -6.23481  5.63790   -8.56017  1.000 99.71637  ? 40  ASN B O   1 
ATOM   766  C  CB  . ASN B 2 40 ? -5.31018  8.44879   -7.30327  1.000 99.79063  ? 40  ASN B CB  1 
ATOM   767  C  CG  . ASN B 2 40 ? -4.25409  9.50971   -7.23095  1.000 104.03091 ? 40  ASN B CG  1 
ATOM   768  O  OD1 . ASN B 2 40 ? -3.06634  9.21554   -7.05502  1.000 100.30955 ? 40  ASN B OD1 1 
ATOM   769  N  ND2 . ASN B 2 40 ? -4.66762  10.75840  -7.41364  1.000 109.51546 ? 40  ASN B ND2 1 
ATOM   770  N  N   . GLN B 2 41 ? -7.77288  7.19605   -9.07248  1.000 100.82685 ? 41  GLN B N   1 
ATOM   771  C  CA  . GLN B 2 41 ? -8.80465  6.18274   -9.25342  1.000 98.49734  ? 41  GLN B CA  1 
ATOM   772  C  C   . GLN B 2 41 ? -8.47385  5.28960   -10.43547 1.000 103.08434 ? 41  GLN B C   1 
ATOM   773  O  O   . GLN B 2 41 ? -8.68790  4.07246   -10.39154 1.000 99.64213  ? 41  GLN B O   1 
ATOM   774  C  CB  . GLN B 2 41 ? -10.16790 6.82861   -9.46511  1.000 100.39346 ? 41  GLN B CB  1 
ATOM   775  C  CG  . GLN B 2 41 ? -10.41162 8.10807   -8.70766  1.000 105.59607 ? 41  GLN B CG  1 
ATOM   776  C  CD  . GLN B 2 41 ? -11.87345 8.48675   -8.74162  1.000 108.11072 ? 41  GLN B CD  1 
ATOM   777  O  OE1 . GLN B 2 41 ? -12.73876 7.61396   -8.80328  1.000 106.69981 ? 41  GLN B OE1 1 
ATOM   778  N  NE2 . GLN B 2 41 ? -12.16291 9.78654   -8.72608  1.000 111.67850 ? 41  GLN B NE2 1 
ATOM   779  N  N   . ALA B 2 42 ? -7.97371  5.88748   -11.51694 1.000 104.33333 ? 42  ALA B N   1 
ATOM   780  C  CA  . ALA B 2 42 ? -7.53675  5.09366   -12.65433 1.000 102.34303 ? 42  ALA B CA  1 
ATOM   781  C  C   . ALA B 2 42 ? -6.35636  4.21260   -12.27674 1.000 103.21999 ? 42  ALA B C   1 
ATOM   782  O  O   . ALA B 2 42 ? -6.32959  3.01956   -12.60626 1.000 102.08179 ? 42  ALA B O   1 
ATOM   783  C  CB  . ALA B 2 42 ? -7.17349  6.01617   -13.81181 1.000 105.41564 ? 42  ALA B CB  1 
ATOM   784  N  N   . LEU B 2 43 ? -5.38465  4.79070   -11.56066 1.000 103.08402 ? 43  LEU B N   1 
ATOM   785  C  CA  . LEU B 2 43 ? -4.20025  4.05750   -11.12472 1.000 98.60394  ? 43  LEU B CA  1 
ATOM   786  C  C   . LEU B 2 43 ? -4.56027  2.88712   -10.21254 1.000 100.08328 ? 43  LEU B C   1 
ATOM   787  O  O   . LEU B 2 43 ? -3.97585  1.80234   -10.32953 1.000 101.38444 ? 43  LEU B O   1 
ATOM   788  C  CB  . LEU B 2 43 ? -3.24457  5.02850   -10.42803 1.000 94.59039  ? 43  LEU B CB  1 
ATOM   789  C  CG  . LEU B 2 43 ? -2.04943  4.50184   -9.64847  1.000 94.40356  ? 43  LEU B CG  1 
ATOM   790  C  CD1 . LEU B 2 43 ? -1.21300  3.58917   -10.51780 1.000 98.51437  ? 43  LEU B CD1 1 
ATOM   791  C  CD2 . LEU B 2 43 ? -1.23361  5.66240   -9.15559  1.000 88.22623  ? 43  LEU B CD2 1 
ATOM   792  N  N   . ILE B 2 44 ? -5.51782  3.08689   -9.29641  1.000 100.28229 ? 44  ILE B N   1 
ATOM   793  C  CA  . ILE B 2 44 ? -5.90727  2.04229   -8.34512  1.000 98.66092  ? 44  ILE B CA  1 
ATOM   794  C  C   . ILE B 2 44 ? -6.80006  0.99653   -9.00956  1.000 101.48086 ? 44  ILE B C   1 
ATOM   795  O  O   . ILE B 2 44 ? -6.72050  -0.19763  -8.69183  1.000 101.21766 ? 44  ILE B O   1 
ATOM   796  C  CB  . ILE B 2 44 ? -6.59375  2.67676   -7.12113  1.000 97.22322  ? 44  ILE B CB  1 
ATOM   797  C  CG1 . ILE B 2 44 ? -5.55676  3.31166   -6.19888  1.000 88.45091  ? 44  ILE B CG1 1 
ATOM   798  C  CG2 . ILE B 2 44 ? -7.49725  1.65788   -6.38970  1.000 95.25187  ? 44  ILE B CG2 1 
ATOM   799  C  CD1 . ILE B 2 44 ? -6.17467  4.14578   -5.12342  1.000 82.99010  ? 44  ILE B CD1 1 
ATOM   800  N  N   . GLU B 2 45 ? -7.66852  1.42510   -9.92877  1.000 102.25136 ? 45  GLU B N   1 
ATOM   801  C  CA  . GLU B 2 45 ? -8.46916  0.47028   -10.68432 1.000 99.08951  ? 45  GLU B CA  1 
ATOM   802  C  C   . GLU B 2 45 ? -7.61624  -0.30219  -11.67917 1.000 102.30915 ? 45  GLU B C   1 
ATOM   803  O  O   . GLU B 2 45 ? -7.80995  -1.50839  -11.86575 1.000 103.39545 ? 45  GLU B O   1 
ATOM   804  C  CB  . GLU B 2 45 ? -9.60504  1.19185   -11.39212 1.000 99.42203  ? 45  GLU B CB  1 
ATOM   805  C  CG  . GLU B 2 45 ? -10.61572 1.75966   -10.42849 1.000 107.79289 ? 45  GLU B CG  1 
ATOM   806  C  CD  . GLU B 2 45 ? -11.71358 2.54201   -11.11829 1.000 113.81348 ? 45  GLU B CD  1 
ATOM   807  O  OE1 . GLU B 2 45 ? -11.59871 2.81300   -12.33870 1.000 122.08225 ? 45  GLU B OE1 1 
ATOM   808  O  OE2 . GLU B 2 45 ? -12.69811 2.89401   -10.43203 1.000 116.93941 ? 45  GLU B OE2 1 
ATOM   809  N  N   . ALA B 2 46 ? -6.66695  0.37004   -12.32770 1.000 99.07472  ? 46  ALA B N   1 
ATOM   810  C  CA  . ALA B 2 46 ? -5.73774  -0.34055  -13.19260 1.000 97.94376  ? 46  ALA B CA  1 
ATOM   811  C  C   . ALA B 2 46 ? -5.08917  -1.49110  -12.45122 1.000 100.54116 ? 46  ALA B C   1 
ATOM   812  O  O   . ALA B 2 46 ? -5.11987  -2.63655  -12.91119 1.000 105.17716 ? 46  ALA B O   1 
ATOM   813  C  CB  . ALA B 2 46 ? -4.66918  0.60731   -13.72403 1.000 97.71456  ? 46  ALA B CB  1 
ATOM   814  N  N   . ARG B 2 47 ? -4.50728  -1.20534  -11.28687 1.000 97.84788  ? 47  ARG B N   1 
ATOM   815  C  CA  . ARG B 2 47 ? -3.78349  -2.24095  -10.56328 1.000 101.78201 ? 47  ARG B CA  1 
ATOM   816  C  C   . ARG B 2 47 ? -4.73068  -3.32142  -10.05892 1.000 101.99843 ? 47  ARG B C   1 
ATOM   817  O  O   . ARG B 2 47 ? -4.39471  -4.50916  -10.09110 1.000 100.38978 ? 47  ARG B O   1 
ATOM   818  C  CB  . ARG B 2 47 ? -2.98550  -1.62011  -9.41997  1.000 99.70808  ? 47  ARG B CB  1 
ATOM   819  C  CG  . ARG B 2 47 ? -1.88038  -0.69801  -9.89663  1.000 100.15452 ? 47  ARG B CG  1 
ATOM   820  C  CD  . ARG B 2 47 ? -1.08189  -0.15048  -8.73601  1.000 101.02801 ? 47  ARG B CD  1 
ATOM   821  N  NE  . ARG B 2 47 ? -0.05226  0.80272   -9.14946  1.000 102.35992 ? 47  ARG B NE  1 
ATOM   822  C  CZ  . ARG B 2 47 ? 0.49006   1.69784   -8.32846  1.000 101.69450 ? 47  ARG B CZ  1 
ATOM   823  N  NH1 . ARG B 2 47 ? 0.08354   1.74516   -7.06848  1.000 100.84805 ? 47  ARG B NH1 1 
ATOM   824  N  NH2 . ARG B 2 47 ? 1.41924   2.54273   -8.75729  1.000 100.03413 ? 47  ARG B NH2 1 
ATOM   825  N  N   . ALA B 2 48 ? -5.92139  -2.93191  -9.60454  1.000 101.06154 ? 48  ALA B N   1 
ATOM   826  C  CA  . ALA B 2 48 ? -6.93338  -3.91794  -9.25311  1.000 102.20139 ? 48  ALA B CA  1 
ATOM   827  C  C   . ALA B 2 48 ? -7.21356  -4.85098  -10.42564 1.000 109.73773 ? 48  ALA B C   1 
ATOM   828  O  O   . ALA B 2 48 ? -7.29935  -6.07322  -10.24675 1.000 108.81518 ? 48  ALA B O   1 
ATOM   829  C  CB  . ALA B 2 48 ? -8.21475  -3.21835  -8.80534  1.000 100.26840 ? 48  ALA B CB  1 
ATOM   830  N  N   . ASN B 2 49 ? -7.32072  -4.28402  -11.64294 1.000 110.90840 ? 49  ASN B N   1 
ATOM   831  C  CA  . ASN B 2 49 ? -7.63042  -5.01648  -12.87177 1.000 108.07872 ? 49  ASN B CA  1 
ATOM   832  C  C   . ASN B 2 49 ? -6.44290  -5.78055  -13.45237 1.000 112.76196 ? 49  ASN B C   1 
ATOM   833  O  O   . ASN B 2 49 ? -6.64427  -6.66590  -14.29440 1.000 116.04614 ? 49  ASN B O   1 
ATOM   834  C  CB  . ASN B 2 49 ? -8.14217  -4.05063  -13.93577 1.000 108.00797 ? 49  ASN B CB  1 
ATOM   835  C  CG  . ASN B 2 49 ? -9.48826  -3.47237  -13.59108 1.000 110.68378 ? 49  ASN B CG  1 
ATOM   836  O  OD1 . ASN B 2 49 ? -10.35719 -4.16390  -13.05716 1.000 112.86898 ? 49  ASN B OD1 1 
ATOM   837  N  ND2 . ASN B 2 49 ? -9.67899  -2.19426  -13.90323 1.000 113.21813 ? 49  ASN B ND2 1 
ATOM   838  N  N   . ASP B 2 50 ? -5.21847  -5.43839  -13.06352 1.000 110.03158 ? 50  ASP B N   1 
ATOM   839  C  CA  . ASP B 2 50 ? -4.05678  -6.20364  -13.48096 1.000 109.27147 ? 50  ASP B CA  1 
ATOM   840  C  C   . ASP B 2 50 ? -4.20068  -7.64133  -12.99899 1.000 112.77164 ? 50  ASP B C   1 
ATOM   841  O  O   . ASP B 2 50 ? -4.09185  -7.90987  -11.79912 1.000 112.79955 ? 50  ASP B O   1 
ATOM   842  C  CB  . ASP B 2 50 ? -2.78888  -5.55029  -12.93195 1.000 112.25846 ? 50  ASP B CB  1 
ATOM   843  C  CG  . ASP B 2 50 ? -1.52956  -6.33727  -13.24084 1.000 115.55549 ? 50  ASP B CG  1 
ATOM   844  O  OD1 . ASP B 2 50 ? -1.60348  -7.42091  -13.85976 1.000 118.44854 ? 50  ASP B OD1 1 
ATOM   845  O  OD2 . ASP B 2 50 ? -0.44424  -5.85981  -12.85198 1.000 114.55890 ? 50  ASP B OD2 1 
ATOM   846  N  N   . THR B 2 51 ? -4.44698  -8.56659  -13.93271 1.000 117.06784 ? 51  THR B N   1 
ATOM   847  C  CA  . THR B 2 51 ? -4.57313  -9.98945  -13.63433 1.000 114.68069 ? 51  THR B CA  1 
ATOM   848  C  C   . THR B 2 51 ? -3.27853  -10.76145 -13.85273 1.000 114.84791 ? 51  THR B C   1 
ATOM   849  O  O   . THR B 2 51 ? -3.19839  -11.93646 -13.47057 1.000 116.21328 ? 51  THR B O   1 
ATOM   850  C  CB  . THR B 2 51 ? -5.68504  -10.60329 -14.48907 1.000 111.15435 ? 51  THR B CB  1 
ATOM   851  O  OG1 . THR B 2 51 ? -5.26856  -10.64644 -15.85825 1.000 110.45654 ? 51  THR B OG1 1 
ATOM   852  C  CG2 . THR B 2 51 ? -6.92503  -9.75589  -14.38523 1.000 107.12867 ? 51  THR B CG2 1 
ATOM   853  N  N   . ASP B 2 52 ? -2.27544  -10.07193 -14.41287 1.000 116.30936 ? 52  ASP B N   1 
ATOM   854  C  CA  . ASP B 2 52 ? -0.94129  -10.68853 -14.61925 1.000 114.54257 ? 52  ASP B CA  1 
ATOM   855  C  C   . ASP B 2 52 ? -0.39860  -11.09149 -13.26196 1.000 117.44611 ? 52  ASP B C   1 
ATOM   856  O  O   . ASP B 2 52 ? -0.03061  -10.20084 -12.48247 1.000 119.85981 ? 52  ASP B O   1 
ATOM   857  C  CB  . ASP B 2 52 ? 0.04706   -9.74601  -15.30042 1.000 113.83179 ? 52  ASP B CB  1 
ATOM   858  C  CG  . ASP B 2 52 ? 1.45621   -10.30995 -15.38656 1.000 120.52275 ? 52  ASP B CG  1 
ATOM   859  O  OD1 . ASP B 2 52 ? 1.63375   -11.50455 -15.08302 1.000 125.10891 ? 52  ASP B OD1 1 
ATOM   860  O  OD2 . ASP B 2 52 ? 2.36472   -9.55147  -15.76560 1.000 117.87453 ? 52  ASP B OD2 1 
ATOM   861  N  N   . ASP B 2 53 ? -0.31765  -12.38948 -13.02399 1.000 116.31666 ? 53  ASP B N   1 
ATOM   862  C  CA  . ASP B 2 53 ? 0.10154   -12.86489 -11.70818 1.000 116.58508 ? 53  ASP B CA  1 
ATOM   863  C  C   . ASP B 2 53 ? 1.51687   -12.43893 -11.31437 1.000 118.79068 ? 53  ASP B C   1 
ATOM   864  O  O   . ASP B 2 53 ? 1.86894   -12.57647 -10.13616 1.000 119.17027 ? 53  ASP B O   1 
ATOM   865  C  CB  . ASP B 2 53 ? -0.00146  -14.39048 -11.64172 1.000 119.32212 ? 53  ASP B CB  1 
ATOM   866  C  CG  . ASP B 2 53 ? -1.16712  -14.87086 -10.77470 1.000 125.36767 ? 53  ASP B CG  1 
ATOM   867  O  OD1 . ASP B 2 53 ? -1.96214  -14.02117 -10.29766 1.000 125.36509 ? 53  ASP B OD1 1 
ATOM   868  O  OD2 . ASP B 2 53 ? -1.28497  -16.10472 -10.56636 1.000 120.93104 ? 53  ASP B OD2 1 
ATOM   869  N  N   . ALA B 2 54 ? 2.32975   -11.91880 -12.24595 1.000 118.58918 ? 54  ALA B N   1 
ATOM   870  C  CA  . ALA B 2 54 ? 3.73604   -11.62749 -11.96292 1.000 117.65995 ? 54  ALA B CA  1 
ATOM   871  C  C   . ALA B 2 54 ? 3.94557   -10.31622 -11.23143 1.000 118.66133 ? 54  ALA B C   1 
ATOM   872  O  O   . ALA B 2 54 ? 5.06059   -10.05867 -10.75763 1.000 117.58899 ? 54  ALA B O   1 
ATOM   873  C  CB  . ALA B 2 54 ? 4.55063   -11.58501 -13.25160 1.000 117.49416 ? 54  ALA B CB  1 
ATOM   874  N  N   . HIS B 2 55 ? 2.91240   -9.48540  -11.15550 1.000 118.76438 ? 55  HIS B N   1 
ATOM   875  C  CA  . HIS B 2 55 ? 2.98780   -8.18123  -10.52455 1.000 117.09421 ? 55  HIS B CA  1 
ATOM   876  C  C   . HIS B 2 55 ? 2.51083   -8.19905  -9.09029  1.000 114.57833 ? 55  HIS B C   1 
ATOM   877  O  O   . HIS B 2 55 ? 2.60503   -7.17679  -8.40244  1.000 110.01790 ? 55  HIS B O   1 
ATOM   878  C  CB  . HIS B 2 55 ? 2.15491   -7.18169  -11.31982 1.000 117.02041 ? 55  HIS B CB  1 
ATOM   879  C  CG  . HIS B 2 55 ? 2.61160   -7.03092  -12.73423 1.000 120.36439 ? 55  HIS B CG  1 
ATOM   880  N  ND1 . HIS B 2 55 ? 1.73770   -6.94377  -13.79671 1.000 122.64665 ? 55  HIS B ND1 1 
ATOM   881  C  CD2 . HIS B 2 55 ? 3.85683   -6.95963  -13.26333 1.000 121.67160 ? 55  HIS B CD2 1 
ATOM   882  C  CE1 . HIS B 2 55 ? 2.42419   -6.81989  -14.91961 1.000 121.97819 ? 55  HIS B CE1 1 
ATOM   883  N  NE2 . HIS B 2 55 ? 3.71172   -6.82640  -14.62292 1.000 123.59396 ? 55  HIS B NE2 1 
ATOM   884  N  N   . TRP B 2 56 ? 1.99876   -9.33188  -8.63920  1.000 113.00532 ? 56  TRP B N   1 
ATOM   885  C  CA  . TRP B 2 56 ? 1.44886   -9.47876  -7.30275  1.000 111.58010 ? 56  TRP B CA  1 
ATOM   886  C  C   . TRP B 2 56 ? 2.49416   -10.17430 -6.44251  1.000 111.73342 ? 56  TRP B C   1 
ATOM   887  O  O   . TRP B 2 56 ? 2.51188   -11.40152 -6.33171  1.000 113.62324 ? 56  TRP B O   1 
ATOM   888  C  CB  . TRP B 2 56 ? 0.14895   -10.25460 -7.36858  1.000 114.46062 ? 56  TRP B CB  1 
ATOM   889  C  CG  . TRP B 2 56 ? -0.89145  -9.53048  -8.13470  1.000 116.73828 ? 56  TRP B CG  1 
ATOM   890  C  CD1 . TRP B 2 56 ? -1.35332  -9.82635  -9.39002  1.000 118.20681 ? 56  TRP B CD1 1 
ATOM   891  C  CD2 . TRP B 2 56 ? -1.60283  -8.36795  -7.70774  1.000 116.70406 ? 56  TRP B CD2 1 
ATOM   892  N  NE1 . TRP B 2 56 ? -2.32026  -8.92240  -9.76377  1.000 116.31393 ? 56  TRP B NE1 1 
ATOM   893  C  CE2 . TRP B 2 56 ? -2.49115  -8.01615  -8.74655  1.000 119.21188 ? 56  TRP B CE2 1 
ATOM   894  C  CE3 . TRP B 2 56 ? -1.57915  -7.58824  -6.54485  1.000 110.92675 ? 56  TRP B CE3 1 
ATOM   895  C  CZ2 . TRP B 2 56 ? -3.34996  -6.92181  -8.65230  1.000 114.67504 ? 56  TRP B CZ2 1 
ATOM   896  C  CZ3 . TRP B 2 56 ? -2.43162  -6.51302  -6.45101  1.000 108.40981 ? 56  TRP B CZ3 1 
ATOM   897  C  CH2 . TRP B 2 56 ? -3.30062  -6.18156  -7.50122  1.000 110.81130 ? 56  TRP B CH2 1 
ATOM   898  N  N   . SER B 2 57 ? 3.38589   -9.37538  -5.85230  1.000 109.14584 ? 57  SER B N   1 
ATOM   899  C  CA  . SER B 2 57 ? 4.33211   -9.89426  -4.87737  1.000 108.14017 ? 57  SER B CA  1 
ATOM   900  C  C   . SER B 2 57 ? 3.61639   -10.23187 -3.58357  1.000 110.38434 ? 57  SER B C   1 
ATOM   901  O  O   . SER B 2 57 ? 2.80408   -9.45245  -3.07427  1.000 109.71601 ? 57  SER B O   1 
ATOM   902  C  CB  . SER B 2 57 ? 5.42381   -8.87681  -4.58063  1.000 105.71418 ? 57  SER B CB  1 
ATOM   903  O  OG  . SER B 2 57 ? 5.82824   -8.21558  -5.75695  1.000 112.24992 ? 57  SER B OG  1 
ATOM   904  N  N   . THR B 2 58 ? 3.92995   -11.39680 -3.03414  1.000 111.73685 ? 58  THR B N   1 
ATOM   905  C  CA  . THR B 2 58 ? 3.52862   -11.64100 -1.66790  1.000 112.45401 ? 58  THR B CA  1 
ATOM   906  C  C   . THR B 2 58 ? 4.19250   -10.60206 -0.76365  1.000 113.92479 ? 58  THR B C   1 
ATOM   907  O  O   . THR B 2 58 ? 5.00794   -9.78236  -1.19746  1.000 111.93808 ? 58  THR B O   1 
ATOM   908  C  CB  . THR B 2 58 ? 3.87122   -13.06926 -1.25627  1.000 109.58372 ? 58  THR B CB  1 
ATOM   909  O  OG1 . THR B 2 58 ? 3.04220   -13.44626 -0.15710  1.000 113.13710 ? 58  THR B OG1 1 
ATOM   910  C  CG2 . THR B 2 58 ? 5.28451   -13.16095 -0.81108  1.000 110.42100 ? 58  THR B CG2 1 
ATOM   911  N  N   . ILE B 2 59 ? 3.83724   -10.64033 0.51693   1.000 112.98020 ? 59  ILE B N   1 
ATOM   912  C  CA  . ILE B 2 59 ? 4.26160   -9.59451  1.44047   1.000 114.93049 ? 59  ILE B CA  1 
ATOM   913  C  C   . ILE B 2 59 ? 5.76269   -9.68954  1.73452   1.000 117.06122 ? 59  ILE B C   1 
ATOM   914  O  O   . ILE B 2 59 ? 6.50071   -8.70020  1.64168   1.000 114.26025 ? 59  ILE B O   1 
ATOM   915  C  CB  . ILE B 2 59 ? 3.41653   -9.68038  2.72057   1.000 115.87184 ? 59  ILE B CB  1 
ATOM   916  C  CG1 . ILE B 2 59 ? 4.02948   -8.81635  3.80555   1.000 112.87017 ? 59  ILE B CG1 1 
ATOM   917  C  CG2 . ILE B 2 59 ? 3.24633   -11.14036 3.14527   1.000 117.23745 ? 59  ILE B CG2 1 
ATOM   918  C  CD1 . ILE B 2 59 ? 4.11387   -7.37658  3.40468   1.000 107.37813 ? 59  ILE B CD1 1 
ATOM   919  N  N   . ASP B 2 60 ? 6.23244   -10.87426 2.11717   1.000 119.22427 ? 60  ASP B N   1 
ATOM   920  C  CA  . ASP B 2 60 ? 7.63841   -11.02510 2.48121   1.000 123.48513 ? 60  ASP B CA  1 
ATOM   921  C  C   . ASP B 2 60 ? 8.54113   -10.87466 1.26798   1.000 120.40893 ? 60  ASP B C   1 
ATOM   922  O  O   . ASP B 2 60 ? 9.60851   -10.25354 1.35719   1.000 119.49664 ? 60  ASP B O   1 
ATOM   923  C  CB  . ASP B 2 60 ? 7.84406   -12.37574 3.15380   1.000 132.18292 ? 60  ASP B CB  1 
ATOM   924  C  CG  . ASP B 2 60 ? 7.57858   -13.53233 2.20142   1.000 135.52723 ? 60  ASP B CG  1 
ATOM   925  O  OD1 . ASP B 2 60 ? 7.40722   -13.26333 0.98667   1.000 129.61211 ? 60  ASP B OD1 1 
ATOM   926  O  OD2 . ASP B 2 60 ? 7.51933   -14.69859 2.67063   1.000 144.92049 ? 60  ASP B OD2 1 
ATOM   927  N  N   . ASP B 2 61 ? 8.13991   -11.44846 0.13037   1.000 120.02886 ? 61  ASP B N   1 
ATOM   928  C  CA  . ASP B 2 61 ? 8.76511   -11.06531 -1.12766  1.000 115.84852 ? 61  ASP B CA  1 
ATOM   929  C  C   . ASP B 2 61 ? 8.81728   -9.54234  -1.22094  1.000 114.73411 ? 61  ASP B C   1 
ATOM   930  O  O   . ASP B 2 61 ? 9.89849   -8.94684  -1.27002  1.000 115.40912 ? 61  ASP B O   1 
ATOM   931  C  CB  . ASP B 2 61 ? 8.01088   -11.67090 -2.32356  1.000 115.24322 ? 61  ASP B CB  1 
ATOM   932  C  CG  . ASP B 2 61 ? 8.07111   -13.21556 -2.36990  1.000 116.38610 ? 61  ASP B CG  1 
ATOM   933  O  OD1 . ASP B 2 61 ? 8.88077   -13.83791 -1.64354  1.000 113.05896 ? 61  ASP B OD1 1 
ATOM   934  O  OD2 . ASP B 2 61 ? 7.27280   -13.81108 -3.13281  1.000 116.77403 ? 61  ASP B OD2 1 
ATOM   935  N  N   . PHE B 2 62 ? 7.64763   -8.89457  -1.16296  1.000 110.84600 ? 62  PHE B N   1 
ATOM   936  C  CA  . PHE B 2 62 ? 7.60607   -7.44019  -1.26388  1.000 110.18765 ? 62  PHE B CA  1 
ATOM   937  C  C   . PHE B 2 62 ? 8.51559   -6.77659  -0.24022  1.000 115.00275 ? 62  PHE B C   1 
ATOM   938  O  O   . PHE B 2 62 ? 9.23301   -5.82203  -0.56603  1.000 114.67286 ? 62  PHE B O   1 
ATOM   939  C  CB  . PHE B 2 62 ? 6.17709   -6.92129  -1.09524  1.000 106.38373 ? 62  PHE B CB  1 
ATOM   940  C  CG  . PHE B 2 62 ? 6.00693   -5.47403  -1.49382  1.000 103.66083 ? 62  PHE B CG  1 
ATOM   941  C  CD1 . PHE B 2 62 ? 6.25882   -4.45451  -0.59010  1.000 99.20268  ? 62  PHE B CD1 1 
ATOM   942  C  CD2 . PHE B 2 62 ? 5.60826   -5.13604  -2.77832  1.000 101.70594 ? 62  PHE B CD2 1 
ATOM   943  C  CE1 . PHE B 2 62 ? 6.11118   -3.13772  -0.95259  1.000 96.33708  ? 62  PHE B CE1 1 
ATOM   944  C  CE2 . PHE B 2 62 ? 5.45509   -3.80874  -3.15313  1.000 98.53606  ? 62  PHE B CE2 1 
ATOM   945  C  CZ  . PHE B 2 62 ? 5.70909   -2.80946  -2.24077  1.000 98.36538  ? 62  PHE B CZ  1 
ATOM   946  N  N   . ASP B 2 63 ? 8.50767   -7.25836  1.00365   1.000 115.91161 ? 63  ASP B N   1 
ATOM   947  C  CA  . ASP B 2 63 ? 9.28698   -6.57989  2.03111   1.000 114.89073 ? 63  ASP B CA  1 
ATOM   948  C  C   . ASP B 2 63 ? 10.77088  -6.64362  1.70789   1.000 118.95466 ? 63  ASP B C   1 
ATOM   949  O  O   . ASP B 2 63 ? 11.44635  -5.61129  1.63384   1.000 119.70713 ? 63  ASP B O   1 
ATOM   950  C  CB  . ASP B 2 63 ? 9.01670   -7.17604  3.41420   1.000 116.39875 ? 63  ASP B CB  1 
ATOM   951  C  CG  . ASP B 2 63 ? 9.64239   -6.34221  4.52912   1.000 115.63834 ? 63  ASP B CG  1 
ATOM   952  O  OD1 . ASP B 2 63 ? 9.82750   -5.12573  4.30218   1.000 111.78941 ? 63  ASP B OD1 1 
ATOM   953  O  OD2 . ASP B 2 63 ? 9.96074   -6.89028  5.61432   1.000 115.41603 ? 63  ASP B OD2 1 
ATOM   954  N  N   . LYS B 2 64 ? 11.29114  -7.85958  1.49813   1.000 118.22653 ? 64  LYS B N   1 
ATOM   955  C  CA  . LYS B 2 64 ? 12.71604  -8.03025  1.23145   1.000 118.65823 ? 64  LYS B CA  1 
ATOM   956  C  C   . LYS B 2 64 ? 13.15351  -7.13949  0.07982   1.000 120.19365 ? 64  LYS B C   1 
ATOM   957  O  O   . LYS B 2 64 ? 14.23715  -6.54674  0.11386   1.000 122.08323 ? 64  LYS B O   1 
ATOM   958  C  CB  . LYS B 2 64 ? 13.02079  -9.50205  0.93117   1.000 115.37516 ? 64  LYS B CB  1 
ATOM   959  C  CG  . LYS B 2 64 ? 12.76355  -10.46686 2.09778   1.000 116.26377 ? 64  LYS B CG  1 
ATOM   960  C  CD  . LYS B 2 64 ? 12.86906  -11.92162 1.65231   1.000 114.87818 ? 64  LYS B CD  1 
ATOM   961  C  CE  . LYS B 2 64 ? 12.86964  -12.89206 2.82656   1.000 117.89300 ? 64  LYS B CE  1 
ATOM   962  N  NZ  . LYS B 2 64 ? 13.13176  -14.30475 2.38043   1.000 123.21861 ? 64  LYS B NZ  1 
ATOM   963  N  N   . ARG B 2 65 ? 12.28676  -6.99478  -0.92047  1.000 117.22505 ? 65  ARG B N   1 
ATOM   964  C  CA  . ARG B 2 65 ? 12.60766  -6.19823  -2.09889  1.000 119.65016 ? 65  ARG B CA  1 
ATOM   965  C  C   . ARG B 2 65 ? 12.87450  -4.74109  -1.73230  1.000 120.64762 ? 65  ARG B C   1 
ATOM   966  O  O   . ARG B 2 65 ? 13.84413  -4.13485  -2.20270  1.000 122.96324 ? 65  ARG B O   1 
ATOM   967  C  CB  . ARG B 2 65 ? 11.45699  -6.31966  -3.09317  1.000 117.37606 ? 65  ARG B CB  1 
ATOM   968  C  CG  . ARG B 2 65 ? 11.65178  -5.60816  -4.40271  1.000 119.69498 ? 65  ARG B CG  1 
ATOM   969  C  CD  . ARG B 2 65 ? 10.43822  -5.86937  -5.27839  1.000 116.98639 ? 65  ARG B CD  1 
ATOM   970  N  NE  . ARG B 2 65 ? 10.08595  -7.28174  -5.26202  1.000 116.49995 ? 65  ARG B NE  1 
ATOM   971  C  CZ  . ARG B 2 65 ? 8.85498   -7.74268  -5.44300  1.000 118.87816 ? 65  ARG B CZ  1 
ATOM   972  N  NH1 . ARG B 2 65 ? 7.85707   -6.88933  -5.64200  1.000 115.17216 ? 65  ARG B NH1 1 
ATOM   973  N  NH2 . ARG B 2 65 ? 8.62350   -9.05299  -5.42011  1.000 120.68998 ? 65  ARG B NH2 1 
ATOM   974  N  N   . ILE B 2 66 ? 12.01733  -4.16179  -0.88641  1.000 121.99563 ? 66  ILE B N   1 
ATOM   975  C  CA  . ILE B 2 66 ? 12.18080  -2.76907  -0.47155  1.000 121.88175 ? 66  ILE B CA  1 
ATOM   976  C  C   . ILE B 2 66 ? 13.41823  -2.61567  0.39648   1.000 122.23389 ? 66  ILE B C   1 
ATOM   977  O  O   . ILE B 2 66 ? 14.08154  -1.56863  0.38001   1.000 119.32145 ? 66  ILE B O   1 
ATOM   978  C  CB  . ILE B 2 66 ? 10.92223  -2.27748  0.27689   1.000 119.74692 ? 66  ILE B CB  1 
ATOM   979  C  CG1 . ILE B 2 66 ? 9.70111   -2.22058  -0.64284  1.000 115.04340 ? 66  ILE B CG1 1 
ATOM   980  C  CG2 . ILE B 2 66 ? 11.15154  -0.88753  0.87080   1.000 116.33032 ? 66  ILE B CG2 1 
ATOM   981  C  CD1 . ILE B 2 66 ? 8.37937   -1.99896  0.10327   1.000 115.71849 ? 66  ILE B CD1 1 
ATOM   982  N  N   . ARG B 2 67 ? 13.73447  -3.63877  1.18955   1.000 123.34850 ? 67  ARG B N   1 
ATOM   983  C  CA  . ARG B 2 67 ? 14.91741  -3.58340  2.03378   1.000 124.89650 ? 67  ARG B CA  1 
ATOM   984  C  C   . ARG B 2 67 ? 16.17444  -3.51294  1.18352   1.000 125.87955 ? 67  ARG B C   1 
ATOM   985  O  O   . ARG B 2 67 ? 17.07274  -2.70217  1.44618   1.000 126.54063 ? 67  ARG B O   1 
ATOM   986  C  CB  . ARG B 2 67 ? 14.94402  -4.79789  2.96357   1.000 126.16555 ? 67  ARG B CB  1 
ATOM   987  C  CG  . ARG B 2 67 ? 13.76376  -4.86625  3.94166   1.000 126.24271 ? 67  ARG B CG  1 
ATOM   988  C  CD  . ARG B 2 67 ? 13.90002  -3.85275  5.08392   1.000 125.79666 ? 67  ARG B CD  1 
ATOM   989  N  NE  . ARG B 2 67 ? 12.74683  -3.87480  5.98846   1.000 125.82112 ? 67  ARG B NE  1 
ATOM   990  C  CZ  . ARG B 2 67 ? 12.55024  -3.00702  6.98294   1.000 129.89230 ? 67  ARG B CZ  1 
ATOM   991  N  NH1 . ARG B 2 67 ? 13.43019  -2.02970  7.21836   1.000 129.71187 ? 67  ARG B NH1 1 
ATOM   992  N  NH2 . ARG B 2 67 ? 11.46552  -3.11012  7.74783   1.000 127.36783 ? 67  ARG B NH2 1 
ATOM   993  N  N   . ALA B 2 68 ? 16.24512  -4.35081  0.14533   1.000 124.97949 ? 68  ALA B N   1 
ATOM   994  C  CA  . ALA B 2 68 ? 17.32075  -4.26536  -0.83408  1.000 126.71983 ? 68  ALA B CA  1 
ATOM   995  C  C   . ALA B 2 68 ? 17.58618  -2.81709  -1.22659  1.000 128.59657 ? 68  ALA B C   1 
ATOM   996  O  O   . ALA B 2 68 ? 18.73445  -2.35830  -1.23347  1.000 132.56498 ? 68  ALA B O   1 
ATOM   997  C  CB  . ALA B 2 68 ? 16.96789  -5.10785  -2.06335  1.000 125.49247 ? 68  ALA B CB  1 
ATOM   998  N  N   . ARG B 2 69 ? 16.50396  -2.07194  -1.42800  1.000 127.03978 ? 69  ARG B N   1 
ATOM   999  C  CA  . ARG B 2 69 ? 16.65158  -0.64873  -1.80847  1.000 125.34983 ? 69  ARG B CA  1 
ATOM   1000 C  C   . ARG B 2 69 ? 17.00951  0.17308   -0.57056  1.000 129.54953 ? 69  ARG B C   1 
ATOM   1001 O  O   . ARG B 2 69 ? 16.48955  -0.14890  0.51423   1.000 132.13415 ? 69  ARG B O   1 
ATOM   1002 C  CB  . ARG B 2 69 ? 15.35249  -0.13969  -2.43819  1.000 123.60519 ? 69  ARG B CB  1 
ATOM   1003 C  CG  . ARG B 2 69 ? 15.27734  -0.31549  -3.94723  1.000 122.95294 ? 69  ARG B CG  1 
ATOM   1004 C  CD  . ARG B 2 69 ? 14.86791  0.96673   -4.64425  1.000 124.00934 ? 69  ARG B CD  1 
ATOM   1005 N  NE  . ARG B 2 69 ? 13.58536  0.84711   -5.32316  1.000 119.46845 ? 69  ARG B NE  1 
ATOM   1006 C  CZ  . ARG B 2 69 ? 12.89343  1.86953   -5.80928  1.000 119.59500 ? 69  ARG B CZ  1 
ATOM   1007 N  NH1 . ARG B 2 69 ? 13.35659  3.10049   -5.68707  1.000 118.07552 ? 69  ARG B NH1 1 
ATOM   1008 N  NH2 . ARG B 2 69 ? 11.73790  1.65821   -6.41151  1.000 125.18331 ? 69  ARG B NH2 1 
ATOM   1009 N  N   . LEU B 2 70 ? 17.86480  1.18276   -0.73132  1.000 129.06060 ? 70  LEU B N   1 
ATOM   1010 C  CA  . LEU B 2 70 ? 18.22206  2.10287   0.38443   1.000 128.61375 ? 70  LEU B CA  1 
ATOM   1011 C  C   . LEU B 2 70 ? 18.39773  1.34009   1.69883   1.000 130.69384 ? 70  LEU B C   1 
ATOM   1012 O  O   . LEU B 2 70 ? 18.17291  1.95013   2.75655   1.000 133.42494 ? 70  LEU B O   1 
ATOM   1013 C  CB  . LEU B 2 70 ? 17.11478  3.14930   0.51472   1.000 128.91964 ? 70  LEU B CB  1 
ATOM   1014 C  CG  . LEU B 2 70 ? 16.96321  4.08830   -0.68024  1.000 129.40188 ? 70  LEU B CG  1 
ATOM   1015 C  CD1 . LEU B 2 70 ? 15.74874  4.98765   -0.51206  1.000 126.53627 ? 70  LEU B CD1 1 
ATOM   1016 C  CD2 . LEU B 2 70 ? 18.22039  4.92059   -0.87624  1.000 132.35151 ? 70  LEU B CD2 1 
ATOM   1017 N  N   . GLY B 2 71 ? 18.80408  0.07228   1.63002   1.000 129.43745 ? 71  GLY B N   1 
ATOM   1018 C  CA  . GLY B 2 71 ? 19.01203  -0.72753  2.84847   1.000 132.09968 ? 71  GLY B CA  1 
ATOM   1019 C  C   . GLY B 2 71 ? 20.23923  -1.60771  2.73669   1.000 134.34907 ? 71  GLY B C   1 
ATOM   1020 O  O   . GLY B 2 71 ? 21.01607  -1.66219  3.68728   1.000 135.79881 ? 71  GLY B O   1 
ATOM   1021 O  OXT . GLY B 2 71 ? 20.39432  -2.23190  1.68056   1.000 133.01955 ? 71  GLY B OXT 1 
HETATM 1022 CL CL  . CL  C 3 .  ? -12.72747 -8.74148  13.93693  0.366 114.63043 ? 201 CL  A CL  1 
HETATM 1023 CL CL  . CL  D 3 .  ? -11.30611 0.98132   13.59558  0.373 117.04011 ? 202 CL  A CL  1 
# 
